data_3NL5
#
_entry.id   3NL5
#
_cell.length_a   161.327
_cell.length_b   153.926
_cell.length_c   108.581
_cell.angle_alpha   90.000
_cell.angle_beta   117.600
_cell.angle_gamma   90.000
#
_symmetry.space_group_name_H-M   'C 1 2 1'
#
loop_
_entity.id
_entity.type
_entity.pdbx_description
1 polymer 'Thiamine biosynthetic bifunctional enzyme'
2 non-polymer 'MAGNESIUM ION'
3 non-polymer 'PHOSPHOMETHYLPHOSPHONIC ACID ADENYLATE ESTER'
4 non-polymer 2-(4-METHYL-THIAZOL-5-YL)-ETHANOL
#
_entity_poly.entity_id   1
_entity_poly.type   'polypeptide(L)'
_entity_poly.pdbx_seq_one_letter_code
;MKFSKEQFDYSLYLVTDSGMIPEGKTLYGQVEAGLQNGVTLVQIREKDADTKFFIEEALQIKELCHAHNVPLIINDRIDV
AMAIGADGIHVGQDDMPIPMIRKLVGPDMVIGWSVGFPEEVDELSKMGPDMVDYIGVGTLFPTLTKKNPKKAPMGTAGAI
RVLDALERNNAHWCRTVGIGGLHPDNIERVLYQCVSSNGKRSLDGICVVSDIIASLDAAKSTKILRGLIDKTDYKFVNIG
LSTKNSLTTTDEIQSIISNTLKARPLVQHITNKVHQNFGANVTLALGSSPIMSEIQSEVNDLAAIPHATLLLNTGSVAPP
EMLKAAIRAYNDVKRPIVFDPVGYSATETRLLLNNKLLTFGQFSCIKGNSSEILGLAELNKERMKGVDASSGISNELLIQ
ATKIVAFKYKTVAVCTGEFDFIADGTIEGKYSLSKGTNGTSVEDIPCVAVEAGPIEIMGDITASGCSLGSTIACMIGGQP
SEGNLFHAVVAGVMLYKAAGKIASEKCNGSGSFQVELIDALYRLTRENTPVTWAPKLTHT
;
_entity_poly.pdbx_strand_id   A,B,C
#
# COMPACT_ATOMS: atom_id res chain seq x y z
N LYS A 2 43.56 11.99 43.55
CA LYS A 2 43.41 10.54 43.71
C LYS A 2 42.03 10.17 44.27
N PHE A 3 41.24 9.46 43.46
CA PHE A 3 39.86 9.08 43.81
C PHE A 3 39.70 7.62 44.20
N SER A 4 38.78 7.36 45.13
CA SER A 4 38.39 5.99 45.45
C SER A 4 37.23 5.54 44.57
N LYS A 5 37.15 4.24 44.30
CA LYS A 5 36.08 3.67 43.50
C LYS A 5 34.71 4.17 43.97
N GLU A 6 34.49 4.17 45.28
CA GLU A 6 33.19 4.53 45.84
C GLU A 6 32.82 6.00 45.60
N GLN A 7 33.78 6.81 45.20
CA GLN A 7 33.53 8.25 45.09
C GLN A 7 33.04 8.70 43.71
N PHE A 8 33.11 7.81 42.74
CA PHE A 8 32.73 8.15 41.37
C PHE A 8 31.24 8.30 41.29
N ASP A 9 30.78 9.39 40.68
CA ASP A 9 29.35 9.65 40.54
C ASP A 9 28.97 9.76 39.06
N TYR A 10 28.41 8.68 38.53
CA TYR A 10 28.14 8.59 37.09
C TYR A 10 26.88 9.33 36.66
N SER A 11 26.39 10.23 37.49
CA SER A 11 25.18 10.99 37.18
C SER A 11 25.08 11.28 35.69
N LEU A 12 25.88 12.24 35.26
CA LEU A 12 25.97 12.66 33.87
C LEU A 12 27.41 12.50 33.45
N TYR A 13 27.64 11.57 32.53
CA TYR A 13 28.98 11.09 32.21
C TYR A 13 29.32 11.52 30.80
N LEU A 14 30.18 12.52 30.70
CA LEU A 14 30.48 13.11 29.39
C LEU A 14 31.61 12.38 28.66
N VAL A 15 31.30 11.71 27.56
CA VAL A 15 32.31 11.10 26.70
C VAL A 15 32.61 12.05 25.55
N THR A 16 33.89 12.39 25.35
CA THR A 16 34.29 13.37 24.34
C THR A 16 34.62 12.73 23.00
N ASP A 17 34.31 13.45 21.93
CA ASP A 17 34.78 13.11 20.60
C ASP A 17 35.11 14.44 19.94
N SER A 18 36.39 14.82 20.01
CA SER A 18 36.81 16.15 19.61
C SER A 18 36.43 16.46 18.18
N GLY A 19 36.47 15.43 17.34
CA GLY A 19 36.08 15.57 15.95
C GLY A 19 34.60 15.81 15.77
N MET A 20 34.13 16.92 16.34
CA MET A 20 32.73 17.35 16.24
C MET A 20 32.51 18.50 17.21
N ILE A 21 33.51 19.38 17.28
CA ILE A 21 33.37 20.59 18.07
C ILE A 21 32.85 21.71 17.19
N PRO A 22 31.92 22.51 17.73
CA PRO A 22 31.35 23.65 17.01
C PRO A 22 32.36 24.79 16.92
N GLU A 23 32.36 25.46 15.78
CA GLU A 23 33.34 26.50 15.48
C GLU A 23 33.42 27.61 16.52
N GLY A 24 34.60 28.19 16.66
CA GLY A 24 34.81 29.23 17.65
C GLY A 24 34.49 28.71 19.04
N LYS A 25 35.07 27.56 19.35
CA LYS A 25 34.82 26.85 20.60
C LYS A 25 35.82 25.71 20.77
N THR A 26 36.36 25.59 21.98
CA THR A 26 37.35 24.56 22.29
C THR A 26 36.73 23.25 22.75
N LEU A 27 37.58 22.32 23.16
CA LEU A 27 37.11 21.14 23.87
C LEU A 27 37.08 21.49 25.32
N TYR A 28 38.14 22.13 25.78
CA TYR A 28 38.24 22.64 27.13
C TYR A 28 37.00 23.48 27.45
N GLY A 29 36.47 24.18 26.45
CA GLY A 29 35.35 25.09 26.64
C GLY A 29 34.00 24.42 26.83
N GLN A 30 33.73 23.38 26.04
CA GLN A 30 32.54 22.57 26.19
C GLN A 30 32.60 21.86 27.52
N VAL A 31 33.66 21.08 27.70
CA VAL A 31 33.83 20.33 28.93
C VAL A 31 33.76 21.22 30.17
N GLU A 32 34.25 22.44 30.07
CA GLU A 32 34.22 23.37 31.19
C GLU A 32 32.77 23.67 31.60
N ALA A 33 31.95 24.00 30.59
CA ALA A 33 30.54 24.26 30.79
C ALA A 33 29.88 23.07 31.48
N GLY A 34 30.04 21.89 30.88
CA GLY A 34 29.41 20.68 31.39
C GLY A 34 29.88 20.22 32.76
N LEU A 35 30.89 20.92 33.29
CA LEU A 35 31.42 20.65 34.63
C LEU A 35 30.82 21.63 35.64
N GLN A 36 30.35 22.77 35.14
CA GLN A 36 29.56 23.66 35.98
C GLN A 36 28.13 23.13 36.05
N ASN A 37 27.94 21.88 35.63
CA ASN A 37 26.63 21.20 35.62
C ASN A 37 26.63 19.64 35.71
N GLY A 38 27.66 18.94 35.24
CA GLY A 38 27.71 17.48 35.35
C GLY A 38 29.00 16.78 35.00
N LEU A 41 30.96 13.14 36.17
CA LEU A 41 32.12 12.43 35.59
C LEU A 41 32.43 12.73 34.10
N VAL A 42 33.68 12.47 33.68
CA VAL A 42 34.22 12.74 32.32
C VAL A 42 35.27 11.72 31.78
N GLN A 43 35.09 11.29 30.53
CA GLN A 43 36.00 10.36 29.85
C GLN A 43 36.44 10.90 28.50
N ILE A 44 37.67 10.58 28.12
CA ILE A 44 38.27 11.14 26.93
C ILE A 44 38.57 10.10 25.88
N ARG A 45 38.07 10.34 24.67
CA ARG A 45 38.10 9.36 23.59
C ARG A 45 38.76 9.95 22.37
N GLU A 46 39.99 9.52 22.10
CA GLU A 46 40.73 9.96 20.92
C GLU A 46 41.26 8.78 20.15
N LYS A 47 40.44 8.23 19.26
CA LYS A 47 40.78 7.00 18.57
C LYS A 47 41.50 7.25 17.24
N ASP A 48 42.12 8.42 17.10
CA ASP A 48 42.72 8.81 15.82
C ASP A 48 44.02 9.65 15.88
N ALA A 49 44.13 10.53 16.89
CA ALA A 49 45.22 11.51 16.95
C ALA A 49 46.61 10.95 17.20
N ASP A 50 47.58 11.85 17.33
CA ASP A 50 48.94 11.50 17.75
C ASP A 50 48.88 11.16 19.23
N THR A 51 49.45 10.04 19.62
CA THR A 51 49.41 9.66 21.02
C THR A 51 50.16 10.66 21.87
N LYS A 52 50.68 11.71 21.25
CA LYS A 52 51.34 12.79 21.98
C LYS A 52 50.40 13.97 22.17
N PHE A 53 49.72 14.40 21.11
CA PHE A 53 48.73 15.47 21.26
C PHE A 53 47.68 15.00 22.25
N PHE A 54 47.41 13.71 22.19
CA PHE A 54 46.53 13.04 23.13
C PHE A 54 46.97 13.30 24.59
N ILE A 55 48.26 13.10 24.89
CA ILE A 55 48.76 13.27 26.25
C ILE A 55 48.73 14.71 26.74
N GLU A 56 48.98 15.66 25.83
CA GLU A 56 48.96 17.07 26.19
C GLU A 56 47.52 17.61 26.29
N GLU A 57 46.61 17.09 25.45
CA GLU A 57 45.20 17.43 25.56
C GLU A 57 44.61 16.70 26.75
N ALA A 58 45.14 15.52 27.04
CA ALA A 58 44.67 14.71 28.15
C ALA A 58 45.00 15.43 29.44
N LEU A 59 46.22 15.95 29.54
CA LEU A 59 46.64 16.63 30.76
C LEU A 59 45.87 17.92 30.98
N GLN A 60 45.88 18.79 29.96
CA GLN A 60 45.20 20.09 30.02
C GLN A 60 43.79 19.96 30.61
N ILE A 61 43.23 18.76 30.53
CA ILE A 61 41.85 18.48 30.99
C ILE A 61 41.75 17.85 32.40
N LYS A 62 42.66 16.94 32.74
CA LYS A 62 42.72 16.36 34.08
C LYS A 62 42.92 17.43 35.17
N GLU A 63 43.57 18.55 34.82
CA GLU A 63 43.66 19.68 35.74
C GLU A 63 42.29 20.36 35.87
N LEU A 64 41.67 20.67 34.73
CA LEU A 64 40.31 21.24 34.72
C LEU A 64 39.36 20.38 35.56
N CYS A 65 39.23 19.12 35.16
CA CYS A 65 38.37 18.18 35.90
C CYS A 65 38.61 18.26 37.39
N HIS A 66 39.87 18.11 37.78
CA HIS A 66 40.21 18.07 39.19
C HIS A 66 39.86 19.36 39.93
N ALA A 67 39.74 20.45 39.17
CA ALA A 67 39.24 21.71 39.72
C ALA A 67 37.79 21.58 40.19
N HIS A 68 37.07 20.62 39.62
CA HIS A 68 35.66 20.42 39.93
C HIS A 68 35.43 19.10 40.70
N ASN A 69 36.51 18.55 41.23
CA ASN A 69 36.41 17.33 42.02
C ASN A 69 35.93 16.11 41.23
N VAL A 70 35.80 16.26 39.92
CA VAL A 70 35.41 15.14 39.07
C VAL A 70 36.60 14.50 38.39
N PRO A 71 36.61 13.16 38.33
CA PRO A 71 37.70 12.32 37.81
C PRO A 71 37.78 12.22 36.29
N LEU A 72 38.93 11.78 35.76
CA LEU A 72 39.09 11.62 34.32
C LEU A 72 39.31 10.16 33.91
N ILE A 73 38.80 9.80 32.74
CA ILE A 73 38.94 8.44 32.21
C ILE A 73 39.34 8.43 30.73
N ILE A 74 40.04 7.40 30.28
CA ILE A 74 40.57 7.39 28.92
C ILE A 74 40.22 6.13 28.18
N ASN A 75 40.11 6.23 26.86
CA ASN A 75 39.80 5.05 26.05
C ASN A 75 40.97 4.14 25.73
N ASP A 76 40.66 3.06 25.01
CA ASP A 76 41.63 2.11 24.48
C ASP A 76 43.02 2.24 25.14
N ARG A 77 43.69 3.37 24.90
CA ARG A 77 45.03 3.63 25.43
C ARG A 77 45.20 3.56 26.98
N ILE A 78 45.67 2.42 27.46
CA ILE A 78 46.02 2.21 28.85
C ILE A 78 47.33 2.88 29.25
N ASP A 79 48.30 2.86 28.35
CA ASP A 79 49.55 3.55 28.57
C ASP A 79 49.32 5.04 28.86
N VAL A 80 48.71 5.76 27.91
CA VAL A 80 48.40 7.18 28.07
C VAL A 80 47.80 7.40 29.44
N ALA A 81 46.93 6.48 29.83
CA ALA A 81 46.26 6.58 31.12
C ALA A 81 47.27 6.44 32.26
N MET A 82 47.94 5.28 32.32
CA MET A 82 48.99 5.09 33.32
C MET A 82 49.89 6.30 33.30
N ALA A 83 50.33 6.66 32.09
CA ALA A 83 51.17 7.83 31.87
C ALA A 83 50.76 9.04 32.68
N ILE A 84 49.55 9.54 32.47
CA ILE A 84 49.19 10.83 33.03
C ILE A 84 48.50 10.78 34.38
N GLY A 85 48.69 9.70 35.13
CA GLY A 85 48.05 9.55 36.42
C GLY A 85 46.55 9.73 36.26
N ALA A 86 45.97 8.93 35.38
CA ALA A 86 44.55 9.02 35.10
C ALA A 86 43.81 8.41 36.29
N ASP A 87 42.48 8.60 36.30
CA ASP A 87 41.65 8.16 37.41
C ASP A 87 40.98 6.85 37.07
N GLY A 88 40.84 6.61 35.77
CA GLY A 88 40.18 5.40 35.30
C GLY A 88 40.39 5.24 33.81
N ILE A 89 40.10 4.06 33.28
CA ILE A 89 40.31 3.80 31.86
C ILE A 89 39.25 2.86 31.35
N HIS A 90 38.55 3.27 30.30
CA HIS A 90 37.42 2.51 29.76
C HIS A 90 37.84 1.79 28.47
N VAL A 91 37.56 0.50 28.39
CA VAL A 91 37.91 -0.27 27.21
C VAL A 91 36.73 -1.03 26.60
N GLY A 92 36.88 -1.42 25.33
CA GLY A 92 35.85 -2.13 24.62
C GLY A 92 35.87 -3.62 24.94
N GLN A 93 35.16 -4.40 24.14
CA GLN A 93 35.22 -5.85 24.28
C GLN A 93 36.34 -6.34 23.39
N ASP A 94 36.64 -5.55 22.37
CA ASP A 94 37.69 -5.87 21.43
C ASP A 94 38.95 -5.06 21.71
N ASP A 95 38.98 -4.38 22.86
CA ASP A 95 40.22 -3.79 23.34
C ASP A 95 40.95 -4.83 24.20
N MET A 96 41.76 -4.40 25.15
CA MET A 96 42.65 -5.33 25.85
C MET A 96 41.99 -6.05 27.03
N PRO A 97 42.17 -7.40 27.12
CA PRO A 97 41.69 -8.23 28.23
C PRO A 97 41.80 -7.54 29.58
N ILE A 98 40.76 -7.68 30.39
CA ILE A 98 40.68 -6.94 31.65
C ILE A 98 41.79 -7.30 32.64
N PRO A 99 42.09 -8.59 32.81
CA PRO A 99 43.15 -8.96 33.78
C PRO A 99 44.53 -8.38 33.43
N MET A 100 44.94 -8.41 32.17
CA MET A 100 46.16 -7.75 31.75
C MET A 100 46.14 -6.28 32.12
N ILE A 101 44.96 -5.68 32.14
CA ILE A 101 44.83 -4.24 32.43
C ILE A 101 45.01 -3.99 33.91
N ARG A 102 44.46 -4.89 34.72
CA ARG A 102 44.59 -4.75 36.15
C ARG A 102 46.03 -5.13 36.55
N LYS A 103 46.61 -6.06 35.80
CA LYS A 103 47.99 -6.43 36.02
C LYS A 103 48.91 -5.25 35.72
N LEU A 104 48.41 -4.25 34.99
CA LEU A 104 49.19 -3.06 34.67
C LEU A 104 48.75 -1.86 35.52
N VAL A 105 47.46 -1.53 35.51
CA VAL A 105 47.04 -0.33 36.21
C VAL A 105 47.04 -0.56 37.71
N GLY A 106 47.05 -1.84 38.11
CA GLY A 106 47.01 -2.21 39.52
C GLY A 106 45.84 -1.56 40.24
N PRO A 107 45.28 -2.26 41.25
CA PRO A 107 43.98 -1.82 41.78
C PRO A 107 44.04 -0.36 42.21
N ASP A 108 42.88 0.25 42.45
CA ASP A 108 42.78 1.69 42.77
C ASP A 108 42.40 2.54 41.57
N MET A 109 42.36 1.93 40.40
CA MET A 109 42.00 2.67 39.20
C MET A 109 40.77 2.06 38.53
N VAL A 110 39.84 2.93 38.15
CA VAL A 110 38.55 2.49 37.67
C VAL A 110 38.66 1.90 36.28
N ILE A 111 38.05 0.73 36.09
CA ILE A 111 38.06 0.08 34.79
C ILE A 111 36.63 -0.06 34.26
N GLY A 112 36.28 0.72 33.24
CA GLY A 112 35.01 0.55 32.57
C GLY A 112 35.14 -0.52 31.52
N TRP A 113 34.02 -1.04 31.06
CA TRP A 113 33.99 -2.04 30.01
C TRP A 113 32.79 -1.72 29.15
N SER A 114 32.83 -2.10 27.87
CA SER A 114 31.61 -2.04 27.06
C SER A 114 30.85 -3.37 27.17
N VAL A 115 29.60 -3.33 27.62
CA VAL A 115 28.79 -4.56 27.70
C VAL A 115 27.42 -4.47 27.04
N GLY A 116 27.14 -5.35 26.10
CA GLY A 116 25.87 -5.35 25.39
C GLY A 116 25.04 -6.60 25.60
N PHE A 117 25.70 -7.75 25.62
CA PHE A 117 25.01 -9.01 25.89
C PHE A 117 25.31 -9.40 27.32
N PRO A 118 24.61 -10.41 27.85
CA PRO A 118 24.82 -10.79 29.24
C PRO A 118 25.79 -11.96 29.39
N GLU A 119 26.08 -12.71 28.32
CA GLU A 119 27.17 -13.68 28.38
C GLU A 119 28.43 -12.96 28.82
N GLU A 120 28.44 -11.65 28.64
CA GLU A 120 29.53 -10.81 29.09
C GLU A 120 29.45 -10.55 30.60
N VAL A 121 28.27 -10.24 31.13
CA VAL A 121 28.14 -10.01 32.56
C VAL A 121 28.47 -11.27 33.34
N ASP A 122 28.22 -12.43 32.73
CA ASP A 122 28.65 -13.71 33.30
C ASP A 122 30.18 -13.69 33.47
N GLU A 123 30.89 -13.37 32.38
CA GLU A 123 32.35 -13.26 32.43
C GLU A 123 32.78 -12.20 33.46
N LEU A 124 32.03 -11.10 33.50
CA LEU A 124 32.37 -9.93 34.29
C LEU A 124 32.51 -10.29 35.75
N SER A 125 31.65 -11.20 36.17
CA SER A 125 31.54 -11.56 37.58
C SER A 125 32.31 -12.83 37.93
N LYS A 126 32.56 -13.68 36.94
CA LYS A 126 33.53 -14.74 37.12
C LYS A 126 34.92 -14.14 37.31
N MET A 127 35.01 -12.82 37.50
CA MET A 127 36.29 -12.14 37.76
C MET A 127 36.27 -11.47 39.13
N GLY A 128 35.22 -11.74 39.91
CA GLY A 128 35.06 -11.07 41.19
C GLY A 128 35.04 -9.57 40.99
N PRO A 129 35.21 -8.82 42.11
CA PRO A 129 35.38 -7.37 42.15
C PRO A 129 36.82 -6.94 41.87
N ASP A 130 37.11 -5.65 42.07
CA ASP A 130 38.42 -5.06 41.75
C ASP A 130 38.87 -5.41 40.33
N MET A 131 37.89 -5.56 39.44
CA MET A 131 38.08 -5.82 38.02
C MET A 131 36.76 -5.53 37.35
N VAL A 132 36.73 -4.53 36.47
CA VAL A 132 35.46 -4.05 35.96
C VAL A 132 34.64 -3.46 37.10
N ASP A 133 34.80 -2.16 37.31
CA ASP A 133 34.16 -1.46 38.42
C ASP A 133 32.96 -0.66 37.94
N TYR A 134 32.70 -0.74 36.64
CA TYR A 134 31.55 -0.10 36.02
C TYR A 134 31.49 -0.49 34.56
N ILE A 135 30.29 -0.56 34.00
CA ILE A 135 30.14 -0.85 32.60
C ILE A 135 29.24 0.18 31.95
N GLY A 136 29.35 0.31 30.64
CA GLY A 136 28.45 1.16 29.89
C GLY A 136 27.67 0.18 29.06
N VAL A 137 26.35 0.30 29.09
CA VAL A 137 25.53 -0.77 28.56
C VAL A 137 25.16 -0.64 27.09
N GLY A 138 25.57 -1.64 26.33
CA GLY A 138 25.23 -1.86 24.93
C GLY A 138 25.41 -0.62 24.10
N THR A 139 24.70 -0.56 22.98
CA THR A 139 24.56 0.70 22.27
C THR A 139 23.07 0.85 22.06
N LEU A 140 22.41 1.36 23.09
CA LEU A 140 20.96 1.39 23.14
C LEU A 140 20.30 1.65 21.79
N PHE A 141 20.45 2.87 21.29
CA PHE A 141 19.96 3.24 19.97
C PHE A 141 21.12 3.69 19.07
N PRO A 142 21.02 3.48 17.75
CA PRO A 142 22.15 3.84 16.89
C PRO A 142 22.09 5.26 16.33
N MET A 154 18.97 -2.87 19.79
CA MET A 154 19.15 -3.41 21.15
C MET A 154 18.19 -2.79 22.14
N GLY A 155 18.21 -1.47 22.26
CA GLY A 155 17.24 -0.77 23.07
C GLY A 155 17.17 -1.20 24.52
N THR A 156 16.23 -0.58 25.24
CA THR A 156 16.02 -0.84 26.66
C THR A 156 15.91 -2.34 26.95
N ALA A 157 15.08 -3.02 26.16
CA ALA A 157 14.86 -4.46 26.28
C ALA A 157 16.12 -5.21 26.68
N GLY A 158 17.20 -5.00 25.93
CA GLY A 158 18.43 -5.75 26.14
C GLY A 158 19.32 -5.07 27.15
N ALA A 159 18.91 -3.88 27.57
CA ALA A 159 19.56 -3.20 28.66
C ALA A 159 19.07 -3.87 29.93
N ILE A 160 17.88 -4.46 29.82
CA ILE A 160 17.26 -5.06 30.97
C ILE A 160 17.74 -6.49 31.08
N ARG A 161 17.95 -7.15 29.95
CA ARG A 161 18.54 -8.47 29.96
C ARG A 161 19.88 -8.40 30.69
N VAL A 162 20.58 -7.27 30.53
CA VAL A 162 21.89 -7.08 31.13
C VAL A 162 21.83 -6.69 32.60
N LEU A 163 20.95 -5.74 32.96
CA LEU A 163 20.78 -5.32 34.35
C LEU A 163 20.25 -6.48 35.20
N ASP A 164 19.76 -7.53 34.54
CA ASP A 164 19.22 -8.66 35.26
C ASP A 164 20.27 -9.75 35.41
N ALA A 165 20.97 -10.04 34.32
CA ALA A 165 22.12 -10.94 34.37
C ALA A 165 23.05 -10.51 35.50
N LEU A 166 23.10 -9.20 35.76
CA LEU A 166 23.90 -8.67 36.84
C LEU A 166 23.41 -9.16 38.18
N GLU A 167 22.10 -9.08 38.39
CA GLU A 167 21.54 -9.43 39.68
C GLU A 167 21.58 -10.94 39.95
N ARG A 168 21.36 -11.75 38.92
CA ARG A 168 21.49 -13.20 39.04
C ARG A 168 22.93 -13.61 39.38
N ASN A 169 23.87 -12.70 39.13
CA ASN A 169 25.28 -12.96 39.39
C ASN A 169 25.80 -12.28 40.66
N ASN A 170 24.89 -11.63 41.37
CA ASN A 170 25.21 -10.78 42.51
C ASN A 170 26.52 -10.05 42.35
N ALA A 171 26.58 -9.21 41.33
CA ALA A 171 27.71 -8.33 41.10
C ALA A 171 27.32 -6.95 41.60
N HIS A 172 27.46 -6.76 42.89
CA HIS A 172 27.08 -5.53 43.57
C HIS A 172 28.10 -4.41 43.37
N TRP A 173 29.35 -4.77 43.04
CA TRP A 173 30.45 -3.81 42.95
C TRP A 173 30.40 -2.99 41.68
N CYS A 174 29.97 -3.67 40.63
CA CYS A 174 29.92 -3.16 39.27
C CYS A 174 28.76 -2.19 39.07
N ARG A 175 29.03 -0.93 38.77
CA ARG A 175 27.96 0.03 38.51
C ARG A 175 27.64 0.06 37.02
N THR A 176 26.67 0.87 36.60
CA THR A 176 26.33 0.91 35.17
C THR A 176 25.97 2.31 34.68
N VAL A 177 26.31 2.60 33.43
CA VAL A 177 25.81 3.79 32.75
C VAL A 177 25.31 3.39 31.37
N GLY A 178 24.22 4.02 30.93
CA GLY A 178 23.65 3.70 29.63
C GLY A 178 24.34 4.54 28.58
N ILE A 179 24.52 3.98 27.38
CA ILE A 179 25.26 4.72 26.36
C ILE A 179 24.90 4.44 24.91
N GLY A 180 24.84 5.50 24.12
CA GLY A 180 24.64 5.34 22.70
C GLY A 180 23.25 5.68 22.26
N GLY A 181 23.04 6.93 21.89
CA GLY A 181 21.78 7.37 21.33
C GLY A 181 21.19 8.43 22.22
N LEU A 182 21.65 8.43 23.46
CA LEU A 182 20.97 9.17 24.53
C LEU A 182 20.87 10.68 24.29
N HIS A 183 19.63 11.17 24.31
CA HIS A 183 19.34 12.59 24.09
C HIS A 183 18.20 13.02 25.01
N PRO A 184 17.72 14.26 24.90
CA PRO A 184 16.66 14.68 25.82
C PRO A 184 15.30 14.12 25.40
N ASP A 185 15.15 13.91 24.10
CA ASP A 185 13.94 13.35 23.56
C ASP A 185 13.95 11.83 23.69
N ASN A 186 14.45 11.31 24.82
CA ASN A 186 14.45 9.87 25.06
C ASN A 186 15.20 9.43 26.31
N ILE A 187 15.72 10.38 27.07
CA ILE A 187 16.49 10.01 28.25
C ILE A 187 15.57 9.54 29.38
N GLU A 188 14.45 10.25 29.59
CA GLU A 188 13.60 9.92 30.73
C GLU A 188 12.99 8.55 30.55
N ARG A 189 12.81 8.15 29.30
CA ARG A 189 12.29 6.83 29.01
C ARG A 189 13.31 5.77 29.34
N VAL A 190 14.55 6.04 28.97
CA VAL A 190 15.62 5.07 29.11
C VAL A 190 15.99 4.97 30.57
N LEU A 191 15.87 6.09 31.27
CA LEU A 191 16.15 6.13 32.70
C LEU A 191 15.06 5.36 33.42
N TYR A 192 13.88 5.40 32.83
CA TYR A 192 12.64 4.93 33.44
C TYR A 192 12.36 3.45 33.22
N GLN A 193 12.50 3.00 31.98
CA GLN A 193 12.26 1.60 31.66
C GLN A 193 13.51 0.70 31.70
N CYS A 194 14.66 1.28 32.02
CA CYS A 194 15.90 0.51 32.17
C CYS A 194 16.17 0.17 33.62
N VAL A 195 15.26 -0.58 34.25
CA VAL A 195 15.44 -1.01 35.64
C VAL A 195 15.45 -2.53 35.71
N SER A 196 16.10 -3.06 36.73
CA SER A 196 16.29 -4.50 36.85
C SER A 196 14.94 -5.22 36.89
N SER A 197 14.92 -6.52 36.69
CA SER A 197 13.65 -7.25 36.70
C SER A 197 13.10 -7.32 38.09
N ASN A 198 13.96 -7.15 39.09
CA ASN A 198 13.50 -7.19 40.47
C ASN A 198 13.41 -5.81 41.12
N GLY A 199 13.08 -4.80 40.33
CA GLY A 199 12.94 -3.45 40.84
C GLY A 199 14.12 -2.94 41.67
N LYS A 200 15.16 -3.73 41.83
CA LYS A 200 16.21 -3.35 42.78
C LYS A 200 17.28 -2.41 42.24
N ARG A 201 17.64 -2.57 40.97
CA ARG A 201 18.74 -1.84 40.37
C ARG A 201 18.34 -1.10 39.11
N SER A 202 18.72 0.16 39.00
CA SER A 202 18.53 0.88 37.74
C SER A 202 19.86 1.42 37.20
N LEU A 203 19.81 2.25 36.17
CA LEU A 203 21.04 2.81 35.62
C LEU A 203 21.65 3.84 36.57
N ASP A 204 22.99 3.81 36.72
CA ASP A 204 23.69 4.70 37.64
C ASP A 204 23.97 6.05 37.02
N GLY A 205 23.92 6.11 35.70
CA GLY A 205 24.16 7.36 35.02
C GLY A 205 23.99 7.27 33.53
N ILE A 206 24.12 8.43 32.91
CA ILE A 206 23.93 8.56 31.49
C ILE A 206 25.15 9.16 30.81
N CYS A 207 25.53 8.59 29.67
CA CYS A 207 26.53 9.20 28.80
C CYS A 207 25.92 10.02 27.69
N VAL A 208 26.34 11.28 27.61
CA VAL A 208 26.03 12.12 26.48
C VAL A 208 27.32 12.49 25.76
N VAL A 209 27.28 12.50 24.44
CA VAL A 209 28.42 12.94 23.64
C VAL A 209 28.00 14.08 22.71
N SER A 210 27.30 13.71 21.65
CA SER A 210 26.96 14.65 20.61
C SER A 210 25.90 15.62 21.10
N ASP A 211 25.82 15.81 22.41
CA ASP A 211 24.69 16.54 22.93
C ASP A 211 25.14 17.70 23.77
N ILE A 212 26.25 17.50 24.47
CA ILE A 212 26.91 18.61 25.12
C ILE A 212 28.02 19.06 24.21
N ILE A 213 28.87 18.11 23.81
CA ILE A 213 30.02 18.44 22.99
C ILE A 213 29.63 19.28 21.78
N ALA A 214 28.64 18.82 21.04
CA ALA A 214 28.32 19.47 19.77
C ALA A 214 27.41 20.67 19.92
N SER A 215 27.29 21.21 21.13
CA SER A 215 26.32 22.27 21.35
C SER A 215 26.90 23.65 21.21
N LEU A 216 26.10 24.55 20.64
CA LEU A 216 26.48 25.95 20.49
C LEU A 216 26.40 26.64 21.85
N ASP A 217 25.64 26.02 22.75
CA ASP A 217 25.56 26.45 24.14
C ASP A 217 25.55 25.22 25.04
N ALA A 218 26.74 24.71 25.38
CA ALA A 218 26.83 23.51 26.21
C ALA A 218 26.52 23.81 27.66
N ALA A 219 26.60 25.07 28.02
CA ALA A 219 26.24 25.51 29.35
C ALA A 219 24.81 25.08 29.60
N LYS A 220 23.94 25.42 28.66
CA LYS A 220 22.50 25.19 28.73
C LYS A 220 22.12 23.74 28.44
N SER A 221 22.73 23.15 27.42
CA SER A 221 22.44 21.76 27.08
C SER A 221 22.73 20.84 28.27
N THR A 222 23.74 21.18 29.06
CA THR A 222 24.05 20.41 30.25
C THR A 222 23.00 20.62 31.35
N LYS A 223 22.56 21.87 31.53
CA LYS A 223 21.49 22.16 32.47
C LYS A 223 20.30 21.23 32.21
N ILE A 224 19.77 21.27 30.99
CA ILE A 224 18.66 20.40 30.59
C ILE A 224 18.90 18.94 30.95
N LEU A 225 20.09 18.42 30.66
CA LEU A 225 20.37 17.01 30.89
C LEU A 225 20.47 16.69 32.37
N ARG A 226 20.46 17.71 33.21
CA ARG A 226 20.28 17.46 34.63
C ARG A 226 18.81 17.50 35.04
N GLY A 227 18.05 18.46 34.49
CA GLY A 227 16.63 18.56 34.77
C GLY A 227 15.93 17.23 34.56
N LEU A 228 16.43 16.46 33.59
CA LEU A 228 15.93 15.13 33.31
C LEU A 228 16.57 14.13 34.24
N ILE A 229 17.87 13.97 34.10
CA ILE A 229 18.60 12.98 34.87
C ILE A 229 18.21 12.83 36.35
N ASP A 230 18.01 13.93 37.08
CA ASP A 230 17.74 13.80 38.53
C ASP A 230 16.34 14.27 39.00
N LYS A 231 15.43 14.33 38.03
CA LYS A 231 14.01 14.35 38.28
C LYS A 231 13.65 12.90 38.57
N THR A 232 12.37 12.58 38.62
CA THR A 232 12.03 11.26 39.11
C THR A 232 10.53 10.93 38.87
N ASP A 233 10.09 11.16 37.64
CA ASP A 233 8.70 11.46 37.35
C ASP A 233 8.55 11.57 35.84
N TYR A 234 8.30 10.46 35.16
CA TYR A 234 8.12 10.46 33.70
C TYR A 234 6.67 10.51 33.26
N LYS A 235 6.00 11.64 33.40
CA LYS A 235 4.59 11.75 33.01
C LYS A 235 4.42 11.58 31.50
N PHE A 236 4.35 10.33 31.03
CA PHE A 236 4.37 10.06 29.59
C PHE A 236 3.00 10.14 28.92
N VAL A 237 1.99 10.40 29.74
CA VAL A 237 0.63 10.47 29.23
C VAL A 237 -0.29 11.23 30.21
N ASN A 238 -1.05 12.16 29.64
CA ASN A 238 -1.92 13.05 30.38
C ASN A 238 -3.09 12.33 31.11
N ILE A 239 -2.77 11.24 31.81
CA ILE A 239 -3.76 10.46 32.55
C ILE A 239 -3.14 9.97 33.85
N GLY A 240 -3.94 9.86 34.91
CA GLY A 240 -3.42 9.38 36.18
C GLY A 240 -2.89 7.96 36.13
N LEU A 241 -1.69 7.73 36.71
CA LEU A 241 -1.06 6.42 36.63
C LEU A 241 -0.96 5.66 37.95
N SER A 242 -1.58 6.21 39.00
CA SER A 242 -1.45 5.71 40.37
C SER A 242 -1.71 4.22 40.47
N THR A 243 -0.96 3.55 41.34
CA THR A 243 -1.13 2.12 41.49
C THR A 243 -2.44 1.83 42.23
N LYS A 244 -3.40 1.26 41.53
CA LYS A 244 -4.67 0.98 42.17
C LYS A 244 -4.73 -0.49 42.54
N ASN A 245 -5.16 -0.75 43.77
CA ASN A 245 -5.23 -2.11 44.29
C ASN A 245 -6.65 -2.63 44.27
N SER A 246 -7.58 -1.77 44.69
CA SER A 246 -9.01 -2.11 44.72
C SER A 246 -9.58 -2.36 43.33
N LEU A 247 -10.30 -3.47 43.17
CA LEU A 247 -10.98 -3.76 41.90
C LEU A 247 -11.66 -2.53 41.34
N THR A 248 -11.74 -2.47 40.02
CA THR A 248 -12.47 -1.42 39.36
C THR A 248 -13.93 -1.52 39.76
N THR A 249 -14.53 -0.40 40.18
CA THR A 249 -15.91 -0.39 40.64
C THR A 249 -16.88 -0.08 39.50
N THR A 250 -18.09 -0.63 39.58
CA THR A 250 -19.14 -0.36 38.59
C THR A 250 -19.41 1.13 38.44
N ASP A 251 -19.37 1.83 39.57
CA ASP A 251 -19.37 3.29 39.55
C ASP A 251 -18.32 3.78 38.56
N GLU A 252 -17.06 3.40 38.82
CA GLU A 252 -15.92 3.77 37.98
C GLU A 252 -16.12 3.42 36.49
N ILE A 253 -16.24 2.13 36.17
CA ILE A 253 -16.51 1.72 34.78
C ILE A 253 -17.63 2.53 34.18
N GLN A 254 -18.51 3.07 35.02
CA GLN A 254 -19.61 3.90 34.53
C GLN A 254 -19.09 5.25 34.04
N SER A 255 -18.26 5.88 34.87
CA SER A 255 -17.75 7.21 34.55
C SER A 255 -16.68 7.18 33.46
N ILE A 256 -15.98 6.05 33.31
CA ILE A 256 -14.99 5.89 32.24
C ILE A 256 -15.73 6.00 30.90
N ILE A 257 -16.85 5.27 30.80
CA ILE A 257 -17.71 5.29 29.62
C ILE A 257 -18.37 6.66 29.44
N SER A 258 -18.88 7.22 30.55
CA SER A 258 -19.49 8.54 30.51
C SER A 258 -18.51 9.57 29.92
N ASN A 259 -17.24 9.41 30.25
CA ASN A 259 -16.17 10.32 29.84
C ASN A 259 -15.79 10.16 28.39
N THR A 260 -15.50 8.93 27.98
CA THR A 260 -15.14 8.65 26.60
C THR A 260 -16.29 8.97 25.66
N LEU A 261 -17.49 9.07 26.20
CA LEU A 261 -18.63 9.45 25.38
C LEU A 261 -18.72 10.96 25.31
N LYS A 262 -18.64 11.59 26.48
CA LYS A 262 -18.68 13.03 26.60
C LYS A 262 -17.59 13.67 25.73
N ALA A 263 -16.42 13.03 25.71
CA ALA A 263 -15.23 13.54 25.00
C ALA A 263 -15.20 13.23 23.50
N ARG A 264 -15.62 12.03 23.12
CA ARG A 264 -15.54 11.57 21.72
C ARG A 264 -14.12 11.63 21.19
N PRO A 265 -13.27 10.71 21.67
CA PRO A 265 -11.84 10.67 21.32
C PRO A 265 -11.62 10.33 19.87
N LEU A 266 -10.62 10.98 19.28
CA LEU A 266 -10.10 10.62 17.97
C LEU A 266 -9.10 9.50 18.18
N VAL A 267 -9.38 8.36 17.58
CA VAL A 267 -8.55 7.18 17.73
C VAL A 267 -7.96 6.82 16.40
N GLN A 268 -6.66 7.05 16.24
CA GLN A 268 -5.96 6.79 14.99
C GLN A 268 -5.52 5.34 14.89
N HIS A 269 -5.83 4.72 13.76
CA HIS A 269 -5.60 3.30 13.55
C HIS A 269 -4.52 3.06 12.50
N ILE A 270 -3.30 2.79 12.94
CA ILE A 270 -2.35 2.18 12.01
C ILE A 270 -2.54 0.71 12.24
N THR A 271 -3.26 0.06 11.34
CA THR A 271 -3.58 -1.34 11.56
C THR A 271 -3.61 -2.11 10.25
N ASN A 272 -3.33 -3.41 10.33
CA ASN A 272 -3.46 -4.32 9.19
C ASN A 272 -4.73 -4.05 8.40
N LYS A 273 -4.88 -4.72 7.26
CA LYS A 273 -5.97 -4.41 6.32
C LYS A 273 -7.27 -5.16 6.62
N VAL A 274 -7.12 -6.28 7.31
CA VAL A 274 -8.24 -7.07 7.80
C VAL A 274 -9.07 -6.24 8.78
N HIS A 275 -8.48 -5.98 9.94
CA HIS A 275 -9.12 -5.20 11.00
C HIS A 275 -9.59 -3.81 10.57
N GLN A 276 -9.29 -3.39 9.34
CA GLN A 276 -9.56 -2.01 8.93
C GLN A 276 -11.00 -1.56 9.16
N ASN A 277 -11.97 -2.19 8.50
CA ASN A 277 -13.35 -1.75 8.68
C ASN A 277 -13.87 -2.10 10.07
N PHE A 278 -13.92 -3.40 10.35
CA PHE A 278 -14.32 -3.92 11.65
C PHE A 278 -14.05 -2.92 12.79
N GLY A 279 -12.78 -2.65 13.04
CA GLY A 279 -12.41 -1.77 14.13
C GLY A 279 -12.85 -0.35 13.89
N ALA A 280 -13.02 0.01 12.62
CA ALA A 280 -13.47 1.35 12.30
C ALA A 280 -14.80 1.59 13.00
N ASN A 281 -15.67 0.59 12.95
CA ASN A 281 -17.00 0.68 13.55
C ASN A 281 -16.95 0.55 15.07
N VAL A 282 -16.34 -0.53 15.54
CA VAL A 282 -16.20 -0.76 16.98
C VAL A 282 -15.83 0.54 17.66
N THR A 283 -15.13 1.42 16.94
CA THR A 283 -14.76 2.71 17.51
C THR A 283 -15.92 3.67 17.61
N LEU A 284 -16.53 4.02 16.49
CA LEU A 284 -17.63 4.97 16.55
C LEU A 284 -18.93 4.27 16.98
N ALA A 285 -18.78 2.99 17.33
CA ALA A 285 -19.80 2.25 18.07
C ALA A 285 -19.62 2.54 19.56
N LEU A 286 -18.38 2.73 20.00
CA LEU A 286 -18.12 3.18 21.36
C LEU A 286 -18.27 4.69 21.46
N GLY A 287 -18.89 5.27 20.43
CA GLY A 287 -19.23 6.68 20.44
C GLY A 287 -18.02 7.59 20.45
N SER A 288 -16.98 7.17 19.72
CA SER A 288 -15.81 8.03 19.44
C SER A 288 -15.44 7.92 17.96
N SER A 289 -14.71 8.91 17.43
CA SER A 289 -14.42 8.95 15.99
C SER A 289 -13.08 8.32 15.63
N PRO A 290 -13.04 7.48 14.59
CA PRO A 290 -11.81 6.81 14.19
C PRO A 290 -11.21 7.45 12.94
N ILE A 291 -9.88 7.43 12.81
CA ILE A 291 -9.20 7.79 11.55
C ILE A 291 -8.13 6.78 11.22
N MET A 292 -8.20 6.22 10.01
CA MET A 292 -7.20 5.28 9.55
C MET A 292 -6.19 5.96 8.66
N SER A 293 -5.16 6.53 9.26
CA SER A 293 -4.16 7.29 8.51
C SER A 293 -2.76 6.72 8.69
N GLU A 294 -2.13 6.36 7.58
CA GLU A 294 -0.75 5.90 7.62
C GLU A 294 0.12 6.91 6.87
N ILE A 295 -0.26 8.18 6.98
CA ILE A 295 0.40 9.28 6.28
C ILE A 295 1.29 10.07 7.24
N GLN A 296 2.59 10.02 7.00
CA GLN A 296 3.56 10.59 7.93
C GLN A 296 3.35 12.07 8.23
N SER A 297 2.95 12.83 7.21
CA SER A 297 2.77 14.27 7.32
C SER A 297 1.69 14.65 8.32
N GLU A 298 0.62 13.86 8.32
CA GLU A 298 -0.54 14.09 9.17
C GLU A 298 -0.24 13.87 10.66
N VAL A 299 0.45 12.78 10.98
CA VAL A 299 0.64 12.38 12.37
C VAL A 299 0.73 13.56 13.33
N ASN A 300 1.62 14.51 13.06
CA ASN A 300 1.79 15.60 14.01
C ASN A 300 0.54 16.48 14.15
N ASP A 301 -0.30 16.46 13.13
CA ASP A 301 -1.52 17.26 13.13
C ASP A 301 -2.63 16.54 13.89
N LEU A 302 -2.76 15.22 13.67
CA LEU A 302 -3.72 14.37 14.38
C LEU A 302 -3.51 14.38 15.88
N ALA A 303 -2.35 13.89 16.31
CA ALA A 303 -1.97 13.92 17.71
C ALA A 303 -2.37 15.24 18.41
N ALA A 304 -2.17 16.35 17.71
CA ALA A 304 -2.56 17.68 18.22
C ALA A 304 -4.01 17.75 18.74
N ILE A 305 -4.90 16.97 18.14
CA ILE A 305 -6.33 17.01 18.46
C ILE A 305 -6.65 16.67 19.92
N PRO A 306 -7.63 17.39 20.51
CA PRO A 306 -8.07 17.38 21.91
C PRO A 306 -7.95 16.04 22.64
N HIS A 307 -8.65 15.01 22.16
CA HIS A 307 -8.58 13.71 22.83
C HIS A 307 -8.09 12.57 21.95
N ALA A 308 -7.24 12.91 20.98
CA ALA A 308 -6.52 11.93 20.17
C ALA A 308 -6.00 10.72 20.93
N THR A 309 -5.84 9.62 20.20
CA THR A 309 -5.32 8.39 20.76
C THR A 309 -4.84 7.46 19.66
N LEU A 310 -3.70 6.82 19.89
CA LEU A 310 -3.07 6.00 18.86
C LEU A 310 -3.24 4.52 19.18
N LEU A 311 -3.73 3.79 18.18
CA LEU A 311 -3.84 2.35 18.26
C LEU A 311 -2.88 1.83 17.22
N LEU A 312 -1.97 0.98 17.65
CA LEU A 312 -0.85 0.62 16.82
C LEU A 312 -0.83 -0.85 16.54
N ASN A 313 -1.08 -1.19 15.29
CA ASN A 313 -1.09 -2.58 14.89
C ASN A 313 0.07 -2.95 14.00
N THR A 314 0.49 -4.19 14.15
CA THR A 314 1.66 -4.68 13.46
C THR A 314 1.23 -5.48 12.23
N GLY A 315 2.18 -5.64 11.31
CA GLY A 315 1.94 -6.33 10.06
C GLY A 315 1.55 -5.33 9.00
N SER A 316 0.83 -4.30 9.43
CA SER A 316 0.33 -3.26 8.53
C SER A 316 1.33 -2.93 7.43
N VAL A 317 0.82 -2.33 6.35
CA VAL A 317 1.61 -2.11 5.16
C VAL A 317 2.56 -0.89 5.30
N ALA A 318 2.41 -0.16 6.41
CA ALA A 318 3.24 1.02 6.70
C ALA A 318 4.68 0.67 7.07
N PRO A 319 5.61 1.56 6.72
CA PRO A 319 7.03 1.29 6.93
C PRO A 319 7.48 1.79 8.31
N PRO A 320 8.39 1.07 8.97
CA PRO A 320 9.00 1.48 10.25
C PRO A 320 9.32 2.96 10.30
N GLU A 321 9.58 3.55 9.13
CA GLU A 321 9.85 4.97 9.03
C GLU A 321 8.74 5.74 9.73
N MET A 322 7.54 5.59 9.17
CA MET A 322 6.37 6.38 9.58
C MET A 322 5.90 6.00 10.98
N LEU A 323 5.96 4.71 11.31
CA LEU A 323 5.53 4.23 12.61
C LEU A 323 6.28 4.96 13.72
N LYS A 324 7.61 5.05 13.60
CA LYS A 324 8.43 5.85 14.51
C LYS A 324 7.94 7.30 14.54
N ALA A 325 7.69 7.84 13.34
CA ALA A 325 7.27 9.23 13.17
C ALA A 325 6.06 9.56 14.02
N ALA A 326 5.15 8.59 14.09
CA ALA A 326 3.85 8.75 14.76
C ALA A 326 3.91 8.39 16.24
N ILE A 327 4.58 7.28 16.58
CA ILE A 327 4.75 6.91 17.97
C ILE A 327 5.34 8.10 18.70
N ARG A 328 6.36 8.70 18.07
CA ARG A 328 7.02 9.88 18.61
C ARG A 328 6.04 11.05 18.65
N ALA A 329 5.37 11.28 17.53
CA ALA A 329 4.37 12.35 17.46
C ALA A 329 3.42 12.36 18.65
N TYR A 330 2.95 11.18 19.08
CA TYR A 330 2.02 11.08 20.22
C TYR A 330 2.70 11.23 21.57
N ASN A 331 3.88 10.65 21.72
CA ASN A 331 4.59 10.79 22.98
C ASN A 331 5.05 12.22 23.25
N ASP A 332 5.05 13.04 22.21
CA ASP A 332 5.42 14.45 22.34
C ASP A 332 4.30 15.31 22.92
N VAL A 333 3.06 14.96 22.59
CA VAL A 333 1.89 15.62 23.19
C VAL A 333 1.33 14.82 24.41
N LYS A 334 2.04 13.77 24.81
CA LYS A 334 1.69 12.96 25.97
C LYS A 334 0.39 12.22 25.78
N ARG A 335 0.07 11.88 24.54
CA ARG A 335 -1.17 11.15 24.23
C ARG A 335 -0.95 9.64 24.24
N PRO A 336 -1.99 8.89 24.61
CA PRO A 336 -1.81 7.46 24.91
C PRO A 336 -1.77 6.55 23.69
N ILE A 337 -0.77 5.69 23.64
CA ILE A 337 -0.68 4.72 22.56
C ILE A 337 -0.92 3.30 22.99
N VAL A 338 -1.69 2.58 22.19
CA VAL A 338 -1.99 1.17 22.42
C VAL A 338 -1.27 0.34 21.37
N PHE A 339 -0.70 -0.78 21.77
CA PHE A 339 0.15 -1.51 20.85
C PHE A 339 -0.21 -2.97 20.81
N ASP A 340 -0.61 -3.43 19.64
CA ASP A 340 -0.96 -4.82 19.43
C ASP A 340 0.09 -5.49 18.55
N PRO A 341 1.02 -6.19 19.18
CA PRO A 341 2.09 -6.88 18.45
C PRO A 341 1.60 -8.17 17.83
N VAL A 342 0.74 -8.06 16.82
CA VAL A 342 0.20 -9.24 16.14
C VAL A 342 1.28 -10.30 15.93
N GLY A 343 0.95 -11.54 16.23
CA GLY A 343 1.88 -12.64 16.07
C GLY A 343 3.31 -12.27 16.45
N TYR A 344 3.49 -11.01 16.84
CA TYR A 344 4.82 -10.53 17.22
C TYR A 344 5.76 -11.68 17.51
N SER A 345 6.34 -12.25 16.45
CA SER A 345 7.27 -13.37 16.58
C SER A 345 6.91 -14.56 15.72
N ALA A 346 5.73 -14.52 15.12
CA ALA A 346 5.26 -15.60 14.26
C ALA A 346 6.37 -15.92 13.26
N THR A 347 7.11 -14.88 12.86
CA THR A 347 8.20 -15.04 11.91
C THR A 347 9.41 -14.21 12.30
N GLU A 348 10.54 -14.50 11.67
CA GLU A 348 11.73 -13.72 11.94
C GLU A 348 11.42 -12.25 11.80
N THR A 349 10.95 -11.86 10.62
CA THR A 349 10.73 -10.45 10.30
C THR A 349 9.71 -9.72 11.20
N ARG A 350 8.70 -10.42 11.69
CA ARG A 350 7.76 -9.74 12.59
C ARG A 350 8.43 -9.43 13.91
N LEU A 351 8.98 -10.46 14.57
CA LEU A 351 9.89 -10.32 15.70
C LEU A 351 10.72 -9.04 15.67
N LEU A 352 11.45 -8.84 14.58
CA LEU A 352 12.25 -7.63 14.38
C LEU A 352 11.42 -6.35 14.42
N LEU A 353 10.44 -6.29 13.52
CA LEU A 353 9.58 -5.13 13.36
C LEU A 353 9.15 -4.62 14.74
N ASN A 354 8.75 -5.54 15.61
CA ASN A 354 8.22 -5.19 16.90
C ASN A 354 9.27 -4.77 17.92
N ASN A 355 10.25 -5.62 18.20
CA ASN A 355 11.32 -5.20 19.11
C ASN A 355 11.86 -3.83 18.72
N LYS A 356 11.92 -3.57 17.42
CA LYS A 356 12.34 -2.26 16.93
C LYS A 356 11.35 -1.16 17.33
N LEU A 357 10.09 -1.32 16.96
CA LEU A 357 9.08 -0.34 17.33
C LEU A 357 9.08 -0.14 18.83
N LEU A 358 9.27 -1.21 19.59
CA LEU A 358 9.19 -1.16 21.04
C LEU A 358 10.19 -0.19 21.65
N THR A 359 10.99 0.42 20.79
CA THR A 359 12.05 1.30 21.23
C THR A 359 11.92 2.68 20.62
N PHE A 360 10.87 2.86 19.83
CA PHE A 360 10.55 4.16 19.25
C PHE A 360 9.94 5.11 20.27
N GLY A 361 9.22 4.55 21.23
CA GLY A 361 8.50 5.38 22.18
C GLY A 361 8.09 4.63 23.43
N GLN A 362 7.15 5.23 24.15
CA GLN A 362 6.63 4.67 25.39
C GLN A 362 5.14 4.44 25.25
N PHE A 363 4.69 3.22 25.49
CA PHE A 363 3.30 2.91 25.23
C PHE A 363 2.43 3.02 26.49
N SER A 364 1.15 3.37 26.31
CA SER A 364 0.23 3.35 27.44
C SER A 364 -0.20 1.91 27.77
N CYS A 365 -0.46 1.11 26.75
CA CYS A 365 -0.82 -0.29 26.95
C CYS A 365 -0.42 -1.19 25.79
N ILE A 366 0.11 -2.36 26.13
CA ILE A 366 0.47 -3.38 25.15
C ILE A 366 -0.44 -4.56 25.30
N LYS A 367 -1.20 -4.89 24.26
CA LYS A 367 -2.26 -5.91 24.28
C LYS A 367 -1.90 -7.08 23.39
N GLY A 368 -2.07 -8.31 23.88
CA GLY A 368 -1.73 -9.44 23.05
C GLY A 368 -2.37 -10.72 23.52
N ASN A 369 -2.30 -11.77 22.71
CA ASN A 369 -2.81 -13.07 23.11
C ASN A 369 -1.75 -13.90 23.84
N SER A 370 -2.07 -15.15 24.15
CA SER A 370 -1.23 -15.99 24.99
C SER A 370 0.17 -16.27 24.43
N SER A 371 0.24 -16.60 23.13
CA SER A 371 1.52 -16.75 22.43
C SER A 371 2.31 -15.47 22.44
N GLU A 372 1.69 -14.41 21.94
CA GLU A 372 2.31 -13.10 21.93
C GLU A 372 2.74 -12.65 23.33
N ILE A 373 1.88 -12.81 24.34
CA ILE A 373 2.23 -12.34 25.67
C ILE A 373 3.27 -13.19 26.43
N LEU A 374 3.52 -14.42 25.98
CA LEU A 374 4.67 -15.19 26.48
C LEU A 374 5.91 -14.80 25.71
N GLY A 375 5.71 -14.48 24.43
CA GLY A 375 6.78 -13.96 23.61
C GLY A 375 7.48 -12.83 24.34
N LEU A 376 6.74 -11.76 24.63
CA LEU A 376 7.36 -10.55 25.14
C LEU A 376 7.94 -10.69 26.54
N ALA A 377 7.41 -11.64 27.31
CA ALA A 377 8.01 -11.96 28.59
C ALA A 377 9.33 -12.68 28.40
N GLU A 378 9.49 -13.28 27.23
CA GLU A 378 10.67 -14.10 26.91
C GLU A 378 10.49 -15.53 27.41
N LEU A 379 9.50 -16.21 26.79
CA LEU A 379 8.98 -17.53 27.18
C LEU A 379 8.45 -17.58 28.64
N SER A 394 -1.19 -23.27 29.14
CA SER A 394 -0.99 -23.21 30.61
C SER A 394 -1.51 -21.92 31.24
N ASN A 395 -1.60 -21.87 32.57
CA ASN A 395 -2.41 -20.80 33.17
C ASN A 395 -1.85 -19.85 34.22
N GLU A 396 -1.13 -20.34 35.22
CA GLU A 396 -0.57 -19.39 36.19
C GLU A 396 0.52 -18.62 35.47
N LEU A 397 1.04 -19.24 34.42
CA LEU A 397 2.18 -18.72 33.67
C LEU A 397 1.79 -17.49 32.88
N LEU A 398 0.57 -17.50 32.35
CA LEU A 398 0.02 -16.34 31.66
C LEU A 398 -0.21 -15.23 32.66
N ILE A 399 -0.42 -15.58 33.91
CA ILE A 399 -0.54 -14.56 34.93
C ILE A 399 0.83 -14.03 35.19
N GLN A 400 1.80 -14.93 35.18
CA GLN A 400 3.19 -14.59 35.42
C GLN A 400 3.67 -13.69 34.30
N ALA A 401 3.48 -14.14 33.07
CA ALA A 401 3.93 -13.39 31.89
C ALA A 401 3.27 -12.02 31.75
N THR A 402 1.95 -11.95 31.79
CA THR A 402 1.27 -10.66 31.70
C THR A 402 1.87 -9.68 32.70
N LYS A 403 2.32 -10.17 33.85
CA LYS A 403 2.87 -9.27 34.86
C LYS A 403 4.25 -8.76 34.47
N ILE A 404 5.05 -9.62 33.85
CA ILE A 404 6.38 -9.25 33.36
C ILE A 404 6.29 -8.19 32.27
N VAL A 405 5.78 -8.59 31.12
CA VAL A 405 5.54 -7.69 30.01
C VAL A 405 5.01 -6.31 30.43
N ALA A 406 4.35 -6.21 31.59
CA ALA A 406 3.77 -4.93 32.02
C ALA A 406 4.80 -4.09 32.75
N PHE A 407 5.60 -4.75 33.55
CA PHE A 407 6.70 -4.10 34.21
C PHE A 407 7.75 -3.79 33.16
N LYS A 408 8.17 -4.81 32.41
CA LYS A 408 9.32 -4.69 31.53
C LYS A 408 9.27 -3.46 30.65
N TYR A 409 8.09 -3.16 30.13
CA TYR A 409 7.95 -2.01 29.24
C TYR A 409 7.25 -0.82 29.88
N LYS A 410 7.10 -0.87 31.20
CA LYS A 410 6.40 0.17 31.96
C LYS A 410 5.04 0.52 31.35
N THR A 411 4.12 -0.43 31.43
CA THR A 411 2.86 -0.33 30.71
C THR A 411 1.75 -1.20 31.31
N VAL A 412 0.49 -0.85 31.05
CA VAL A 412 -0.61 -1.75 31.32
C VAL A 412 -0.62 -2.82 30.23
N ALA A 413 -0.50 -4.07 30.63
CA ALA A 413 -0.42 -5.15 29.66
C ALA A 413 -1.63 -6.05 29.76
N VAL A 414 -2.19 -6.40 28.61
CA VAL A 414 -3.40 -7.19 28.55
C VAL A 414 -3.11 -8.50 27.85
N CYS A 415 -3.50 -9.60 28.48
CA CYS A 415 -3.33 -10.91 27.88
C CYS A 415 -4.66 -11.58 27.63
N THR A 416 -5.05 -11.67 26.37
CA THR A 416 -6.36 -12.17 25.98
C THR A 416 -6.45 -13.70 25.84
N GLY A 417 -7.34 -14.30 26.63
CA GLY A 417 -7.67 -15.71 26.56
C GLY A 417 -9.11 -15.99 26.99
N GLU A 418 -9.36 -17.16 27.56
CA GLU A 418 -10.66 -17.44 28.16
C GLU A 418 -10.81 -16.50 29.35
N PHE A 419 -9.67 -16.23 29.97
CA PHE A 419 -9.52 -15.19 30.96
C PHE A 419 -8.67 -14.09 30.33
N ASP A 420 -9.11 -12.85 30.39
CA ASP A 420 -8.25 -11.72 30.06
C ASP A 420 -7.59 -11.29 31.37
N PHE A 421 -6.27 -11.13 31.38
CA PHE A 421 -5.57 -10.63 32.57
C PHE A 421 -5.04 -9.24 32.29
N ILE A 422 -5.00 -8.40 33.32
CA ILE A 422 -4.52 -7.04 33.13
C ILE A 422 -3.65 -6.57 34.28
N ALA A 423 -2.32 -6.65 34.13
CA ALA A 423 -1.39 -6.11 35.12
C ALA A 423 -1.02 -4.66 34.81
N ASP A 424 -0.55 -3.93 35.82
CA ASP A 424 -0.17 -2.52 35.68
C ASP A 424 1.26 -2.26 36.17
N GLY A 425 2.21 -2.18 35.22
CA GLY A 425 3.61 -2.04 35.55
C GLY A 425 4.19 -0.63 35.42
N THR A 426 3.34 0.36 35.23
CA THR A 426 3.78 1.74 35.06
C THR A 426 4.35 2.37 36.34
N ILE A 427 4.34 1.66 37.45
CA ILE A 427 4.84 2.18 38.71
C ILE A 427 4.64 3.68 38.97
N GLU A 428 3.61 4.28 38.39
CA GLU A 428 3.29 5.71 38.59
C GLU A 428 4.22 6.70 37.87
N GLY A 429 5.11 6.20 37.03
CA GLY A 429 6.03 7.05 36.27
C GLY A 429 7.35 7.34 36.97
N LYS A 430 7.55 6.73 38.13
CA LYS A 430 8.78 6.92 38.89
C LYS A 430 9.93 6.26 38.17
N TYR A 431 11.07 6.94 38.14
CA TYR A 431 12.35 6.29 37.90
C TYR A 431 13.31 6.97 38.83
N SER A 432 14.38 6.26 39.21
CA SER A 432 15.41 6.88 40.02
C SER A 432 16.71 6.42 39.42
N LEU A 433 17.83 6.97 39.87
CA LEU A 433 19.11 6.44 39.40
C LEU A 433 19.56 5.35 40.36
N SER A 434 19.95 4.20 39.81
CA SER A 434 20.55 3.09 40.55
C SER A 434 20.02 2.71 41.94
N LYS A 435 18.76 3.02 42.23
CA LYS A 435 18.17 2.68 43.51
C LYS A 435 17.11 1.83 42.83
N GLY A 436 17.06 1.97 41.52
CA GLY A 436 16.10 1.25 40.70
C GLY A 436 14.74 1.83 40.94
N THR A 437 13.87 1.00 41.48
CA THR A 437 12.62 1.47 42.02
C THR A 437 12.49 0.79 43.36
N ASN A 438 12.30 1.55 44.44
CA ASN A 438 12.21 0.96 45.77
C ASN A 438 11.60 -0.45 45.70
N GLY A 439 12.47 -1.45 45.51
CA GLY A 439 12.10 -2.85 45.34
C GLY A 439 10.64 -3.21 45.03
N THR A 440 10.13 -2.69 43.91
CA THR A 440 8.81 -3.05 43.44
C THR A 440 8.99 -3.95 42.23
N SER A 441 9.12 -5.25 42.46
CA SER A 441 9.53 -6.14 41.38
C SER A 441 8.46 -6.41 40.32
N VAL A 442 8.84 -7.15 39.29
CA VAL A 442 7.93 -7.58 38.26
C VAL A 442 6.84 -8.40 38.92
N GLU A 443 7.17 -8.92 40.08
CA GLU A 443 6.33 -9.90 40.77
C GLU A 443 5.19 -9.26 41.52
N ASP A 444 5.42 -8.11 42.12
CA ASP A 444 4.38 -7.47 42.91
C ASP A 444 3.82 -6.15 42.33
N ILE A 445 3.40 -6.21 41.06
CA ILE A 445 2.55 -5.17 40.48
C ILE A 445 1.13 -5.70 40.40
N PRO A 446 0.14 -4.81 40.38
CA PRO A 446 -1.27 -5.26 40.34
C PRO A 446 -1.68 -5.97 39.05
N CYS A 447 -2.10 -7.22 39.14
CA CYS A 447 -2.62 -7.99 37.98
C CYS A 447 -3.97 -8.66 38.25
N VAL A 448 -5.00 -8.25 37.51
CA VAL A 448 -6.35 -8.73 37.74
C VAL A 448 -6.79 -9.74 36.68
N ALA A 449 -8.08 -10.11 36.69
CA ALA A 449 -8.62 -11.12 35.78
C ALA A 449 -10.07 -10.81 35.38
N VAL A 450 -10.32 -10.74 34.08
CA VAL A 450 -11.68 -10.55 33.56
C VAL A 450 -12.13 -11.80 32.81
N GLU A 451 -13.11 -12.52 33.35
CA GLU A 451 -13.58 -13.76 32.72
C GLU A 451 -15.10 -13.91 32.67
N ALA A 452 -15.59 -14.51 31.59
CA ALA A 452 -17.03 -14.67 31.39
C ALA A 452 -17.40 -16.07 30.86
N GLY A 453 -16.71 -17.10 31.35
CA GLY A 453 -16.93 -18.47 30.94
C GLY A 453 -16.45 -18.71 29.53
N PRO A 454 -16.52 -19.96 29.06
CA PRO A 454 -16.16 -20.32 27.69
C PRO A 454 -17.01 -19.59 26.66
N ILE A 455 -16.35 -19.06 25.64
CA ILE A 455 -17.02 -18.38 24.52
C ILE A 455 -16.15 -18.60 23.29
N GLU A 456 -15.85 -19.86 22.98
CA GLU A 456 -14.85 -20.19 21.97
C GLU A 456 -14.99 -19.35 20.71
N ILE A 457 -16.25 -19.08 20.36
CA ILE A 457 -16.61 -18.34 19.17
C ILE A 457 -16.07 -16.90 19.09
N MET A 458 -15.35 -16.43 20.11
CA MET A 458 -14.74 -15.10 19.98
C MET A 458 -13.39 -15.16 19.26
N GLY A 459 -12.73 -16.31 19.35
CA GLY A 459 -11.46 -16.52 18.66
C GLY A 459 -11.66 -17.01 17.25
N ASP A 460 -12.93 -17.11 16.84
CA ASP A 460 -13.32 -17.56 15.51
C ASP A 460 -13.90 -16.41 14.68
N ILE A 461 -13.66 -15.19 15.15
CA ILE A 461 -13.94 -13.99 14.36
C ILE A 461 -12.64 -13.20 14.21
N THR A 462 -12.37 -12.72 13.00
CA THR A 462 -11.09 -12.06 12.71
C THR A 462 -11.01 -10.69 13.39
N ALA A 463 -9.78 -10.24 13.63
CA ALA A 463 -9.56 -8.95 14.27
C ALA A 463 -10.08 -8.97 15.71
N SER A 464 -11.01 -9.87 15.99
CA SER A 464 -11.59 -10.00 17.32
C SER A 464 -10.62 -9.46 18.38
N GLY A 465 -9.33 -9.76 18.19
CA GLY A 465 -8.31 -9.30 19.11
C GLY A 465 -7.87 -7.89 18.80
N CYS A 466 -8.11 -7.46 17.57
CA CYS A 466 -7.75 -6.11 17.15
C CYS A 466 -8.79 -5.09 17.64
N SER A 467 -10.05 -5.44 17.48
CA SER A 467 -11.15 -4.57 17.94
C SER A 467 -11.18 -4.33 19.46
N LEU A 468 -10.69 -5.29 20.23
CA LEU A 468 -10.53 -5.04 21.64
C LEU A 468 -9.62 -3.83 21.79
N GLY A 469 -8.53 -3.82 21.02
CA GLY A 469 -7.60 -2.72 21.04
C GLY A 469 -8.30 -1.43 20.69
N SER A 470 -9.29 -1.52 19.82
CA SER A 470 -10.08 -0.36 19.43
C SER A 470 -11.02 0.04 20.57
N THR A 471 -11.27 -0.90 21.48
CA THR A 471 -12.12 -0.64 22.63
C THR A 471 -11.29 0.02 23.72
N ILE A 472 -10.21 -0.64 24.15
CA ILE A 472 -9.33 -0.13 25.19
C ILE A 472 -8.92 1.30 24.88
N ALA A 473 -8.58 1.53 23.62
CA ALA A 473 -8.23 2.84 23.09
C ALA A 473 -9.26 3.88 23.44
N CYS A 474 -10.50 3.63 23.03
CA CYS A 474 -11.59 4.58 23.16
C CYS A 474 -11.84 4.95 24.61
N MET A 475 -11.48 4.04 25.50
CA MET A 475 -11.70 4.26 26.93
C MET A 475 -10.61 5.14 27.52
N ILE A 476 -9.35 4.79 27.22
CA ILE A 476 -8.26 5.67 27.60
C ILE A 476 -8.41 7.01 26.87
N GLY A 477 -9.08 6.98 25.73
CA GLY A 477 -9.30 8.18 24.94
C GLY A 477 -10.15 9.20 25.67
N GLY A 478 -11.09 8.72 26.47
CA GLY A 478 -12.00 9.60 27.20
C GLY A 478 -11.44 10.16 28.50
N GLN A 479 -10.68 9.34 29.20
CA GLN A 479 -10.00 9.78 30.42
C GLN A 479 -9.46 11.20 30.30
N PRO A 480 -9.66 12.00 31.37
CA PRO A 480 -9.14 13.35 31.46
C PRO A 480 -7.88 13.32 32.30
N SER A 481 -7.27 14.48 32.56
CA SER A 481 -6.05 14.52 33.35
C SER A 481 -6.13 13.69 34.64
N GLU A 482 -7.03 14.08 35.54
CA GLU A 482 -7.22 13.39 36.81
C GLU A 482 -7.71 11.95 36.66
N GLY A 483 -7.84 11.48 35.41
CA GLY A 483 -8.27 10.12 35.14
C GLY A 483 -7.48 9.04 35.86
N ASN A 484 -7.51 7.83 35.31
CA ASN A 484 -6.63 6.79 35.77
C ASN A 484 -6.52 5.71 34.73
N LEU A 485 -5.30 5.58 34.21
CA LEU A 485 -4.99 4.67 33.13
C LEU A 485 -5.47 3.25 33.41
N PHE A 486 -5.02 2.65 34.50
CA PHE A 486 -5.40 1.28 34.79
C PHE A 486 -6.90 1.02 34.62
N HIS A 487 -7.70 1.63 35.49
CA HIS A 487 -9.14 1.43 35.44
C HIS A 487 -9.70 1.65 34.04
N ALA A 488 -9.08 2.55 33.30
CA ALA A 488 -9.56 2.87 31.96
C ALA A 488 -9.34 1.69 31.02
N VAL A 489 -8.33 0.87 31.32
CA VAL A 489 -8.12 -0.35 30.54
C VAL A 489 -9.04 -1.46 31.02
N VAL A 490 -9.06 -1.68 32.33
CA VAL A 490 -9.96 -2.68 32.88
C VAL A 490 -11.40 -2.43 32.44
N ALA A 491 -11.78 -1.17 32.32
CA ALA A 491 -13.11 -0.87 31.79
C ALA A 491 -13.31 -1.47 30.41
N GLY A 492 -12.45 -1.14 29.46
CA GLY A 492 -12.60 -1.64 28.10
C GLY A 492 -12.49 -3.14 27.93
N VAL A 493 -11.79 -3.82 28.83
CA VAL A 493 -11.65 -5.27 28.70
C VAL A 493 -12.94 -6.00 29.07
N MET A 494 -13.64 -5.45 30.07
CA MET A 494 -14.99 -5.89 30.44
C MET A 494 -15.94 -5.58 29.32
N LEU A 495 -16.24 -4.30 29.14
CA LEU A 495 -17.15 -3.83 28.09
C LEU A 495 -16.98 -4.66 26.84
N TYR A 496 -15.80 -5.21 26.64
CA TYR A 496 -15.59 -6.04 25.48
C TYR A 496 -16.07 -7.48 25.76
N LYS A 497 -15.54 -8.08 26.81
CA LYS A 497 -15.94 -9.43 27.17
C LYS A 497 -17.41 -9.43 27.44
N ALA A 498 -17.96 -8.30 27.91
CA ALA A 498 -19.39 -8.16 28.22
C ALA A 498 -20.25 -8.15 26.96
N ALA A 499 -19.93 -7.29 26.01
CA ALA A 499 -20.60 -7.33 24.71
C ALA A 499 -20.30 -8.64 24.02
N GLY A 500 -19.28 -9.33 24.47
CA GLY A 500 -18.91 -10.60 23.88
C GLY A 500 -19.90 -11.68 24.21
N LYS A 501 -20.09 -11.93 25.51
CA LYS A 501 -21.02 -12.94 26.03
C LYS A 501 -22.34 -12.82 25.30
N ILE A 502 -22.88 -11.60 25.28
CA ILE A 502 -24.08 -11.25 24.54
C ILE A 502 -24.11 -11.81 23.10
N ALA A 503 -23.26 -11.28 22.23
CA ALA A 503 -23.29 -11.71 20.84
C ALA A 503 -23.22 -13.25 20.68
N SER A 504 -22.53 -13.92 21.59
CA SER A 504 -22.42 -15.37 21.53
C SER A 504 -23.75 -16.06 21.81
N GLU A 505 -24.58 -15.40 22.62
CA GLU A 505 -25.91 -15.90 22.97
C GLU A 505 -26.92 -15.60 21.88
N LYS A 506 -26.67 -14.54 21.10
CA LYS A 506 -27.64 -14.01 20.16
C LYS A 506 -27.35 -14.31 18.69
N CYS A 507 -26.42 -15.21 18.42
CA CYS A 507 -25.94 -15.39 17.04
C CYS A 507 -26.42 -16.69 16.40
N ASN A 508 -25.78 -17.12 15.31
CA ASN A 508 -26.04 -18.45 14.76
C ASN A 508 -24.77 -19.00 14.17
N GLY A 509 -23.76 -18.15 14.11
CA GLY A 509 -22.49 -18.48 13.48
C GLY A 509 -21.55 -17.30 13.53
N SER A 510 -20.47 -17.39 12.76
CA SER A 510 -19.40 -16.42 12.85
C SER A 510 -19.85 -15.06 12.36
N GLY A 511 -20.42 -15.05 11.16
CA GLY A 511 -20.85 -13.82 10.52
C GLY A 511 -21.79 -12.99 11.36
N SER A 512 -22.80 -13.63 11.95
CA SER A 512 -23.78 -12.90 12.74
C SER A 512 -23.23 -12.57 14.11
N PHE A 513 -22.19 -13.30 14.51
CA PHE A 513 -21.53 -13.02 15.76
C PHE A 513 -21.01 -11.60 15.69
N GLN A 514 -20.42 -11.26 14.55
CA GLN A 514 -19.74 -9.98 14.41
C GLN A 514 -20.73 -8.84 14.54
N VAL A 515 -21.80 -8.91 13.76
CA VAL A 515 -22.80 -7.85 13.77
C VAL A 515 -23.49 -7.71 15.14
N GLU A 516 -23.73 -8.83 15.81
CA GLU A 516 -24.34 -8.79 17.14
C GLU A 516 -23.33 -8.34 18.18
N LEU A 517 -22.05 -8.50 17.87
CA LEU A 517 -21.01 -7.99 18.76
C LEU A 517 -20.97 -6.46 18.71
N ILE A 518 -20.77 -5.94 17.52
CA ILE A 518 -20.68 -4.50 17.35
C ILE A 518 -21.90 -3.85 17.93
N ASP A 519 -23.05 -4.42 17.62
CA ASP A 519 -24.30 -3.91 18.14
C ASP A 519 -24.28 -3.87 19.66
N ALA A 520 -23.94 -5.01 20.26
CA ALA A 520 -23.99 -5.17 21.70
C ALA A 520 -23.11 -4.14 22.38
N LEU A 521 -22.06 -3.73 21.68
CA LEU A 521 -21.22 -2.66 22.16
C LEU A 521 -22.00 -1.37 22.06
N TYR A 522 -22.56 -1.12 20.88
CA TYR A 522 -23.33 0.08 20.64
C TYR A 522 -24.36 0.35 21.73
N ARG A 523 -25.04 -0.71 22.15
CA ARG A 523 -26.09 -0.62 23.18
C ARG A 523 -25.51 -0.55 24.58
N LEU A 524 -24.67 -1.52 24.90
CA LEU A 524 -24.08 -1.62 26.21
C LEU A 524 -23.66 -0.26 26.73
N THR A 525 -23.08 0.56 25.85
CA THR A 525 -22.61 1.88 26.24
C THR A 525 -23.76 2.88 26.43
N ARG A 526 -24.54 3.12 25.40
CA ARG A 526 -25.68 4.03 25.54
C ARG A 526 -26.61 3.73 26.74
N GLU A 527 -26.56 2.51 27.27
CA GLU A 527 -27.28 2.21 28.50
C GLU A 527 -26.35 2.37 29.71
N ASN A 528 -25.10 1.97 29.56
CA ASN A 528 -24.07 2.34 30.52
C ASN A 528 -24.45 1.91 31.92
N THR A 529 -24.99 0.71 32.07
CA THR A 529 -25.45 0.29 33.39
C THR A 529 -24.69 -0.91 33.92
N PRO A 530 -23.38 -0.76 34.09
CA PRO A 530 -22.40 -1.82 34.33
C PRO A 530 -22.83 -2.83 35.40
N VAL A 531 -23.74 -2.45 36.28
CA VAL A 531 -24.29 -3.37 37.28
C VAL A 531 -24.80 -4.65 36.60
N THR A 532 -25.38 -4.48 35.41
CA THR A 532 -25.79 -5.57 34.50
C THR A 532 -24.69 -6.56 34.07
N TRP A 533 -23.62 -6.03 33.47
CA TRP A 533 -22.65 -6.81 32.67
C TRP A 533 -22.17 -8.16 33.19
N ALA A 534 -22.34 -9.16 32.33
CA ALA A 534 -21.95 -10.57 32.57
C ALA A 534 -20.60 -10.86 33.26
N PRO A 535 -19.50 -10.22 32.83
CA PRO A 535 -18.18 -10.74 33.17
C PRO A 535 -17.79 -10.46 34.62
N LYS A 536 -17.10 -11.41 35.25
CA LYS A 536 -16.68 -11.30 36.64
C LYS A 536 -15.23 -10.87 36.73
N LEU A 537 -14.95 -9.84 37.53
CA LEU A 537 -13.59 -9.29 37.67
C LEU A 537 -12.87 -9.69 38.97
N THR A 538 -12.10 -10.76 38.92
CA THR A 538 -11.35 -11.28 40.09
C THR A 538 -9.99 -10.59 40.35
N HIS A 539 -9.17 -11.17 41.22
CA HIS A 539 -7.81 -10.72 41.48
C HIS A 539 -6.91 -11.85 41.00
N THR A 540 -5.81 -11.53 40.32
CA THR A 540 -4.91 -12.60 39.88
C THR A 540 -4.15 -13.13 41.08
N LYS B 2 -0.99 54.49 -32.62
CA LYS B 2 -1.47 54.20 -31.29
C LYS B 2 -2.58 53.15 -31.33
N PHE B 3 -2.93 52.63 -30.16
CA PHE B 3 -4.09 51.78 -29.95
C PHE B 3 -4.83 52.36 -28.75
N SER B 4 -6.15 52.26 -28.75
CA SER B 4 -6.90 52.65 -27.57
C SER B 4 -6.94 51.48 -26.61
N LYS B 5 -6.70 51.73 -25.33
CA LYS B 5 -6.78 50.68 -24.33
C LYS B 5 -7.93 49.74 -24.71
N GLU B 6 -9.03 50.33 -25.15
CA GLU B 6 -10.30 49.63 -25.36
C GLU B 6 -10.37 48.76 -26.63
N GLN B 7 -9.39 48.88 -27.52
CA GLN B 7 -9.37 48.06 -28.74
C GLN B 7 -8.52 46.83 -28.54
N PHE B 8 -7.98 46.69 -27.33
CA PHE B 8 -7.12 45.56 -26.97
C PHE B 8 -7.92 44.28 -26.76
N ASP B 9 -7.90 43.39 -27.75
CA ASP B 9 -8.58 42.10 -27.63
C ASP B 9 -7.67 40.98 -27.13
N TYR B 10 -7.88 40.57 -25.88
CA TYR B 10 -7.05 39.55 -25.22
C TYR B 10 -7.46 38.09 -25.49
N SER B 11 -8.39 37.85 -26.42
CA SER B 11 -8.79 36.51 -26.82
C SER B 11 -7.71 35.47 -26.54
N LEU B 12 -6.75 35.43 -27.45
CA LEU B 12 -5.63 34.50 -27.39
C LEU B 12 -4.32 35.27 -27.41
N TYR B 13 -3.68 35.35 -26.24
CA TYR B 13 -2.54 36.23 -25.97
C TYR B 13 -1.26 35.42 -26.02
N LEU B 14 -0.49 35.61 -27.08
CA LEU B 14 0.73 34.85 -27.30
C LEU B 14 1.96 35.52 -26.68
N VAL B 15 2.47 34.95 -25.59
CA VAL B 15 3.70 35.46 -24.96
C VAL B 15 4.88 34.59 -25.38
N THR B 16 5.94 35.21 -25.89
CA THR B 16 7.06 34.45 -26.46
C THR B 16 8.10 34.00 -25.43
N ASP B 17 8.86 33.00 -25.83
CA ASP B 17 10.10 32.65 -25.15
C ASP B 17 11.06 32.12 -26.20
N SER B 18 11.78 33.04 -26.84
CA SER B 18 12.65 32.74 -27.99
C SER B 18 13.37 31.41 -27.86
N GLY B 19 14.03 31.22 -26.72
CA GLY B 19 14.80 30.01 -26.47
C GLY B 19 13.93 28.79 -26.24
N MET B 20 13.34 28.29 -27.31
CA MET B 20 12.55 27.06 -27.31
C MET B 20 11.85 26.95 -28.65
N ILE B 21 12.45 27.57 -29.65
CA ILE B 21 11.88 27.53 -30.98
C ILE B 21 12.30 26.25 -31.68
N PRO B 22 11.36 25.57 -32.32
CA PRO B 22 11.68 24.38 -33.11
C PRO B 22 12.62 24.75 -34.23
N GLU B 23 13.63 23.92 -34.46
CA GLU B 23 14.64 24.21 -35.48
C GLU B 23 13.99 24.44 -36.83
N GLY B 24 14.73 25.06 -37.73
CA GLY B 24 14.20 25.36 -39.05
C GLY B 24 12.88 26.08 -38.95
N LYS B 25 12.87 27.08 -38.07
CA LYS B 25 11.71 27.91 -37.86
C LYS B 25 12.12 29.13 -37.07
N THR B 26 11.81 30.31 -37.60
CA THR B 26 12.13 31.53 -36.92
C THR B 26 11.11 31.81 -35.82
N LEU B 27 11.29 32.93 -35.13
CA LEU B 27 10.28 33.40 -34.20
C LEU B 27 9.27 34.21 -34.98
N TYR B 28 9.78 35.06 -35.87
CA TYR B 28 8.92 35.75 -36.82
C TYR B 28 8.04 34.72 -37.53
N GLY B 29 8.63 33.56 -37.82
CA GLY B 29 7.93 32.50 -38.53
C GLY B 29 6.75 31.95 -37.76
N GLN B 30 6.90 31.84 -36.44
CA GLN B 30 5.82 31.39 -35.58
C GLN B 30 4.81 32.50 -35.36
N VAL B 31 5.24 33.61 -34.74
CA VAL B 31 4.35 34.70 -34.41
C VAL B 31 3.46 35.13 -35.58
N GLU B 32 3.91 34.86 -36.81
CA GLU B 32 3.12 35.14 -38.00
C GLU B 32 1.93 34.18 -38.09
N ALA B 33 2.23 32.89 -37.94
CA ALA B 33 1.24 31.81 -38.03
C ALA B 33 0.04 32.01 -37.11
N GLY B 34 0.31 32.28 -35.84
CA GLY B 34 -0.76 32.44 -34.85
C GLY B 34 -1.43 33.80 -34.92
N LEU B 35 -0.84 34.68 -35.73
CA LEU B 35 -1.38 36.00 -36.01
C LEU B 35 -2.49 35.85 -37.07
N GLN B 36 -2.32 34.85 -37.92
CA GLN B 36 -3.30 34.54 -38.94
C GLN B 36 -4.38 33.62 -38.39
N ASN B 37 -4.37 33.46 -37.06
CA ASN B 37 -5.33 32.64 -36.29
C ASN B 37 -5.35 33.06 -34.82
N LEU B 41 -3.64 39.53 -29.75
CA LEU B 41 -2.60 40.21 -28.95
C LEU B 41 -1.31 39.39 -28.72
N VAL B 42 -0.18 40.10 -28.51
CA VAL B 42 1.17 39.51 -28.40
C VAL B 42 2.20 40.28 -27.53
N GLN B 43 2.78 39.59 -26.56
CA GLN B 43 3.79 40.18 -25.69
C GLN B 43 5.14 39.51 -25.89
N ILE B 44 6.22 40.27 -25.67
CA ILE B 44 7.57 39.75 -25.83
C ILE B 44 8.30 39.71 -24.51
N ARG B 45 8.86 38.52 -24.25
CA ARG B 45 9.65 38.23 -23.07
C ARG B 45 11.02 37.78 -23.53
N GLU B 46 12.05 38.57 -23.22
CA GLU B 46 13.45 38.22 -23.53
C GLU B 46 14.37 38.56 -22.35
N LYS B 47 14.24 37.81 -21.27
CA LYS B 47 14.92 38.16 -20.03
C LYS B 47 16.41 37.80 -20.03
N ASP B 48 16.99 37.64 -21.22
CA ASP B 48 18.35 37.10 -21.31
C ASP B 48 19.29 37.77 -22.32
N ALA B 49 18.80 38.05 -23.52
CA ALA B 49 19.65 38.58 -24.61
C ALA B 49 20.34 39.92 -24.30
N ASP B 50 20.85 40.56 -25.35
CA ASP B 50 21.43 41.90 -25.24
C ASP B 50 20.34 42.91 -25.57
N THR B 51 20.14 43.92 -24.73
CA THR B 51 19.03 44.86 -24.95
C THR B 51 19.09 45.56 -26.31
N LYS B 52 19.96 45.10 -27.19
CA LYS B 52 20.03 45.63 -28.55
C LYS B 52 19.47 44.62 -29.52
N PHE B 53 19.88 43.36 -29.36
CA PHE B 53 19.24 42.30 -30.12
C PHE B 53 17.76 42.24 -29.74
N PHE B 54 17.47 42.58 -28.48
CA PHE B 54 16.09 42.77 -28.02
C PHE B 54 15.38 43.80 -28.89
N ILE B 55 15.96 44.99 -28.99
CA ILE B 55 15.34 46.10 -29.72
C ILE B 55 15.21 45.84 -31.21
N GLU B 56 16.05 44.97 -31.75
CA GLU B 56 15.98 44.62 -33.17
C GLU B 56 14.90 43.59 -33.43
N GLU B 57 14.87 42.56 -32.59
CA GLU B 57 13.85 41.52 -32.67
C GLU B 57 12.48 42.16 -32.47
N ALA B 58 12.41 43.14 -31.55
CA ALA B 58 11.15 43.79 -31.18
C ALA B 58 10.57 44.66 -32.29
N LEU B 59 11.43 45.42 -32.95
CA LEU B 59 11.01 46.25 -34.07
C LEU B 59 10.57 45.39 -35.23
N GLN B 60 11.39 44.38 -35.54
CA GLN B 60 11.09 43.39 -36.57
C GLN B 60 9.71 42.76 -36.38
N ILE B 61 9.31 42.62 -35.12
CA ILE B 61 8.03 41.99 -34.80
C ILE B 61 6.91 43.00 -34.59
N LYS B 62 7.24 44.17 -34.07
CA LYS B 62 6.25 45.23 -33.91
C LYS B 62 5.60 45.58 -35.25
N GLU B 63 6.36 45.43 -36.33
CA GLU B 63 5.85 45.68 -37.67
C GLU B 63 5.03 44.51 -38.22
N LEU B 64 5.50 43.28 -38.02
CA LEU B 64 4.68 42.13 -38.38
C LEU B 64 3.31 42.33 -37.75
N CYS B 65 3.31 42.61 -36.45
CA CYS B 65 2.06 42.74 -35.69
C CYS B 65 1.12 43.83 -36.19
N HIS B 66 1.61 45.06 -36.33
CA HIS B 66 0.76 46.15 -36.80
C HIS B 66 0.15 45.90 -38.18
N ALA B 67 0.77 45.00 -38.95
CA ALA B 67 0.20 44.56 -40.21
C ALA B 67 -1.08 43.74 -40.01
N HIS B 68 -1.22 43.17 -38.81
CA HIS B 68 -2.41 42.37 -38.48
C HIS B 68 -3.38 43.11 -37.53
N ASN B 69 -3.09 44.38 -37.26
CA ASN B 69 -3.89 45.23 -36.36
C ASN B 69 -3.71 44.91 -34.89
N VAL B 70 -2.84 43.95 -34.59
CA VAL B 70 -2.55 43.58 -33.21
C VAL B 70 -1.42 44.40 -32.60
N PRO B 71 -1.57 44.78 -31.32
CA PRO B 71 -0.57 45.56 -30.58
C PRO B 71 0.60 44.70 -30.08
N LEU B 72 1.62 45.33 -29.50
CA LEU B 72 2.77 44.58 -29.03
C LEU B 72 3.09 44.97 -27.60
N ILE B 73 3.50 43.98 -26.80
CA ILE B 73 3.78 44.25 -25.41
C ILE B 73 5.09 43.63 -24.95
N ILE B 74 5.82 44.34 -24.10
CA ILE B 74 7.17 43.96 -23.75
C ILE B 74 7.23 43.55 -22.30
N ASN B 75 8.35 42.98 -21.87
CA ASN B 75 8.44 42.43 -20.52
C ASN B 75 9.07 43.29 -19.43
N ASP B 76 10.11 42.76 -18.80
CA ASP B 76 10.73 43.41 -17.65
C ASP B 76 11.22 44.83 -17.97
N ARG B 77 11.31 45.20 -19.26
CA ARG B 77 11.89 46.51 -19.61
C ARG B 77 10.86 47.68 -19.69
N ILE B 78 11.25 48.85 -19.18
CA ILE B 78 10.48 50.06 -19.35
C ILE B 78 11.28 51.09 -20.13
N ASP B 79 12.54 50.76 -20.41
CA ASP B 79 13.32 51.50 -21.42
C ASP B 79 12.94 51.11 -22.87
N VAL B 80 13.22 49.85 -23.24
CA VAL B 80 13.03 49.32 -24.61
C VAL B 80 11.81 49.84 -25.37
N ALA B 81 10.67 49.19 -25.20
CA ALA B 81 9.38 49.67 -25.74
C ALA B 81 9.40 51.16 -25.91
N MET B 82 9.46 51.90 -24.81
CA MET B 82 9.48 53.34 -24.93
C MET B 82 10.31 53.69 -26.15
N ALA B 83 11.55 53.21 -26.14
CA ALA B 83 12.50 53.46 -27.21
C ALA B 83 12.03 52.92 -28.57
N ILE B 84 11.21 51.87 -28.58
CA ILE B 84 10.70 51.32 -29.84
C ILE B 84 9.21 51.61 -30.08
N GLY B 85 8.67 52.57 -29.31
CA GLY B 85 7.26 52.92 -29.39
C GLY B 85 6.38 51.69 -29.42
N ALA B 86 6.23 51.05 -28.25
CA ALA B 86 5.40 49.85 -28.14
C ALA B 86 4.04 50.16 -27.53
N ASP B 87 3.10 49.24 -27.69
CA ASP B 87 1.71 49.48 -27.32
C ASP B 87 1.44 49.32 -25.83
N GLY B 88 2.26 48.50 -25.18
CA GLY B 88 2.16 48.31 -23.74
C GLY B 88 3.33 47.54 -23.16
N ILE B 89 3.34 47.43 -21.83
CA ILE B 89 4.38 46.69 -21.15
C ILE B 89 3.75 45.86 -20.07
N HIS B 90 4.35 44.71 -19.78
CA HIS B 90 3.85 43.80 -18.77
C HIS B 90 4.96 43.48 -17.79
N VAL B 91 4.81 43.94 -16.56
CA VAL B 91 5.77 43.71 -15.48
C VAL B 91 5.28 42.71 -14.43
N GLY B 92 6.18 41.93 -13.87
CA GLY B 92 5.87 40.99 -12.80
C GLY B 92 5.78 41.72 -11.48
N GLN B 93 5.72 40.97 -10.38
CA GLN B 93 5.53 41.57 -9.06
C GLN B 93 6.87 42.03 -8.46
N ASP B 94 7.95 41.44 -8.94
CA ASP B 94 9.27 41.82 -8.49
C ASP B 94 9.99 42.73 -9.47
N ASP B 95 9.26 43.20 -10.48
CA ASP B 95 9.81 44.18 -11.42
C ASP B 95 9.55 45.60 -10.87
N MET B 96 9.37 46.58 -11.75
CA MET B 96 9.32 47.97 -11.29
C MET B 96 7.92 48.38 -10.77
N PRO B 97 7.89 49.20 -9.70
CA PRO B 97 6.66 49.71 -9.10
C PRO B 97 5.72 50.31 -10.14
N ILE B 98 4.41 50.13 -9.96
CA ILE B 98 3.45 50.55 -10.97
C ILE B 98 3.29 52.07 -11.08
N PRO B 99 3.46 52.79 -9.95
CA PRO B 99 3.54 54.25 -10.06
C PRO B 99 4.73 54.73 -10.90
N MET B 100 5.96 54.33 -10.56
CA MET B 100 7.12 54.75 -11.34
C MET B 100 6.91 54.51 -12.83
N ILE B 101 6.45 53.32 -13.20
CA ILE B 101 6.21 52.98 -14.60
C ILE B 101 5.23 53.91 -15.32
N ARG B 102 4.20 54.38 -14.64
CA ARG B 102 3.25 55.26 -15.28
C ARG B 102 3.88 56.66 -15.43
N LYS B 103 4.73 57.03 -14.47
CA LYS B 103 5.37 58.34 -14.49
C LYS B 103 6.30 58.51 -15.71
N LEU B 104 6.79 57.40 -16.26
CA LEU B 104 7.65 57.44 -17.44
C LEU B 104 6.81 57.27 -18.71
N VAL B 105 6.14 56.12 -18.84
CA VAL B 105 5.34 55.81 -20.03
C VAL B 105 4.08 56.67 -20.13
N GLY B 106 3.70 57.30 -19.01
CA GLY B 106 2.52 58.15 -18.94
C GLY B 106 1.22 57.49 -19.43
N PRO B 107 0.07 58.10 -19.10
CA PRO B 107 -1.22 57.61 -19.61
C PRO B 107 -1.12 57.25 -21.08
N ASP B 108 -1.98 56.34 -21.55
CA ASP B 108 -2.08 55.97 -22.97
C ASP B 108 -1.40 54.64 -23.31
N MET B 109 -0.68 54.07 -22.36
CA MET B 109 -0.02 52.79 -22.60
C MET B 109 -0.52 51.70 -21.67
N VAL B 110 -1.00 50.61 -22.28
CA VAL B 110 -1.50 49.44 -21.57
C VAL B 110 -0.46 48.90 -20.62
N ILE B 111 -0.82 48.78 -19.36
CA ILE B 111 0.13 48.26 -18.39
C ILE B 111 -0.36 46.94 -17.78
N GLY B 112 0.28 45.83 -18.16
CA GLY B 112 0.00 44.53 -17.59
C GLY B 112 0.67 44.30 -16.26
N TRP B 113 0.03 43.52 -15.38
CA TRP B 113 0.60 43.18 -14.09
C TRP B 113 0.34 41.72 -13.78
N SER B 114 1.31 41.06 -13.16
CA SER B 114 1.08 39.68 -12.75
C SER B 114 0.53 39.63 -11.33
N VAL B 115 -0.70 39.12 -11.21
CA VAL B 115 -1.39 39.02 -9.92
C VAL B 115 -1.68 37.57 -9.59
N GLY B 116 -1.21 37.12 -8.43
CA GLY B 116 -1.43 35.75 -7.99
C GLY B 116 -2.38 35.69 -6.81
N PHE B 117 -2.16 36.58 -5.84
CA PHE B 117 -3.02 36.68 -4.65
C PHE B 117 -3.96 37.89 -4.74
N PRO B 118 -4.89 38.02 -3.80
CA PRO B 118 -5.79 39.18 -3.80
C PRO B 118 -5.26 40.41 -3.06
N GLU B 119 -4.40 40.26 -2.04
CA GLU B 119 -3.84 41.45 -1.40
C GLU B 119 -3.27 42.33 -2.49
N GLU B 120 -3.03 41.72 -3.65
CA GLU B 120 -2.46 42.42 -4.80
C GLU B 120 -3.51 43.18 -5.59
N VAL B 121 -4.74 42.67 -5.63
CA VAL B 121 -5.82 43.37 -6.32
C VAL B 121 -6.32 44.51 -5.45
N ASP B 122 -6.17 44.34 -4.14
CA ASP B 122 -6.47 45.42 -3.21
C ASP B 122 -5.51 46.59 -3.45
N GLU B 123 -4.24 46.26 -3.71
CA GLU B 123 -3.26 47.26 -4.11
C GLU B 123 -3.62 47.83 -5.48
N LEU B 124 -3.75 46.93 -6.46
CA LEU B 124 -4.10 47.26 -7.83
C LEU B 124 -5.22 48.30 -7.89
N SER B 125 -6.15 48.18 -6.94
CA SER B 125 -7.32 49.05 -6.91
C SER B 125 -7.11 50.32 -6.09
N LYS B 126 -6.25 50.24 -5.07
CA LYS B 126 -5.86 51.45 -4.35
C LYS B 126 -5.06 52.41 -5.26
N MET B 127 -5.08 52.17 -6.57
CA MET B 127 -4.40 53.03 -7.53
C MET B 127 -5.35 53.61 -8.57
N GLY B 128 -6.56 53.05 -8.66
CA GLY B 128 -7.53 53.55 -9.61
C GLY B 128 -7.19 53.11 -11.03
N PRO B 129 -7.86 53.72 -12.03
CA PRO B 129 -7.62 53.42 -13.45
C PRO B 129 -6.33 54.04 -13.99
N ASP B 130 -6.04 53.78 -15.26
CA ASP B 130 -4.84 54.32 -15.90
C ASP B 130 -3.54 53.74 -15.31
N MET B 131 -3.70 52.76 -14.42
CA MET B 131 -2.57 52.02 -13.85
C MET B 131 -3.02 50.58 -13.63
N VAL B 132 -2.31 49.66 -14.28
CA VAL B 132 -2.77 48.28 -14.42
C VAL B 132 -4.07 48.30 -15.20
N ASP B 133 -3.96 48.13 -16.51
CA ASP B 133 -5.11 48.14 -17.39
C ASP B 133 -5.34 46.70 -17.76
N TYR B 134 -4.71 45.82 -16.99
CA TYR B 134 -4.94 44.39 -17.10
C TYR B 134 -3.96 43.62 -16.22
N ILE B 135 -4.23 42.33 -16.05
CA ILE B 135 -3.39 41.45 -15.24
C ILE B 135 -3.40 40.02 -15.78
N GLY B 136 -2.34 39.29 -15.51
CA GLY B 136 -2.25 37.89 -15.87
C GLY B 136 -2.31 37.15 -14.57
N VAL B 137 -3.31 36.29 -14.42
CA VAL B 137 -3.65 35.77 -13.10
C VAL B 137 -2.79 34.60 -12.67
N GLY B 138 -2.01 34.86 -11.62
CA GLY B 138 -1.14 33.91 -10.93
C GLY B 138 -0.41 32.97 -11.85
N THR B 139 -0.15 31.76 -11.38
CA THR B 139 0.36 30.73 -12.26
C THR B 139 -0.48 29.47 -12.10
N LEU B 140 -1.56 29.37 -12.87
CA LEU B 140 -2.54 28.33 -12.64
C LEU B 140 -1.88 26.97 -12.38
N PHE B 141 -1.19 26.44 -13.38
CA PHE B 141 -0.53 25.15 -13.24
C PHE B 141 0.91 25.22 -13.70
N PRO B 142 1.82 24.51 -13.01
CA PRO B 142 3.26 24.53 -13.31
C PRO B 142 3.75 23.38 -14.20
N MET B 154 -1.89 26.63 -7.56
CA MET B 154 -2.98 27.55 -7.23
C MET B 154 -4.25 27.24 -8.02
N GLY B 155 -4.09 27.02 -9.32
CA GLY B 155 -5.21 26.64 -10.16
C GLY B 155 -6.43 27.52 -10.08
N THR B 156 -7.43 27.14 -10.85
CA THR B 156 -8.73 27.77 -10.86
C THR B 156 -9.22 28.35 -9.52
N ALA B 157 -9.21 27.55 -8.46
CA ALA B 157 -9.69 28.01 -7.15
C ALA B 157 -9.13 29.37 -6.77
N GLY B 158 -7.87 29.58 -7.12
CA GLY B 158 -7.17 30.80 -6.78
C GLY B 158 -7.47 31.88 -7.79
N ALA B 159 -7.66 31.46 -9.04
CA ALA B 159 -8.07 32.37 -10.09
C ALA B 159 -9.32 33.10 -9.65
N ILE B 160 -10.16 32.38 -8.91
CA ILE B 160 -11.46 32.89 -8.50
C ILE B 160 -11.36 33.78 -7.27
N ARG B 161 -10.53 33.42 -6.32
CA ARG B 161 -10.30 34.33 -5.19
C ARG B 161 -9.94 35.72 -5.70
N VAL B 162 -9.34 35.75 -6.90
CA VAL B 162 -8.88 36.99 -7.53
C VAL B 162 -9.99 37.70 -8.29
N LEU B 163 -10.48 37.06 -9.36
CA LEU B 163 -11.68 37.53 -10.07
C LEU B 163 -12.72 38.08 -9.10
N ASP B 164 -12.62 37.67 -7.84
CA ASP B 164 -13.57 38.10 -6.83
C ASP B 164 -13.14 39.37 -6.13
N ALA B 165 -11.86 39.45 -5.73
CA ALA B 165 -11.34 40.67 -5.15
C ALA B 165 -11.44 41.83 -6.14
N LEU B 166 -11.62 41.48 -7.40
CA LEU B 166 -11.88 42.46 -8.44
C LEU B 166 -13.26 43.06 -8.24
N GLU B 167 -14.28 42.21 -8.23
CA GLU B 167 -15.65 42.66 -8.05
C GLU B 167 -15.86 43.39 -6.72
N ARG B 168 -15.44 42.76 -5.63
CA ARG B 168 -15.52 43.36 -4.30
C ARG B 168 -14.93 44.77 -4.25
N ASN B 169 -14.01 45.05 -5.17
CA ASN B 169 -13.32 46.35 -5.24
C ASN B 169 -13.84 47.23 -6.37
N ASN B 170 -14.92 46.77 -7.02
CA ASN B 170 -15.35 47.27 -8.33
C ASN B 170 -14.19 47.87 -9.12
N ALA B 171 -13.30 46.97 -9.54
CA ALA B 171 -12.23 47.28 -10.47
C ALA B 171 -12.71 46.80 -11.83
N HIS B 172 -13.23 47.74 -12.60
CA HIS B 172 -13.86 47.47 -13.89
C HIS B 172 -12.91 47.78 -15.04
N TRP B 173 -11.98 48.70 -14.81
CA TRP B 173 -11.02 49.13 -15.82
C TRP B 173 -10.07 47.99 -16.21
N CYS B 174 -9.54 47.31 -15.20
CA CYS B 174 -8.60 46.20 -15.35
C CYS B 174 -9.25 44.96 -15.99
N ARG B 175 -8.65 44.45 -17.07
CA ARG B 175 -9.11 43.19 -17.65
C ARG B 175 -8.26 42.06 -17.08
N THR B 176 -8.50 40.83 -17.51
CA THR B 176 -7.78 39.69 -16.97
C THR B 176 -7.45 38.66 -18.04
N VAL B 177 -6.22 38.14 -18.01
CA VAL B 177 -5.87 37.01 -18.86
C VAL B 177 -5.25 35.89 -18.04
N GLY B 178 -5.72 34.68 -18.27
CA GLY B 178 -5.25 33.54 -17.51
C GLY B 178 -3.90 33.14 -18.03
N ILE B 179 -2.98 32.81 -17.13
CA ILE B 179 -1.63 32.51 -17.58
C ILE B 179 -0.88 31.43 -16.80
N GLY B 180 -0.25 30.54 -17.55
CA GLY B 180 0.65 29.57 -16.97
C GLY B 180 0.08 28.17 -16.90
N GLY B 181 0.38 27.36 -17.91
CA GLY B 181 0.04 25.96 -17.88
C GLY B 181 -1.04 25.64 -18.88
N LEU B 182 -1.56 26.66 -19.52
CA LEU B 182 -2.71 26.50 -20.41
C LEU B 182 -2.38 25.68 -21.65
N HIS B 183 -3.27 24.75 -22.00
CA HIS B 183 -3.10 23.86 -23.14
C HIS B 183 -4.49 23.45 -23.64
N PRO B 184 -4.56 22.69 -24.74
CA PRO B 184 -5.90 22.29 -25.22
C PRO B 184 -6.51 21.25 -24.29
N ASP B 185 -5.63 20.50 -23.62
CA ASP B 185 -6.02 19.47 -22.67
C ASP B 185 -6.31 20.07 -21.29
N ASN B 186 -6.98 21.22 -21.27
CA ASN B 186 -7.34 21.88 -20.02
C ASN B 186 -7.84 23.32 -20.18
N ILE B 187 -7.75 23.86 -21.39
CA ILE B 187 -8.17 25.23 -21.64
C ILE B 187 -9.66 25.42 -21.35
N GLU B 188 -10.50 24.55 -21.91
CA GLU B 188 -11.93 24.73 -21.77
C GLU B 188 -12.28 24.87 -20.30
N ARG B 189 -11.70 23.99 -19.49
CA ARG B 189 -11.95 23.98 -18.04
C ARG B 189 -11.52 25.24 -17.29
N VAL B 190 -10.41 25.82 -17.70
CA VAL B 190 -9.92 27.00 -17.03
C VAL B 190 -10.90 28.13 -17.29
N LEU B 191 -11.35 28.20 -18.53
CA LEU B 191 -12.19 29.28 -19.03
C LEU B 191 -13.58 29.15 -18.43
N TYR B 192 -13.90 27.90 -18.10
CA TYR B 192 -15.21 27.48 -17.64
C TYR B 192 -15.43 27.76 -16.15
N GLN B 193 -14.60 27.18 -15.29
CA GLN B 193 -14.75 27.40 -13.85
C GLN B 193 -14.08 28.68 -13.34
N CYS B 194 -13.39 29.39 -14.22
CA CYS B 194 -12.79 30.67 -13.86
C CYS B 194 -13.74 31.82 -14.09
N VAL B 195 -14.88 31.76 -13.41
CA VAL B 195 -15.87 32.83 -13.44
C VAL B 195 -15.94 33.40 -12.05
N SER B 196 -16.35 34.66 -11.95
CA SER B 196 -16.38 35.35 -10.67
C SER B 196 -17.26 34.57 -9.72
N SER B 197 -17.38 35.00 -8.47
CA SER B 197 -18.34 34.37 -7.58
C SER B 197 -19.74 34.87 -7.90
N ASN B 198 -19.85 36.14 -8.28
CA ASN B 198 -21.13 36.69 -8.73
C ASN B 198 -21.53 36.37 -10.18
N GLY B 199 -20.63 35.68 -10.89
CA GLY B 199 -20.94 35.21 -12.24
C GLY B 199 -20.89 36.31 -13.28
N LYS B 200 -20.61 37.53 -12.85
CA LYS B 200 -20.63 38.67 -13.75
C LYS B 200 -19.35 38.80 -14.59
N ARG B 201 -18.22 38.43 -14.00
CA ARG B 201 -16.93 38.59 -14.67
C ARG B 201 -16.19 37.27 -14.87
N SER B 202 -15.93 36.90 -16.13
CA SER B 202 -15.04 35.77 -16.40
C SER B 202 -13.69 36.26 -16.92
N LEU B 203 -12.87 35.33 -17.39
CA LEU B 203 -11.54 35.66 -17.91
C LEU B 203 -11.62 36.32 -19.29
N ASP B 204 -10.85 37.39 -19.48
CA ASP B 204 -10.85 38.11 -20.77
C ASP B 204 -9.99 37.45 -21.84
N GLY B 205 -9.15 36.49 -21.45
CA GLY B 205 -8.38 35.73 -22.40
C GLY B 205 -7.33 34.80 -21.85
N ILE B 206 -6.74 34.03 -22.75
CA ILE B 206 -5.74 33.02 -22.41
C ILE B 206 -4.33 33.35 -22.92
N CYS B 207 -3.30 33.02 -22.15
CA CYS B 207 -1.92 33.14 -22.61
C CYS B 207 -1.30 31.79 -22.90
N VAL B 208 -0.96 31.54 -24.17
CA VAL B 208 -0.18 30.36 -24.50
C VAL B 208 1.26 30.73 -24.80
N VAL B 209 2.14 29.73 -24.70
CA VAL B 209 3.55 29.93 -24.97
C VAL B 209 4.12 28.70 -25.64
N SER B 210 4.43 27.70 -24.82
CA SER B 210 5.01 26.44 -25.27
C SER B 210 4.02 25.66 -26.14
N ASP B 211 2.98 26.34 -26.60
CA ASP B 211 1.94 25.67 -27.34
C ASP B 211 1.87 26.12 -28.80
N ILE B 212 2.05 27.42 -29.02
CA ILE B 212 2.15 27.94 -30.38
C ILE B 212 3.62 28.08 -30.78
N ILE B 213 4.43 28.57 -29.84
CA ILE B 213 5.84 28.78 -30.11
C ILE B 213 6.55 27.47 -30.40
N ALA B 214 6.41 26.49 -29.51
CA ALA B 214 7.17 25.26 -29.64
C ALA B 214 6.53 24.25 -30.57
N SER B 215 5.58 24.70 -31.40
CA SER B 215 4.84 23.78 -32.25
C SER B 215 5.42 23.65 -33.65
N LEU B 216 5.42 22.42 -34.15
CA LEU B 216 5.95 22.10 -35.48
C LEU B 216 5.08 22.69 -36.58
N ASP B 217 3.81 22.91 -36.26
CA ASP B 217 2.88 23.57 -37.17
C ASP B 217 1.99 24.52 -36.38
N ALA B 218 2.45 25.76 -36.21
CA ALA B 218 1.74 26.75 -35.43
C ALA B 218 0.52 27.33 -36.15
N ALA B 219 0.43 27.09 -37.45
CA ALA B 219 -0.79 27.43 -38.18
C ALA B 219 -1.94 26.68 -37.51
N LYS B 220 -1.77 25.37 -37.40
CA LYS B 220 -2.78 24.45 -36.88
C LYS B 220 -3.14 24.73 -35.43
N SER B 221 -2.15 24.57 -34.55
CA SER B 221 -2.35 24.72 -33.11
C SER B 221 -3.07 26.02 -32.75
N THR B 222 -2.82 27.09 -33.51
CA THR B 222 -3.48 28.37 -33.23
C THR B 222 -4.94 28.33 -33.60
N LYS B 223 -5.25 27.66 -34.71
CA LYS B 223 -6.62 27.34 -35.05
C LYS B 223 -7.25 26.58 -33.88
N ILE B 224 -6.62 25.47 -33.47
CA ILE B 224 -7.11 24.65 -32.35
C ILE B 224 -7.47 25.46 -31.11
N LEU B 225 -6.52 26.23 -30.59
CA LEU B 225 -6.76 27.04 -29.39
C LEU B 225 -7.77 28.12 -29.65
N ARG B 226 -8.01 28.43 -30.91
CA ARG B 226 -9.10 29.33 -31.20
C ARG B 226 -10.44 28.58 -31.08
N GLY B 227 -10.52 27.38 -31.65
CA GLY B 227 -11.72 26.56 -31.53
C GLY B 227 -12.26 26.49 -30.12
N LEU B 228 -11.35 26.32 -29.17
CA LEU B 228 -11.69 26.19 -27.76
C LEU B 228 -12.06 27.51 -27.12
N ILE B 229 -11.35 28.56 -27.47
CA ILE B 229 -11.49 29.84 -26.78
C ILE B 229 -12.83 30.56 -27.03
N ASP B 230 -13.32 30.52 -28.26
CA ASP B 230 -14.56 31.26 -28.62
C ASP B 230 -15.75 30.35 -28.96
N LYS B 231 -15.60 29.08 -28.59
CA LYS B 231 -16.71 28.17 -28.40
C LYS B 231 -17.37 28.63 -27.10
N THR B 232 -18.39 27.91 -26.64
CA THR B 232 -19.17 28.37 -25.49
C THR B 232 -19.66 27.19 -24.63
N ASP B 233 -19.17 26.01 -24.98
CA ASP B 233 -19.81 24.76 -24.61
C ASP B 233 -18.78 23.76 -24.10
N TYR B 234 -18.60 23.68 -22.78
CA TYR B 234 -17.76 22.64 -22.21
C TYR B 234 -18.58 21.41 -21.87
N LYS B 235 -18.80 20.51 -22.82
CA LYS B 235 -19.46 19.24 -22.51
C LYS B 235 -18.43 18.29 -21.89
N PHE B 236 -18.35 18.28 -20.56
CA PHE B 236 -17.28 17.56 -19.85
C PHE B 236 -17.65 16.16 -19.42
N VAL B 237 -18.91 15.84 -19.65
CA VAL B 237 -19.47 14.58 -19.23
C VAL B 237 -20.65 14.30 -20.13
N ASN B 238 -20.72 13.06 -20.60
CA ASN B 238 -21.76 12.63 -21.53
C ASN B 238 -23.14 12.41 -20.87
N ILE B 239 -23.62 13.44 -20.19
CA ILE B 239 -24.91 13.42 -19.50
C ILE B 239 -25.50 14.84 -19.58
N GLY B 240 -26.80 14.93 -19.83
CA GLY B 240 -27.47 16.21 -20.02
C GLY B 240 -27.27 17.15 -18.85
N LEU B 241 -26.82 18.36 -19.12
CA LEU B 241 -26.50 19.30 -18.04
C LEU B 241 -27.57 20.35 -17.77
N SER B 242 -28.71 20.26 -18.47
CA SER B 242 -29.75 21.30 -18.41
C SER B 242 -30.15 21.67 -16.99
N THR B 243 -30.37 22.98 -16.76
CA THR B 243 -30.76 23.43 -15.43
C THR B 243 -32.24 23.08 -15.20
N LYS B 244 -32.47 22.22 -14.21
CA LYS B 244 -33.81 21.79 -13.87
C LYS B 244 -34.32 22.56 -12.66
N ASN B 245 -35.50 23.14 -12.80
CA ASN B 245 -36.10 23.92 -11.73
C ASN B 245 -37.13 23.11 -10.97
N SER B 246 -37.76 22.18 -11.68
CA SER B 246 -38.82 21.33 -11.15
C SER B 246 -38.26 20.19 -10.30
N LEU B 247 -38.73 20.05 -9.07
CA LEU B 247 -38.25 18.97 -8.20
C LEU B 247 -38.22 17.67 -8.99
N THR B 248 -37.50 16.69 -8.45
CA THR B 248 -37.45 15.39 -9.06
C THR B 248 -38.77 14.65 -8.85
N THR B 249 -39.25 14.01 -9.90
CA THR B 249 -40.56 13.36 -9.86
C THR B 249 -40.41 11.86 -9.69
N THR B 250 -41.38 11.25 -9.04
CA THR B 250 -41.34 9.81 -8.77
C THR B 250 -41.07 9.02 -10.05
N ASP B 251 -41.78 9.37 -11.11
CA ASP B 251 -41.62 8.69 -12.38
C ASP B 251 -40.18 8.75 -12.83
N GLU B 252 -39.51 9.86 -12.48
CA GLU B 252 -38.11 10.15 -12.85
C GLU B 252 -37.08 9.35 -12.05
N ILE B 253 -37.10 9.50 -10.72
CA ILE B 253 -36.27 8.67 -9.86
C ILE B 253 -36.41 7.22 -10.29
N GLN B 254 -37.63 6.86 -10.66
CA GLN B 254 -37.94 5.50 -11.07
C GLN B 254 -37.14 5.10 -12.29
N SER B 255 -36.98 6.03 -13.21
CA SER B 255 -36.32 5.73 -14.47
C SER B 255 -34.82 5.86 -14.34
N ILE B 256 -34.37 6.67 -13.40
CA ILE B 256 -32.93 6.76 -13.16
C ILE B 256 -32.46 5.36 -12.75
N ILE B 257 -33.20 4.75 -11.82
CA ILE B 257 -32.92 3.40 -11.33
C ILE B 257 -33.06 2.38 -12.44
N SER B 258 -34.16 2.47 -13.18
CA SER B 258 -34.40 1.54 -14.28
C SER B 258 -33.23 1.59 -15.27
N ASN B 259 -32.73 2.80 -15.52
CA ASN B 259 -31.56 3.00 -16.36
C ASN B 259 -30.34 2.32 -15.79
N THR B 260 -29.92 2.79 -14.61
CA THR B 260 -28.69 2.31 -13.99
C THR B 260 -28.69 0.80 -13.75
N LEU B 261 -29.87 0.20 -13.68
CA LEU B 261 -29.96 -1.24 -13.58
C LEU B 261 -29.79 -1.87 -14.95
N LYS B 262 -30.48 -1.31 -15.93
CA LYS B 262 -30.40 -1.79 -17.29
C LYS B 262 -28.98 -1.60 -17.76
N ALA B 263 -28.30 -0.62 -17.18
CA ALA B 263 -26.95 -0.22 -17.61
C ALA B 263 -25.81 -1.02 -16.95
N ARG B 264 -25.93 -1.28 -15.65
CA ARG B 264 -24.87 -1.93 -14.87
C ARG B 264 -23.54 -1.15 -14.96
N PRO B 265 -23.52 0.07 -14.43
CA PRO B 265 -22.31 0.88 -14.51
C PRO B 265 -21.14 0.23 -13.79
N LEU B 266 -19.99 0.16 -14.46
CA LEU B 266 -18.74 -0.17 -13.81
C LEU B 266 -18.23 1.06 -13.05
N VAL B 267 -18.35 1.01 -11.72
CA VAL B 267 -17.91 2.10 -10.86
C VAL B 267 -16.57 1.76 -10.23
N GLN B 268 -15.51 2.42 -10.72
CA GLN B 268 -14.16 2.26 -10.18
C GLN B 268 -14.02 3.08 -8.92
N HIS B 269 -13.59 2.41 -7.85
CA HIS B 269 -13.44 3.02 -6.54
C HIS B 269 -11.97 3.23 -6.19
N ILE B 270 -11.48 4.44 -6.30
CA ILE B 270 -10.26 4.76 -5.59
C ILE B 270 -10.74 5.32 -4.28
N THR B 271 -10.39 4.63 -3.20
CA THR B 271 -10.84 5.05 -1.89
C THR B 271 -9.98 4.46 -0.80
N ASN B 272 -9.92 5.16 0.32
CA ASN B 272 -9.34 4.64 1.56
C ASN B 272 -9.77 3.19 1.84
N LYS B 273 -9.29 2.62 2.95
CA LYS B 273 -9.43 1.18 3.20
C LYS B 273 -10.70 0.75 3.97
N VAL B 274 -11.24 1.65 4.79
CA VAL B 274 -12.44 1.32 5.55
C VAL B 274 -13.64 1.11 4.62
N HIS B 275 -13.78 2.01 3.64
CA HIS B 275 -14.90 2.00 2.73
C HIS B 275 -14.76 0.92 1.67
N GLN B 276 -13.59 0.28 1.62
CA GLN B 276 -13.28 -0.70 0.58
C GLN B 276 -14.34 -1.80 0.41
N ASN B 277 -14.59 -2.59 1.45
CA ASN B 277 -15.59 -3.64 1.31
C ASN B 277 -16.99 -3.05 1.26
N PHE B 278 -17.35 -2.28 2.27
CA PHE B 278 -18.66 -1.66 2.35
C PHE B 278 -19.14 -1.19 0.98
N GLY B 279 -18.49 -0.16 0.47
CA GLY B 279 -18.89 0.49 -0.77
C GLY B 279 -18.88 -0.44 -1.96
N ALA B 280 -18.11 -1.51 -1.85
CA ALA B 280 -18.06 -2.53 -2.89
C ALA B 280 -19.42 -3.19 -3.02
N ASN B 281 -20.02 -3.51 -1.87
CA ASN B 281 -21.37 -4.06 -1.83
C ASN B 281 -22.43 -3.02 -2.16
N VAL B 282 -22.50 -1.96 -1.37
CA VAL B 282 -23.40 -0.84 -1.67
C VAL B 282 -23.48 -0.59 -3.16
N THR B 283 -22.43 -1.01 -3.87
CA THR B 283 -22.41 -0.90 -5.32
C THR B 283 -23.18 -2.02 -6.04
N LEU B 284 -22.71 -3.27 -5.94
CA LEU B 284 -23.43 -4.35 -6.64
C LEU B 284 -24.80 -4.72 -5.98
N ALA B 285 -25.05 -4.12 -4.82
CA ALA B 285 -26.39 -4.03 -4.27
C ALA B 285 -27.23 -3.13 -5.16
N LEU B 286 -26.69 -1.98 -5.57
CA LEU B 286 -27.39 -1.14 -6.54
C LEU B 286 -27.37 -1.79 -7.92
N GLY B 287 -26.96 -3.05 -7.95
CA GLY B 287 -26.99 -3.85 -9.15
C GLY B 287 -26.13 -3.25 -10.24
N SER B 288 -24.89 -2.93 -9.89
CA SER B 288 -23.87 -2.47 -10.85
C SER B 288 -22.48 -2.88 -10.36
N SER B 289 -21.60 -3.27 -11.28
CA SER B 289 -20.30 -3.84 -10.92
C SER B 289 -19.30 -2.78 -10.48
N PRO B 290 -18.51 -3.10 -9.43
CA PRO B 290 -17.57 -2.16 -8.85
C PRO B 290 -16.13 -2.59 -9.13
N ILE B 291 -15.22 -1.63 -9.19
CA ILE B 291 -13.80 -1.94 -9.29
C ILE B 291 -12.94 -1.01 -8.46
N MET B 292 -12.33 -1.59 -7.42
CA MET B 292 -11.31 -0.92 -6.63
C MET B 292 -9.97 -1.17 -7.27
N SER B 293 -9.61 -0.36 -8.25
CA SER B 293 -8.26 -0.44 -8.82
C SER B 293 -7.49 0.86 -8.63
N GLU B 294 -6.31 0.74 -8.04
CA GLU B 294 -5.41 1.89 -7.86
C GLU B 294 -4.10 1.69 -8.64
N ILE B 295 -4.25 1.20 -9.87
CA ILE B 295 -3.13 0.85 -10.74
C ILE B 295 -3.15 1.80 -11.92
N GLN B 296 -2.04 2.49 -12.16
CA GLN B 296 -2.06 3.58 -13.10
C GLN B 296 -2.22 3.15 -14.55
N SER B 297 -1.68 1.99 -14.91
CA SER B 297 -1.77 1.45 -16.28
C SER B 297 -3.18 1.03 -16.73
N GLU B 298 -4.06 0.79 -15.76
CA GLU B 298 -5.42 0.40 -16.06
C GLU B 298 -6.33 1.60 -16.34
N VAL B 299 -6.12 2.70 -15.60
CA VAL B 299 -7.04 3.85 -15.64
C VAL B 299 -7.58 4.18 -17.02
N ASN B 300 -6.81 3.93 -18.06
CA ASN B 300 -7.31 4.22 -19.39
C ASN B 300 -8.13 3.09 -19.99
N ASP B 301 -7.80 1.86 -19.62
CA ASP B 301 -8.60 0.70 -20.00
C ASP B 301 -10.00 0.66 -19.34
N LEU B 302 -10.08 1.01 -18.06
CA LEU B 302 -11.36 1.06 -17.34
C LEU B 302 -12.26 2.17 -17.85
N ALA B 303 -11.78 3.40 -17.75
CA ALA B 303 -12.53 4.57 -18.20
C ALA B 303 -13.08 4.41 -19.61
N ALA B 304 -12.59 3.39 -20.31
CA ALA B 304 -13.01 3.11 -21.69
C ALA B 304 -14.29 2.27 -21.76
N ILE B 305 -14.62 1.65 -20.64
CA ILE B 305 -15.69 0.67 -20.59
C ILE B 305 -17.06 1.31 -20.57
N PRO B 306 -17.96 0.81 -21.44
CA PRO B 306 -19.28 1.31 -21.83
C PRO B 306 -19.97 2.30 -20.89
N HIS B 307 -20.01 2.04 -19.58
CA HIS B 307 -20.71 2.92 -18.65
C HIS B 307 -19.91 3.27 -17.40
N ALA B 308 -18.60 3.08 -17.46
CA ALA B 308 -17.73 3.31 -16.31
C ALA B 308 -17.99 4.62 -15.58
N THR B 309 -17.57 4.66 -14.33
CA THR B 309 -17.78 5.84 -13.50
C THR B 309 -16.77 5.82 -12.38
N LEU B 310 -16.26 6.99 -12.01
CA LEU B 310 -15.15 7.05 -11.07
C LEU B 310 -15.57 7.59 -9.74
N LEU B 311 -15.31 6.81 -8.71
CA LEU B 311 -15.47 7.27 -7.34
C LEU B 311 -14.10 7.63 -6.79
N LEU B 312 -13.96 8.86 -6.31
CA LEU B 312 -12.67 9.32 -5.83
C LEU B 312 -12.70 9.68 -4.37
N ASN B 313 -12.01 8.88 -3.57
CA ASN B 313 -11.85 9.18 -2.16
C ASN B 313 -10.47 9.70 -1.81
N THR B 314 -10.46 10.53 -0.79
CA THR B 314 -9.24 11.16 -0.33
C THR B 314 -8.73 10.44 0.91
N GLY B 315 -7.44 10.64 1.19
CA GLY B 315 -6.80 9.92 2.27
C GLY B 315 -6.17 8.66 1.73
N SER B 316 -6.90 7.98 0.85
CA SER B 316 -6.47 6.73 0.22
C SER B 316 -4.95 6.58 0.08
N VAL B 317 -4.50 5.34 -0.02
CA VAL B 317 -3.09 5.01 0.01
C VAL B 317 -2.39 5.33 -1.33
N ALA B 318 -3.19 5.75 -2.31
CA ALA B 318 -2.70 6.08 -3.65
C ALA B 318 -1.95 7.43 -3.76
N PRO B 319 -0.98 7.49 -4.68
CA PRO B 319 -0.14 8.68 -4.88
C PRO B 319 -0.84 9.69 -5.79
N PRO B 320 -0.70 11.00 -5.52
CA PRO B 320 -1.21 12.08 -6.37
C PRO B 320 -0.91 11.96 -7.86
N GLU B 321 0.09 11.15 -8.23
CA GLU B 321 0.33 10.89 -9.65
C GLU B 321 -0.79 10.08 -10.27
N MET B 322 -1.15 8.98 -9.63
CA MET B 322 -2.15 8.08 -10.18
C MET B 322 -3.58 8.64 -10.03
N LEU B 323 -3.78 9.54 -9.08
CA LEU B 323 -5.08 10.19 -8.94
C LEU B 323 -5.29 11.15 -10.09
N LYS B 324 -4.25 11.91 -10.43
CA LYS B 324 -4.28 12.80 -11.58
C LYS B 324 -4.43 11.98 -12.86
N ALA B 325 -3.77 10.84 -12.92
CA ALA B 325 -3.86 9.94 -14.07
C ALA B 325 -5.30 9.52 -14.36
N ALA B 326 -6.06 9.30 -13.29
CA ALA B 326 -7.44 8.88 -13.42
C ALA B 326 -8.40 10.06 -13.65
N ILE B 327 -8.38 11.05 -12.77
CA ILE B 327 -9.22 12.23 -12.99
C ILE B 327 -9.20 12.62 -14.46
N ARG B 328 -8.03 12.54 -15.06
CA ARG B 328 -7.85 12.86 -16.48
C ARG B 328 -8.34 11.72 -17.37
N ALA B 329 -7.95 10.49 -17.04
CA ALA B 329 -8.31 9.32 -17.85
C ALA B 329 -9.80 9.29 -18.16
N TYR B 330 -10.62 9.66 -17.17
CA TYR B 330 -12.07 9.74 -17.33
C TYR B 330 -12.48 11.03 -18.08
N ASN B 331 -12.12 12.19 -17.55
CA ASN B 331 -12.39 13.45 -18.25
C ASN B 331 -12.10 13.37 -19.74
N ASP B 332 -11.04 12.66 -20.10
CA ASP B 332 -10.67 12.46 -21.49
C ASP B 332 -11.74 11.69 -22.27
N VAL B 333 -12.58 10.94 -21.57
CA VAL B 333 -13.65 10.19 -22.22
C VAL B 333 -15.07 10.67 -21.80
N LYS B 334 -15.15 11.75 -21.01
CA LYS B 334 -16.41 12.19 -20.39
C LYS B 334 -17.14 11.07 -19.61
N PRO B 336 -17.38 10.68 -15.97
CA PRO B 336 -18.15 11.29 -14.89
C PRO B 336 -17.56 10.93 -13.52
N ILE B 337 -16.95 11.90 -12.84
CA ILE B 337 -16.29 11.61 -11.58
C ILE B 337 -17.07 12.11 -10.36
N VAL B 338 -17.12 11.28 -9.32
CA VAL B 338 -17.67 11.69 -8.03
C VAL B 338 -16.55 11.79 -7.02
N PHE B 339 -16.47 12.91 -6.33
CA PHE B 339 -15.31 13.17 -5.51
C PHE B 339 -15.71 13.37 -4.07
N ASP B 340 -15.08 12.61 -3.17
CA ASP B 340 -15.37 12.67 -1.74
C ASP B 340 -14.11 13.09 -0.98
N PRO B 341 -14.07 14.35 -0.55
CA PRO B 341 -12.91 14.87 0.19
C PRO B 341 -13.07 14.66 1.69
N VAL B 342 -12.43 13.63 2.23
CA VAL B 342 -12.51 13.33 3.65
C VAL B 342 -11.11 13.12 4.24
N GLY B 343 -10.70 14.04 5.10
CA GLY B 343 -11.53 15.18 5.45
C GLY B 343 -11.47 16.28 4.42
N TYR B 344 -10.26 16.72 4.08
CA TYR B 344 -10.07 17.78 3.09
C TYR B 344 -9.99 19.14 3.76
N SER B 345 -10.12 19.16 5.09
CA SER B 345 -10.06 20.41 5.86
C SER B 345 -9.66 20.14 7.30
N ALA B 346 -9.13 18.95 7.55
CA ALA B 346 -8.70 18.57 8.90
C ALA B 346 -7.28 18.99 9.18
N THR B 347 -6.37 18.34 8.47
CA THR B 347 -4.94 18.54 8.63
C THR B 347 -4.36 19.36 7.48
N GLU B 348 -3.19 19.93 7.71
CA GLU B 348 -2.48 20.66 6.66
C GLU B 348 -2.38 19.81 5.42
N THR B 349 -1.92 18.58 5.61
CA THR B 349 -1.67 17.65 4.53
C THR B 349 -2.93 17.32 3.71
N ARG B 350 -4.03 17.07 4.38
CA ARG B 350 -5.25 16.77 3.63
C ARG B 350 -5.66 18.00 2.81
N LEU B 351 -5.69 19.14 3.47
CA LEU B 351 -5.92 20.43 2.83
C LEU B 351 -5.24 20.51 1.48
N LEU B 352 -3.93 20.35 1.43
CA LEU B 352 -3.19 20.36 0.18
C LEU B 352 -3.74 19.34 -0.81
N LEU B 353 -3.44 18.07 -0.50
CA LEU B 353 -3.78 16.90 -1.32
C LEU B 353 -5.08 17.02 -2.09
N ASN B 354 -6.10 17.60 -1.45
CA ASN B 354 -7.38 17.84 -2.12
C ASN B 354 -7.32 18.99 -3.13
N ASN B 355 -7.04 20.19 -2.63
CA ASN B 355 -6.90 21.35 -3.51
C ASN B 355 -6.10 21.02 -4.76
N LYS B 356 -5.11 20.15 -4.60
CA LYS B 356 -4.27 19.72 -5.72
C LYS B 356 -5.06 18.81 -6.68
N LEU B 357 -5.79 17.83 -6.15
CA LEU B 357 -6.63 17.01 -7.01
C LEU B 357 -7.66 17.87 -7.70
N LEU B 358 -8.03 18.98 -7.07
CA LEU B 358 -9.15 19.79 -7.56
C LEU B 358 -8.78 20.64 -8.76
N THR B 359 -7.53 20.59 -9.16
CA THR B 359 -7.11 21.30 -10.34
C THR B 359 -6.76 20.32 -11.46
N PHE B 360 -6.83 19.03 -11.17
CA PHE B 360 -6.49 18.00 -12.15
C PHE B 360 -7.53 17.84 -13.26
N GLY B 361 -8.80 17.85 -12.89
CA GLY B 361 -9.85 17.67 -13.88
C GLY B 361 -11.17 18.36 -13.55
N GLN B 362 -12.21 17.99 -14.29
CA GLN B 362 -13.57 18.46 -14.05
C GLN B 362 -14.48 17.37 -13.51
N PHE B 363 -15.05 17.63 -12.35
CA PHE B 363 -15.80 16.65 -11.57
C PHE B 363 -17.29 16.75 -11.84
N SER B 364 -17.95 15.60 -11.97
CA SER B 364 -19.40 15.61 -12.12
C SER B 364 -20.10 15.95 -10.80
N CYS B 365 -19.53 15.52 -9.66
CA CYS B 365 -20.14 15.76 -8.36
C CYS B 365 -19.19 15.73 -7.17
N ILE B 366 -19.29 16.73 -6.31
CA ILE B 366 -18.50 16.79 -5.08
C ILE B 366 -19.39 16.61 -3.85
N LYS B 367 -19.28 15.46 -3.19
CA LYS B 367 -20.09 15.13 -2.00
C LYS B 367 -19.31 15.26 -0.70
N GLY B 368 -19.75 16.12 0.21
CA GLY B 368 -19.06 16.28 1.46
C GLY B 368 -20.01 16.56 2.59
N ASN B 369 -19.59 16.35 3.82
CA ASN B 369 -20.42 16.69 4.96
C ASN B 369 -20.24 18.17 5.34
N SER B 370 -20.99 18.62 6.35
CA SER B 370 -21.03 20.03 6.75
C SER B 370 -19.69 20.74 7.07
N SER B 371 -18.68 20.01 7.54
CA SER B 371 -17.34 20.59 7.73
C SER B 371 -16.62 20.75 6.40
N GLU B 372 -16.52 19.64 5.67
CA GLU B 372 -15.97 19.64 4.33
C GLU B 372 -16.69 20.62 3.39
N ILE B 373 -18.01 20.73 3.50
CA ILE B 373 -18.74 21.59 2.56
C ILE B 373 -18.64 23.07 2.92
N LEU B 374 -18.21 23.36 4.13
CA LEU B 374 -17.92 24.74 4.52
C LEU B 374 -16.48 25.09 4.18
N GLY B 375 -15.57 24.17 4.49
CA GLY B 375 -14.17 24.33 4.17
C GLY B 375 -13.96 24.68 2.70
N LEU B 376 -14.69 24.01 1.81
CA LEU B 376 -14.57 24.27 0.38
C LEU B 376 -15.17 25.60 -0.02
N ALA B 377 -16.27 25.98 0.63
CA ALA B 377 -16.86 27.27 0.37
C ALA B 377 -16.02 28.35 1.01
N GLU B 378 -14.95 27.94 1.69
CA GLU B 378 -14.09 28.87 2.41
C GLU B 378 -14.87 29.46 3.61
N LEU B 379 -14.83 28.70 4.72
CA LEU B 379 -15.77 28.81 5.88
C LEU B 379 -17.04 29.64 5.64
N SER B 394 -24.58 25.64 12.10
CA SER B 394 -25.76 26.43 11.74
C SER B 394 -26.52 25.79 10.56
N ASN B 395 -27.47 26.48 9.93
CA ASN B 395 -28.32 25.80 8.94
C ASN B 395 -28.65 26.47 7.59
N GLU B 396 -28.96 27.77 7.62
CA GLU B 396 -29.25 28.48 6.38
C GLU B 396 -27.92 28.54 5.72
N LEU B 397 -26.91 28.64 6.59
CA LEU B 397 -25.51 28.73 6.21
C LEU B 397 -25.16 27.59 5.27
N LEU B 398 -25.48 26.37 5.71
CA LEU B 398 -25.20 25.16 4.93
C LEU B 398 -25.87 25.17 3.56
N ILE B 399 -26.89 25.99 3.38
CA ILE B 399 -27.55 26.10 2.09
C ILE B 399 -26.79 27.08 1.21
N GLN B 400 -26.33 28.16 1.82
CA GLN B 400 -25.52 29.17 1.17
C GLN B 400 -24.23 28.50 0.71
N ALA B 401 -23.76 27.58 1.54
CA ALA B 401 -22.46 26.92 1.36
C ALA B 401 -22.45 25.90 0.23
N THR B 402 -23.32 24.90 0.32
CA THR B 402 -23.44 23.92 -0.76
C THR B 402 -23.59 24.61 -2.12
N LYS B 403 -24.31 25.74 -2.12
CA LYS B 403 -24.56 26.46 -3.36
C LYS B 403 -23.28 27.05 -3.91
N ILE B 404 -22.41 27.55 -3.03
CA ILE B 404 -21.10 28.04 -3.45
C ILE B 404 -20.29 26.92 -4.10
N VAL B 405 -19.91 25.93 -3.28
CA VAL B 405 -19.16 24.77 -3.75
C VAL B 405 -19.74 24.15 -5.00
N ALA B 406 -21.05 24.19 -5.17
CA ALA B 406 -21.61 23.61 -6.39
C ALA B 406 -21.17 24.42 -7.59
N PHE B 407 -21.19 25.73 -7.43
CA PHE B 407 -20.91 26.69 -8.51
C PHE B 407 -19.41 26.83 -8.70
N LYS B 408 -18.72 27.15 -7.62
CA LYS B 408 -17.29 27.41 -7.65
C LYS B 408 -16.55 26.36 -8.48
N TYR B 409 -16.83 25.09 -8.23
CA TYR B 409 -16.20 24.01 -8.98
C TYR B 409 -17.08 23.44 -10.08
N LYS B 410 -18.01 24.28 -10.55
CA LYS B 410 -18.91 23.92 -11.65
C LYS B 410 -19.40 22.48 -11.55
N THR B 411 -20.02 22.16 -10.42
CA THR B 411 -20.48 20.81 -10.16
C THR B 411 -21.79 20.77 -9.39
N VAL B 412 -22.40 19.60 -9.37
CA VAL B 412 -23.48 19.30 -8.44
C VAL B 412 -22.81 18.95 -7.12
N ALA B 413 -22.96 19.81 -6.14
CA ALA B 413 -22.37 19.59 -4.83
C ALA B 413 -23.42 19.01 -3.90
N VAL B 414 -23.01 18.10 -3.03
CA VAL B 414 -23.94 17.49 -2.09
C VAL B 414 -23.43 17.63 -0.67
N CYS B 415 -24.28 18.11 0.22
CA CYS B 415 -23.86 18.32 1.61
C CYS B 415 -24.63 17.44 2.55
N THR B 416 -23.99 16.37 3.02
CA THR B 416 -24.67 15.39 3.86
C THR B 416 -24.88 15.86 5.30
N GLY B 417 -26.12 15.72 5.77
CA GLY B 417 -26.48 16.04 7.14
C GLY B 417 -27.79 15.41 7.57
N GLU B 418 -28.53 16.12 8.42
CA GLU B 418 -29.89 15.70 8.76
C GLU B 418 -30.75 16.01 7.57
N PHE B 419 -30.43 17.15 6.96
CA PHE B 419 -30.94 17.50 5.65
C PHE B 419 -29.76 17.41 4.68
N ASP B 420 -29.87 16.54 3.67
CA ASP B 420 -28.95 16.54 2.55
C ASP B 420 -29.42 17.62 1.58
N PHE B 421 -28.54 18.58 1.28
CA PHE B 421 -28.81 19.61 0.29
C PHE B 421 -28.12 19.25 -1.01
N ILE B 422 -28.72 19.59 -2.14
CA ILE B 422 -28.15 19.22 -3.42
C ILE B 422 -28.19 20.38 -4.42
N ALA B 423 -27.16 21.24 -4.41
CA ALA B 423 -27.08 22.35 -5.35
C ALA B 423 -26.48 21.94 -6.70
N ASP B 424 -26.90 22.66 -7.75
CA ASP B 424 -26.44 22.40 -9.11
C ASP B 424 -25.76 23.66 -9.63
N GLY B 425 -24.47 23.57 -9.88
CA GLY B 425 -23.72 24.73 -10.30
C GLY B 425 -23.07 24.57 -11.66
N THR B 426 -23.54 23.61 -12.45
CA THR B 426 -22.90 23.33 -13.73
C THR B 426 -23.28 24.31 -14.84
N ILE B 427 -24.39 25.02 -14.68
CA ILE B 427 -24.78 26.01 -15.69
C ILE B 427 -24.76 25.47 -17.13
N GLU B 428 -25.17 24.21 -17.31
CA GLU B 428 -25.29 23.59 -18.64
C GLU B 428 -23.99 23.43 -19.47
N GLY B 429 -22.86 23.76 -18.87
CA GLY B 429 -21.57 23.63 -19.53
C GLY B 429 -21.15 24.89 -20.27
N LYS B 430 -21.75 26.01 -19.90
CA LYS B 430 -21.51 27.29 -20.56
C LYS B 430 -20.34 28.10 -19.98
N TYR B 431 -19.56 28.70 -20.88
CA TYR B 431 -18.59 29.72 -20.48
C TYR B 431 -18.48 30.73 -21.59
N SER B 432 -17.92 31.88 -21.26
CA SER B 432 -17.72 32.95 -22.22
C SER B 432 -16.47 33.69 -21.84
N LEU B 433 -16.00 34.53 -22.73
CA LEU B 433 -14.91 35.40 -22.36
C LEU B 433 -15.48 36.64 -21.69
N SER B 434 -14.97 36.93 -20.50
CA SER B 434 -15.18 38.22 -19.80
C SER B 434 -16.57 38.85 -19.73
N LYS B 435 -17.60 38.05 -19.98
CA LYS B 435 -18.98 38.49 -19.98
C LYS B 435 -19.47 37.58 -18.87
N GLY B 436 -18.59 36.67 -18.46
CA GLY B 436 -18.85 35.76 -17.34
C GLY B 436 -19.88 34.70 -17.66
N THR B 437 -20.88 34.58 -16.80
CA THR B 437 -22.10 33.90 -17.16
C THR B 437 -23.18 34.97 -17.08
N ASN B 438 -24.08 34.99 -18.05
CA ASN B 438 -25.17 35.97 -18.01
C ASN B 438 -25.73 36.07 -16.57
N GLY B 439 -25.07 36.87 -15.74
CA GLY B 439 -25.42 37.09 -14.34
C GLY B 439 -26.18 35.98 -13.61
N THR B 440 -25.54 34.83 -13.46
CA THR B 440 -26.15 33.67 -12.77
C THR B 440 -25.33 33.31 -11.54
N SER B 441 -25.41 34.17 -10.52
CA SER B 441 -24.49 34.09 -9.39
C SER B 441 -24.45 32.76 -8.62
N VAL B 442 -23.66 32.76 -7.56
CA VAL B 442 -23.52 31.62 -6.66
C VAL B 442 -24.71 31.64 -5.68
N GLU B 443 -25.60 32.60 -5.88
CA GLU B 443 -26.76 32.79 -5.03
C GLU B 443 -27.99 32.14 -5.65
N ASP B 444 -28.09 32.22 -6.97
CA ASP B 444 -29.29 31.77 -7.67
C ASP B 444 -29.08 30.57 -8.60
N ILE B 445 -28.61 29.46 -8.03
CA ILE B 445 -28.64 28.17 -8.73
C ILE B 445 -29.60 27.20 -8.01
N PRO B 446 -30.15 26.22 -8.76
CA PRO B 446 -31.04 25.19 -8.21
C PRO B 446 -30.49 24.37 -7.04
N CYS B 447 -30.90 24.69 -5.81
CA CYS B 447 -30.55 23.92 -4.61
C CYS B 447 -31.81 23.33 -3.95
N VAL B 448 -31.70 22.10 -3.44
CA VAL B 448 -32.85 21.38 -2.88
C VAL B 448 -32.55 20.83 -1.49
N ALA B 449 -33.45 19.98 -0.97
CA ALA B 449 -33.30 19.38 0.38
C ALA B 449 -33.99 18.02 0.53
N VAL B 450 -33.23 16.99 0.93
CA VAL B 450 -33.79 15.66 1.12
C VAL B 450 -33.69 15.28 2.59
N GLU B 451 -34.84 15.07 3.23
CA GLU B 451 -34.87 14.70 4.65
C GLU B 451 -35.86 13.61 5.00
N ALA B 452 -35.63 12.97 6.14
CA ALA B 452 -36.56 12.02 6.73
C ALA B 452 -36.38 12.06 8.23
N GLY B 453 -36.15 13.28 8.74
CA GLY B 453 -35.94 13.54 10.14
C GLY B 453 -34.78 12.81 10.79
N PRO B 454 -34.54 13.08 12.07
CA PRO B 454 -33.53 12.46 12.94
C PRO B 454 -33.23 10.98 12.66
N ILE B 455 -31.99 10.70 12.29
CA ILE B 455 -31.50 9.34 12.08
C ILE B 455 -30.03 9.27 12.53
N GLU B 456 -29.77 9.69 13.76
CA GLU B 456 -28.41 9.80 14.28
C GLU B 456 -27.53 8.61 13.94
N ILE B 457 -28.15 7.43 13.97
CA ILE B 457 -27.48 6.16 13.80
C ILE B 457 -26.93 5.92 12.37
N MET B 458 -26.96 6.95 11.53
CA MET B 458 -26.27 6.88 10.25
C MET B 458 -24.91 7.53 10.41
N GLY B 459 -24.79 8.37 11.44
CA GLY B 459 -23.54 9.03 11.74
C GLY B 459 -22.64 8.11 12.52
N ASP B 460 -23.22 6.99 12.96
CA ASP B 460 -22.52 6.04 13.82
C ASP B 460 -22.18 4.74 13.08
N ILE B 461 -22.11 4.81 11.77
CA ILE B 461 -21.59 3.72 10.93
C ILE B 461 -20.44 4.29 10.08
N THR B 462 -19.44 3.48 9.75
CA THR B 462 -18.31 3.96 8.93
C THR B 462 -18.52 3.80 7.42
N ALA B 463 -17.95 4.74 6.67
CA ALA B 463 -18.07 4.76 5.21
C ALA B 463 -19.48 5.17 4.78
N SER B 464 -20.20 5.84 5.68
CA SER B 464 -21.57 6.23 5.45
C SER B 464 -21.66 7.27 4.33
N GLY B 465 -20.86 8.33 4.43
CA GLY B 465 -20.80 9.35 3.40
C GLY B 465 -20.04 8.84 2.19
N CYS B 466 -18.94 8.11 2.44
CA CYS B 466 -18.20 7.45 1.38
C CYS B 466 -19.15 6.60 0.54
N SER B 467 -20.16 6.03 1.21
CA SER B 467 -21.12 5.12 0.57
C SER B 467 -22.29 5.84 -0.12
N LEU B 468 -22.65 7.02 0.37
CA LEU B 468 -23.59 7.86 -0.38
C LEU B 468 -22.93 8.16 -1.73
N GLY B 469 -21.60 8.19 -1.72
CA GLY B 469 -20.82 8.37 -2.93
C GLY B 469 -21.00 7.21 -3.88
N SER B 470 -20.76 5.99 -3.41
CA SER B 470 -20.95 4.81 -4.25
C SER B 470 -22.35 4.82 -4.87
N THR B 471 -23.32 5.33 -4.11
CA THR B 471 -24.71 5.38 -4.57
C THR B 471 -24.93 6.46 -5.64
N ILE B 472 -24.83 7.74 -5.27
CA ILE B 472 -24.80 8.83 -6.24
C ILE B 472 -24.10 8.37 -7.51
N ALA B 473 -22.92 7.77 -7.32
CA ALA B 473 -22.11 7.28 -8.42
C ALA B 473 -22.78 6.27 -9.34
N CYS B 474 -23.57 5.34 -8.79
CA CYS B 474 -24.22 4.33 -9.63
C CYS B 474 -25.34 4.92 -10.44
N MET B 475 -25.97 5.94 -9.89
CA MET B 475 -27.04 6.62 -10.57
C MET B 475 -26.46 7.30 -11.79
N ILE B 476 -25.47 8.16 -11.57
CA ILE B 476 -24.85 8.90 -12.66
C ILE B 476 -24.33 8.01 -13.80
N GLY B 477 -23.76 6.87 -13.44
CA GLY B 477 -23.19 5.96 -14.41
C GLY B 477 -24.22 5.41 -15.36
N GLY B 478 -25.39 5.08 -14.82
CA GLY B 478 -26.47 4.48 -15.59
C GLY B 478 -27.20 5.42 -16.53
N GLN B 479 -26.99 6.73 -16.38
CA GLN B 479 -27.57 7.71 -17.29
C GLN B 479 -27.00 7.58 -18.69
N PRO B 480 -27.85 7.76 -19.70
CA PRO B 480 -27.44 7.80 -21.10
C PRO B 480 -27.22 9.27 -21.49
N SER B 481 -26.78 9.52 -22.71
CA SER B 481 -26.56 10.89 -23.19
C SER B 481 -27.73 11.80 -22.78
N GLU B 482 -28.93 11.43 -23.17
CA GLU B 482 -30.12 12.23 -22.94
C GLU B 482 -30.53 12.29 -21.48
N GLY B 483 -29.77 11.62 -20.62
CA GLY B 483 -30.03 11.66 -19.18
C GLY B 483 -29.88 13.07 -18.63
N ASN B 484 -30.17 13.23 -17.35
CA ASN B 484 -29.88 14.50 -16.69
C ASN B 484 -29.11 14.30 -15.40
N LEU B 485 -27.99 15.00 -15.30
CA LEU B 485 -27.08 14.85 -14.18
C LEU B 485 -27.64 15.27 -12.84
N PHE B 486 -28.41 16.35 -12.79
CA PHE B 486 -28.91 16.81 -11.51
C PHE B 486 -29.83 15.78 -10.86
N HIS B 487 -30.78 15.25 -11.61
CA HIS B 487 -31.71 14.27 -11.06
C HIS B 487 -31.02 12.99 -10.60
N ALA B 488 -30.01 12.57 -11.35
CA ALA B 488 -29.30 11.32 -11.02
C ALA B 488 -28.62 11.40 -9.66
N VAL B 489 -28.22 12.60 -9.27
CA VAL B 489 -27.66 12.82 -7.94
C VAL B 489 -28.79 12.91 -6.94
N VAL B 490 -29.69 13.85 -7.18
CA VAL B 490 -30.88 13.98 -6.35
C VAL B 490 -31.61 12.64 -6.23
N ALA B 491 -31.53 11.80 -7.27
CA ALA B 491 -32.00 10.42 -7.16
C ALA B 491 -31.20 9.67 -6.11
N GLY B 492 -29.92 9.47 -6.35
CA GLY B 492 -29.06 8.85 -5.36
C GLY B 492 -29.26 9.25 -3.90
N VAL B 493 -29.43 10.53 -3.62
CA VAL B 493 -29.52 11.00 -2.23
C VAL B 493 -30.82 10.59 -1.55
N MET B 494 -31.85 10.32 -2.36
CA MET B 494 -33.11 9.79 -1.85
C MET B 494 -32.94 8.32 -1.50
N LEU B 495 -32.85 7.49 -2.53
CA LEU B 495 -32.59 6.07 -2.40
C LEU B 495 -31.71 5.73 -1.20
N TYR B 496 -30.82 6.63 -0.84
CA TYR B 496 -29.91 6.38 0.27
C TYR B 496 -30.56 6.82 1.58
N LYS B 497 -31.08 8.06 1.61
CA LYS B 497 -31.76 8.55 2.80
C LYS B 497 -32.94 7.64 3.08
N ALA B 498 -33.56 7.17 2.00
CA ALA B 498 -34.68 6.22 2.06
C ALA B 498 -34.28 4.91 2.70
N ALA B 499 -33.37 4.17 2.06
CA ALA B 499 -32.85 2.92 2.61
C ALA B 499 -32.21 3.11 3.99
N GLY B 500 -32.03 4.35 4.39
CA GLY B 500 -31.38 4.64 5.65
C GLY B 500 -32.40 4.74 6.75
N LYS B 501 -33.58 5.25 6.43
CA LYS B 501 -34.69 5.33 7.39
C LYS B 501 -35.08 3.90 7.75
N ILE B 502 -35.26 3.06 6.73
CA ILE B 502 -35.54 1.63 6.95
C ILE B 502 -34.56 0.94 7.89
N ALA B 503 -33.31 0.82 7.47
CA ALA B 503 -32.34 0.13 8.31
C ALA B 503 -32.46 0.62 9.75
N SER B 504 -32.56 1.94 9.93
CA SER B 504 -32.62 2.54 11.26
C SER B 504 -33.79 1.99 12.08
N GLU B 505 -34.84 1.57 11.39
CA GLU B 505 -36.00 1.01 12.04
C GLU B 505 -35.77 -0.48 12.32
N LYS B 506 -35.30 -1.21 11.32
CA LYS B 506 -35.19 -2.68 11.42
C LYS B 506 -33.94 -3.21 12.14
N CYS B 507 -33.29 -2.38 12.94
CA CYS B 507 -31.97 -2.70 13.46
C CYS B 507 -31.94 -2.75 14.99
N ASN B 508 -30.87 -3.29 15.56
CA ASN B 508 -30.69 -3.25 17.02
C ASN B 508 -29.61 -2.25 17.47
N GLY B 509 -28.73 -1.87 16.53
CA GLY B 509 -27.65 -0.90 16.78
C GLY B 509 -26.92 -0.44 15.53
N SER B 510 -25.59 -0.48 15.59
CA SER B 510 -24.74 -0.10 14.46
C SER B 510 -24.53 -1.30 13.56
N GLY B 511 -23.67 -2.21 14.00
CA GLY B 511 -23.49 -3.49 13.32
C GLY B 511 -24.65 -3.94 12.45
N SER B 512 -25.82 -4.13 13.03
CA SER B 512 -26.92 -4.58 12.21
C SER B 512 -27.42 -3.45 11.31
N PHE B 513 -27.37 -2.21 11.81
CA PHE B 513 -27.75 -1.11 10.96
C PHE B 513 -27.12 -1.24 9.58
N GLN B 514 -25.82 -1.52 9.53
CA GLN B 514 -25.11 -1.56 8.24
C GLN B 514 -25.77 -2.62 7.37
N VAL B 515 -25.84 -3.85 7.89
CA VAL B 515 -26.35 -4.96 7.09
C VAL B 515 -27.81 -4.78 6.64
N GLU B 516 -28.62 -4.07 7.42
CA GLU B 516 -30.00 -3.79 7.02
C GLU B 516 -30.05 -2.64 6.02
N LEU B 517 -29.06 -1.75 6.05
CA LEU B 517 -28.99 -0.66 5.07
C LEU B 517 -28.65 -1.23 3.69
N ILE B 518 -27.61 -2.07 3.62
CA ILE B 518 -27.26 -2.73 2.37
C ILE B 518 -28.46 -3.52 1.83
N ASP B 519 -29.21 -4.14 2.73
CA ASP B 519 -30.45 -4.81 2.35
C ASP B 519 -31.47 -3.83 1.78
N ALA B 520 -31.80 -2.80 2.56
CA ALA B 520 -32.80 -1.83 2.15
C ALA B 520 -32.51 -1.26 0.77
N LEU B 521 -31.23 -1.19 0.41
CA LEU B 521 -30.85 -0.73 -0.93
C LEU B 521 -31.07 -1.85 -1.94
N TYR B 522 -30.63 -3.05 -1.60
CA TYR B 522 -30.79 -4.14 -2.53
C TYR B 522 -32.25 -4.32 -2.90
N ARG B 523 -33.13 -4.03 -1.95
CA ARG B 523 -34.58 -4.19 -2.05
C ARG B 523 -35.29 -2.98 -2.64
N LEU B 524 -35.12 -1.83 -2.00
CA LEU B 524 -35.67 -0.58 -2.52
C LEU B 524 -35.59 -0.47 -4.05
N THR B 525 -34.48 -0.94 -4.62
CA THR B 525 -34.18 -0.78 -6.05
C THR B 525 -34.86 -1.80 -6.95
N ARG B 526 -34.74 -3.10 -6.62
CA ARG B 526 -35.45 -4.11 -7.40
C ARG B 526 -36.97 -3.96 -7.38
N GLU B 527 -37.52 -3.38 -6.32
CA GLU B 527 -38.95 -3.10 -6.30
C GLU B 527 -39.26 -1.81 -7.08
N ASN B 528 -38.38 -0.82 -6.97
CA ASN B 528 -38.41 0.32 -7.89
C ASN B 528 -39.74 1.09 -7.87
N THR B 529 -40.29 1.27 -6.68
CA THR B 529 -41.57 1.95 -6.58
C THR B 529 -41.44 3.17 -5.69
N PRO B 530 -40.73 4.17 -6.17
CA PRO B 530 -40.41 5.45 -5.52
C PRO B 530 -41.58 6.07 -4.76
N VAL B 531 -42.83 5.83 -5.18
CA VAL B 531 -44.00 6.40 -4.51
C VAL B 531 -44.02 6.10 -2.98
N THR B 532 -43.36 5.00 -2.61
CA THR B 532 -43.15 4.54 -1.24
C THR B 532 -42.20 5.39 -0.35
N TRP B 533 -41.02 5.69 -0.88
CA TRP B 533 -39.84 6.20 -0.17
C TRP B 533 -39.96 7.35 0.85
N ALA B 534 -39.70 7.01 2.10
CA ALA B 534 -39.59 7.93 3.25
C ALA B 534 -39.30 9.43 3.04
N PRO B 535 -38.20 9.75 2.33
CA PRO B 535 -37.73 11.14 2.35
C PRO B 535 -38.61 12.17 1.60
N LYS B 536 -38.78 13.34 2.23
CA LYS B 536 -39.49 14.48 1.66
C LYS B 536 -38.51 15.39 0.94
N LEU B 537 -38.84 15.75 -0.30
CA LEU B 537 -37.96 16.60 -1.13
C LEU B 537 -38.42 18.07 -1.19
N THR B 538 -37.80 18.94 -0.38
CA THR B 538 -38.20 20.35 -0.31
C THR B 538 -37.44 21.25 -1.32
N HIS B 539 -37.59 22.57 -1.19
CA HIS B 539 -36.84 23.55 -1.98
C HIS B 539 -36.04 24.40 -1.00
N THR B 540 -34.80 24.72 -1.35
CA THR B 540 -33.94 25.54 -0.48
C THR B 540 -34.34 27.01 -0.57
N LYS C 2 29.62 -39.69 -39.38
CA LYS C 2 28.37 -38.97 -39.61
C LYS C 2 27.30 -39.52 -38.67
N PHE C 3 26.28 -38.71 -38.41
CA PHE C 3 25.12 -39.20 -37.68
C PHE C 3 23.89 -39.22 -38.59
N SER C 4 22.94 -40.09 -38.27
CA SER C 4 21.64 -40.06 -38.92
C SER C 4 20.68 -39.21 -38.09
N LYS C 5 19.98 -38.29 -38.73
CA LYS C 5 19.02 -37.45 -38.04
C LYS C 5 18.35 -38.25 -36.92
N GLU C 6 18.05 -39.51 -37.22
CA GLU C 6 17.36 -40.40 -36.29
C GLU C 6 18.25 -41.01 -35.20
N GLN C 7 19.31 -40.30 -34.85
CA GLN C 7 20.27 -40.79 -33.84
C GLN C 7 20.61 -39.70 -32.84
N PHE C 8 19.93 -38.57 -32.98
CA PHE C 8 20.16 -37.41 -32.13
C PHE C 8 19.30 -37.49 -30.88
N ASP C 9 19.93 -37.69 -29.73
CA ASP C 9 19.21 -37.75 -28.46
C ASP C 9 19.25 -36.41 -27.76
N TYR C 10 18.18 -35.64 -27.90
CA TYR C 10 18.15 -34.27 -27.40
C TYR C 10 18.01 -34.15 -25.88
N SER C 11 17.98 -35.28 -25.18
CA SER C 11 17.81 -35.30 -23.72
C SER C 11 18.32 -34.05 -23.00
N LEU C 12 19.63 -34.05 -22.74
CA LEU C 12 20.34 -32.92 -22.14
C LEU C 12 21.19 -32.29 -23.23
N TYR C 13 20.86 -31.07 -23.63
CA TYR C 13 21.46 -30.42 -24.80
C TYR C 13 22.24 -29.19 -24.38
N LEU C 14 23.56 -29.33 -24.33
CA LEU C 14 24.43 -28.28 -23.80
C LEU C 14 24.85 -27.26 -24.87
N VAL C 15 24.40 -26.01 -24.72
CA VAL C 15 24.78 -24.92 -25.63
C VAL C 15 25.76 -23.97 -24.93
N THR C 16 26.94 -23.78 -25.53
CA THR C 16 28.03 -23.11 -24.83
C THR C 16 28.00 -21.58 -24.87
N ASP C 17 28.91 -20.98 -24.12
CA ASP C 17 29.16 -19.55 -24.13
C ASP C 17 30.46 -19.29 -23.37
N SER C 18 31.58 -19.41 -24.08
CA SER C 18 32.92 -19.36 -23.47
C SER C 18 33.07 -18.28 -22.40
N GLY C 19 32.69 -17.06 -22.76
CA GLY C 19 32.83 -15.91 -21.88
C GLY C 19 31.99 -15.97 -20.63
N MET C 20 32.23 -17.01 -19.83
CA MET C 20 31.58 -17.18 -18.53
C MET C 20 32.09 -18.47 -17.90
N ILE C 21 33.34 -18.82 -18.23
CA ILE C 21 33.98 -20.00 -17.68
C ILE C 21 34.65 -19.73 -16.33
N PRO C 22 34.41 -20.61 -15.35
CA PRO C 22 35.02 -20.49 -14.04
C PRO C 22 36.54 -20.59 -14.19
N GLU C 23 37.27 -19.69 -13.53
CA GLU C 23 38.74 -19.69 -13.59
C GLU C 23 39.29 -21.05 -13.17
N GLY C 24 40.47 -21.38 -13.70
CA GLY C 24 41.07 -22.66 -13.38
C GLY C 24 40.22 -23.78 -13.92
N LYS C 25 39.70 -23.54 -15.12
CA LYS C 25 38.83 -24.47 -15.81
C LYS C 25 38.79 -24.09 -17.28
N THR C 26 38.72 -25.11 -18.13
CA THR C 26 38.63 -24.89 -19.56
C THR C 26 37.18 -25.01 -20.05
N LEU C 27 36.99 -25.01 -21.37
CA LEU C 27 35.70 -25.34 -21.97
C LEU C 27 35.68 -26.83 -22.16
N TYR C 28 36.65 -27.32 -22.92
CA TYR C 28 36.92 -28.75 -22.98
C TYR C 28 36.73 -29.35 -21.58
N GLY C 29 37.21 -28.63 -20.56
CA GLY C 29 37.17 -29.11 -19.21
C GLY C 29 35.77 -29.34 -18.69
N GLN C 30 34.86 -28.42 -19.03
CA GLN C 30 33.46 -28.49 -18.61
C GLN C 30 32.66 -29.42 -19.52
N VAL C 31 32.78 -29.20 -20.82
CA VAL C 31 32.13 -30.04 -21.81
C VAL C 31 32.55 -31.50 -21.74
N GLU C 32 33.55 -31.81 -20.93
CA GLU C 32 33.98 -33.20 -20.78
C GLU C 32 33.26 -33.85 -19.59
N ALA C 33 33.07 -33.08 -18.53
CA ALA C 33 32.31 -33.55 -17.39
C ALA C 33 30.87 -33.75 -17.84
N GLY C 34 30.45 -32.93 -18.81
CA GLY C 34 29.07 -32.95 -19.27
C GLY C 34 28.75 -34.11 -20.19
N LEU C 35 29.77 -34.66 -20.83
CA LEU C 35 29.58 -35.84 -21.65
C LEU C 35 29.81 -37.07 -20.79
N GLN C 36 29.59 -36.92 -19.48
CA GLN C 36 29.67 -38.04 -18.52
C GLN C 36 28.47 -38.03 -17.55
N THR C 40 24.58 -35.62 -23.17
CA THR C 40 24.34 -35.84 -24.62
C THR C 40 24.31 -34.54 -25.41
N LEU C 41 23.80 -34.58 -26.64
CA LEU C 41 23.95 -33.50 -27.64
C LEU C 41 24.59 -32.14 -27.22
N VAL C 42 25.58 -31.66 -28.01
CA VAL C 42 26.31 -30.39 -27.76
C VAL C 42 26.33 -29.36 -28.91
N GLN C 43 26.11 -28.09 -28.58
CA GLN C 43 26.17 -27.01 -29.55
C GLN C 43 27.18 -25.93 -29.16
N ILE C 44 27.81 -25.30 -30.15
CA ILE C 44 28.89 -24.35 -29.92
C ILE C 44 28.57 -22.91 -30.34
N ARG C 45 28.50 -22.02 -29.37
CA ARG C 45 28.13 -20.65 -29.64
C ARG C 45 29.30 -19.73 -29.35
N GLU C 46 29.73 -19.03 -30.39
CA GLU C 46 30.77 -18.03 -30.28
C GLU C 46 30.41 -16.82 -31.12
N LYS C 47 29.51 -16.00 -30.57
CA LYS C 47 28.99 -14.83 -31.29
C LYS C 47 29.96 -13.65 -31.19
N ASP C 48 31.23 -13.92 -30.87
CA ASP C 48 32.21 -12.85 -30.67
C ASP C 48 33.60 -13.14 -31.22
N ALA C 49 34.13 -14.32 -30.90
CA ALA C 49 35.53 -14.66 -31.21
C ALA C 49 35.98 -14.47 -32.66
N ASP C 50 37.21 -14.89 -32.93
CA ASP C 50 37.79 -14.87 -34.26
C ASP C 50 37.40 -16.15 -34.95
N THR C 51 36.82 -16.02 -36.14
CA THR C 51 36.34 -17.17 -36.89
C THR C 51 37.40 -18.25 -36.99
N LYS C 52 38.65 -17.89 -36.72
CA LYS C 52 39.76 -18.84 -36.80
C LYS C 52 40.05 -19.53 -35.48
N PHE C 53 40.03 -18.77 -34.38
CA PHE C 53 40.11 -19.40 -33.08
C PHE C 53 38.85 -20.24 -32.92
N PHE C 54 37.74 -19.70 -33.42
CA PHE C 54 36.49 -20.42 -33.44
C PHE C 54 36.78 -21.80 -34.01
N ILE C 55 37.28 -21.85 -35.24
CA ILE C 55 37.48 -23.13 -35.93
C ILE C 55 38.40 -24.07 -35.17
N GLU C 56 39.48 -23.54 -34.63
CA GLU C 56 40.36 -24.34 -33.81
C GLU C 56 39.58 -24.87 -32.62
N GLU C 57 38.78 -24.01 -32.00
CA GLU C 57 38.01 -24.40 -30.83
C GLU C 57 36.97 -25.44 -31.18
N ALA C 58 36.38 -25.29 -32.36
CA ALA C 58 35.33 -26.19 -32.82
C ALA C 58 35.89 -27.59 -33.04
N LEU C 59 37.13 -27.66 -33.50
CA LEU C 59 37.77 -28.93 -33.78
C LEU C 59 38.18 -29.65 -32.51
N GLN C 60 38.78 -28.91 -31.59
CA GLN C 60 39.17 -29.47 -30.29
C GLN C 60 37.98 -30.20 -29.67
N ILE C 61 36.79 -29.67 -29.86
CA ILE C 61 35.58 -30.21 -29.23
C ILE C 61 34.84 -31.26 -30.06
N LYS C 62 34.88 -31.13 -31.38
CA LYS C 62 34.25 -32.10 -32.24
C LYS C 62 34.77 -33.50 -31.92
N GLU C 63 36.07 -33.57 -31.62
CA GLU C 63 36.68 -34.85 -31.27
C GLU C 63 36.17 -35.34 -29.92
N LEU C 64 36.18 -34.45 -28.93
CA LEU C 64 35.71 -34.76 -27.58
C LEU C 64 34.34 -35.42 -27.62
N CYS C 65 33.43 -34.79 -28.35
CA CYS C 65 32.08 -35.30 -28.55
C CYS C 65 32.09 -36.67 -29.22
N HIS C 66 32.60 -36.73 -30.45
CA HIS C 66 32.69 -37.98 -31.19
C HIS C 66 33.26 -39.13 -30.36
N ALA C 67 34.02 -38.80 -29.34
CA ALA C 67 34.60 -39.81 -28.48
C ALA C 67 33.54 -40.43 -27.54
N HIS C 68 32.58 -39.61 -27.13
CA HIS C 68 31.44 -40.07 -26.33
C HIS C 68 30.21 -40.34 -27.23
N ASN C 69 30.46 -40.45 -28.52
CA ASN C 69 29.44 -40.76 -29.52
C ASN C 69 28.39 -39.68 -29.74
N VAL C 70 28.49 -38.59 -29.00
CA VAL C 70 27.56 -37.48 -29.19
C VAL C 70 28.02 -36.47 -30.24
N PRO C 71 27.09 -36.00 -31.07
CA PRO C 71 27.36 -35.06 -32.16
C PRO C 71 27.53 -33.60 -31.69
N LEU C 72 27.87 -32.71 -32.63
CA LEU C 72 28.08 -31.28 -32.34
C LEU C 72 27.32 -30.38 -33.31
N ILE C 73 26.90 -29.21 -32.84
CA ILE C 73 26.19 -28.26 -33.68
C ILE C 73 26.74 -26.84 -33.51
N ILE C 74 26.79 -26.09 -34.60
CA ILE C 74 27.46 -24.79 -34.57
C ILE C 74 26.50 -23.68 -34.19
N ASN C 75 26.42 -22.64 -35.02
CA ASN C 75 25.52 -21.52 -34.76
C ASN C 75 25.79 -20.35 -35.69
N ASP C 76 24.75 -19.90 -36.40
CA ASP C 76 24.89 -18.79 -37.33
C ASP C 76 26.01 -19.03 -38.33
N ARG C 77 27.15 -19.48 -37.83
CA ARG C 77 28.30 -19.76 -38.67
C ARG C 77 28.13 -21.07 -39.43
N ILE C 78 27.44 -21.01 -40.58
CA ILE C 78 27.19 -22.19 -41.39
C ILE C 78 28.46 -22.64 -42.10
N ASP C 79 29.33 -21.69 -42.43
CA ASP C 79 30.57 -22.00 -43.11
C ASP C 79 31.44 -22.82 -42.15
N VAL C 80 31.75 -22.24 -40.99
CA VAL C 80 32.47 -22.93 -39.93
C VAL C 80 31.96 -24.34 -39.79
N ALA C 81 30.64 -24.47 -39.75
CA ALA C 81 30.00 -25.76 -39.64
C ALA C 81 30.50 -26.68 -40.75
N MET C 82 30.13 -26.37 -41.99
CA MET C 82 30.62 -27.12 -43.14
C MET C 82 32.13 -27.35 -42.99
N ALA C 83 32.88 -26.27 -43.02
CA ALA C 83 34.33 -26.32 -42.93
C ALA C 83 34.86 -27.45 -42.05
N ILE C 84 34.17 -27.78 -40.97
CA ILE C 84 34.73 -28.74 -40.02
C ILE C 84 33.95 -30.03 -39.85
N GLY C 85 33.16 -30.39 -40.86
CA GLY C 85 32.33 -31.60 -40.79
C GLY C 85 31.51 -31.62 -39.51
N ALA C 86 30.78 -30.53 -39.30
CA ALA C 86 29.92 -30.36 -38.14
C ALA C 86 28.68 -31.21 -38.35
N ASP C 87 28.11 -31.72 -37.25
CA ASP C 87 26.97 -32.63 -37.31
C ASP C 87 25.64 -31.94 -37.58
N GLY C 88 25.48 -30.74 -37.02
CA GLY C 88 24.32 -29.91 -37.29
C GLY C 88 24.67 -28.44 -37.16
N ILE C 89 23.74 -27.57 -37.54
CA ILE C 89 23.94 -26.14 -37.37
C ILE C 89 22.64 -25.52 -36.89
N HIS C 90 22.71 -24.66 -35.88
CA HIS C 90 21.50 -24.08 -35.30
C HIS C 90 21.49 -22.58 -35.59
N VAL C 91 20.44 -22.12 -36.25
CA VAL C 91 20.36 -20.70 -36.60
C VAL C 91 19.10 -20.05 -36.04
N GLY C 92 19.13 -18.72 -35.96
CA GLY C 92 18.04 -17.96 -35.36
C GLY C 92 17.07 -17.34 -36.34
N GLN C 93 16.00 -16.77 -35.80
CA GLN C 93 14.92 -16.22 -36.61
C GLN C 93 15.38 -15.05 -37.48
N ASP C 94 16.56 -14.53 -37.16
CA ASP C 94 17.13 -13.42 -37.90
C ASP C 94 18.51 -13.77 -38.41
N ASP C 95 18.82 -15.07 -38.45
CA ASP C 95 20.02 -15.53 -39.13
C ASP C 95 19.60 -15.96 -40.55
N MET C 96 20.38 -16.82 -41.18
CA MET C 96 20.16 -17.15 -42.60
C MET C 96 18.89 -17.97 -42.87
N PRO C 97 18.13 -17.61 -43.92
CA PRO C 97 16.98 -18.40 -44.36
C PRO C 97 17.30 -19.89 -44.43
N ILE C 98 16.34 -20.70 -43.98
CA ILE C 98 16.51 -22.15 -43.90
C ILE C 98 16.82 -22.77 -45.24
N PRO C 99 16.06 -22.39 -46.28
CA PRO C 99 16.32 -22.83 -47.66
C PRO C 99 17.79 -22.65 -48.01
N MET C 100 18.23 -21.40 -48.14
CA MET C 100 19.63 -21.09 -48.46
C MET C 100 20.57 -22.09 -47.81
N ILE C 101 20.42 -22.26 -46.50
CA ILE C 101 21.27 -23.15 -45.74
C ILE C 101 21.22 -24.59 -46.23
N ARG C 102 20.04 -25.08 -46.54
CA ARG C 102 19.91 -26.45 -47.01
C ARG C 102 20.52 -26.57 -48.41
N LYS C 103 20.52 -25.44 -49.14
CA LYS C 103 21.16 -25.38 -50.47
C LYS C 103 22.66 -25.60 -50.34
N LEU C 104 23.24 -25.14 -49.23
CA LEU C 104 24.68 -25.24 -49.01
C LEU C 104 25.05 -26.52 -48.28
N VAL C 105 24.46 -26.72 -47.12
CA VAL C 105 24.78 -27.89 -46.31
C VAL C 105 24.24 -29.17 -46.94
N GLY C 106 23.12 -29.05 -47.66
CA GLY C 106 22.47 -30.20 -48.28
C GLY C 106 22.04 -31.21 -47.24
N PRO C 107 21.09 -32.11 -47.58
CA PRO C 107 20.47 -33.05 -46.63
C PRO C 107 21.51 -33.87 -45.86
N ASP C 108 21.05 -34.68 -44.89
CA ASP C 108 21.95 -35.51 -44.06
C ASP C 108 22.36 -34.79 -42.77
N MET C 109 22.35 -33.46 -42.81
CA MET C 109 22.81 -32.67 -41.67
C MET C 109 21.64 -31.96 -41.01
N VAL C 110 21.67 -31.95 -39.68
CA VAL C 110 20.59 -31.42 -38.85
C VAL C 110 20.51 -29.90 -38.87
N ILE C 111 19.30 -29.36 -38.97
CA ILE C 111 19.13 -27.91 -38.89
C ILE C 111 18.24 -27.54 -37.71
N GLY C 112 18.82 -26.84 -36.73
CA GLY C 112 18.04 -26.32 -35.63
C GLY C 112 17.39 -25.02 -36.07
N TRP C 113 16.28 -24.68 -35.45
CA TRP C 113 15.70 -23.36 -35.69
C TRP C 113 15.10 -22.80 -34.41
N SER C 114 15.43 -21.55 -34.10
CA SER C 114 14.83 -20.90 -32.94
C SER C 114 13.41 -20.46 -33.24
N VAL C 115 12.44 -21.14 -32.64
CA VAL C 115 11.02 -20.79 -32.80
C VAL C 115 10.46 -20.21 -31.50
N GLY C 116 9.45 -19.35 -31.61
CA GLY C 116 8.87 -18.74 -30.44
C GLY C 116 7.38 -18.48 -30.62
N PHE C 117 6.98 -18.30 -31.88
CA PHE C 117 5.58 -18.06 -32.24
C PHE C 117 5.02 -19.25 -33.03
N PRO C 118 3.70 -19.33 -33.17
CA PRO C 118 3.16 -20.40 -33.99
C PRO C 118 3.30 -20.07 -35.48
N GLU C 119 3.21 -18.79 -35.83
CA GLU C 119 3.42 -18.34 -37.22
C GLU C 119 4.70 -18.89 -37.79
N GLU C 120 5.62 -19.22 -36.91
CA GLU C 120 6.91 -19.74 -37.30
C GLU C 120 6.89 -21.26 -37.46
N VAL C 121 6.00 -21.94 -36.76
CA VAL C 121 5.90 -23.38 -36.95
C VAL C 121 5.18 -23.60 -38.27
N ASP C 122 4.30 -22.66 -38.60
CA ASP C 122 3.55 -22.77 -39.83
C ASP C 122 4.51 -22.72 -41.02
N GLU C 123 5.37 -21.70 -41.05
CA GLU C 123 6.45 -21.59 -42.04
C GLU C 123 7.31 -22.85 -42.08
N LEU C 124 7.71 -23.30 -40.89
CA LEU C 124 8.51 -24.50 -40.69
C LEU C 124 7.97 -25.70 -41.46
N SER C 125 6.64 -25.80 -41.48
CA SER C 125 5.95 -26.95 -42.01
C SER C 125 5.68 -26.80 -43.50
N LYS C 126 5.29 -25.60 -43.91
CA LYS C 126 5.20 -25.26 -45.32
C LYS C 126 6.55 -25.46 -46.03
N MET C 127 7.47 -26.18 -45.41
CA MET C 127 8.78 -26.45 -46.00
C MET C 127 9.02 -27.94 -45.94
N GLY C 128 8.26 -28.60 -45.07
CA GLY C 128 8.23 -30.03 -45.01
C GLY C 128 9.55 -30.62 -44.54
N PRO C 129 9.64 -31.96 -44.55
CA PRO C 129 10.76 -32.70 -43.97
C PRO C 129 12.10 -32.34 -44.61
N ASP C 130 13.19 -32.73 -43.97
CA ASP C 130 14.54 -32.43 -44.45
C ASP C 130 14.93 -30.94 -44.35
N MET C 131 14.18 -30.18 -43.55
CA MET C 131 14.44 -28.76 -43.36
C MET C 131 13.93 -28.34 -42.00
N VAL C 132 14.84 -27.91 -41.13
CA VAL C 132 14.50 -27.72 -39.73
C VAL C 132 14.14 -29.09 -39.17
N ASP C 133 15.13 -29.88 -38.76
CA ASP C 133 14.85 -31.20 -38.23
C ASP C 133 14.81 -31.14 -36.71
N TYR C 134 14.43 -29.97 -36.20
CA TYR C 134 14.26 -29.72 -34.76
C TYR C 134 14.26 -28.22 -34.47
N ILE C 135 13.60 -27.81 -33.39
CA ILE C 135 13.57 -26.41 -33.01
C ILE C 135 13.94 -26.20 -31.55
N GLY C 136 14.18 -24.97 -31.17
CA GLY C 136 14.46 -24.64 -29.79
C GLY C 136 13.40 -23.64 -29.42
N VAL C 137 12.53 -24.02 -28.50
CA VAL C 137 11.32 -23.26 -28.25
C VAL C 137 11.56 -21.95 -27.49
N GLY C 138 11.48 -20.86 -28.25
CA GLY C 138 11.49 -19.48 -27.78
C GLY C 138 12.49 -19.21 -26.69
N THR C 139 12.28 -18.14 -25.93
CA THR C 139 12.91 -18.06 -24.62
C THR C 139 11.85 -18.22 -23.56
N LEU C 140 11.82 -19.37 -22.92
CA LEU C 140 10.86 -19.63 -21.87
C LEU C 140 10.86 -18.55 -20.78
N PHE C 141 12.01 -18.38 -20.13
CA PHE C 141 12.15 -17.36 -19.09
C PHE C 141 13.47 -16.57 -19.28
N PRO C 142 13.46 -15.27 -18.97
CA PRO C 142 14.63 -14.40 -19.21
C PRO C 142 15.70 -14.42 -18.13
N MET C 154 6.89 -14.89 -21.90
CA MET C 154 6.44 -15.95 -22.81
C MET C 154 6.09 -17.23 -22.07
N GLY C 155 7.09 -17.85 -21.46
CA GLY C 155 6.88 -18.98 -20.58
C GLY C 155 6.31 -20.23 -21.21
N THR C 156 5.83 -21.15 -20.37
CA THR C 156 5.26 -22.42 -20.81
C THR C 156 3.97 -22.25 -21.61
N ALA C 157 3.08 -21.42 -21.09
CA ALA C 157 1.89 -21.02 -21.82
C ALA C 157 2.15 -20.94 -23.33
N GLY C 158 3.22 -20.22 -23.70
CA GLY C 158 3.56 -19.99 -25.10
C GLY C 158 4.47 -21.03 -25.72
N ALA C 159 4.88 -22.01 -24.91
CA ALA C 159 5.58 -23.18 -25.39
C ALA C 159 4.53 -24.18 -25.89
N ILE C 160 3.40 -24.21 -25.22
CA ILE C 160 2.30 -25.04 -25.66
C ILE C 160 1.71 -24.48 -26.93
N ARG C 161 1.57 -23.16 -27.00
CA ARG C 161 1.07 -22.55 -28.24
C ARG C 161 1.81 -23.06 -29.48
N VAL C 162 3.06 -23.47 -29.29
CA VAL C 162 3.87 -23.95 -30.40
C VAL C 162 3.80 -25.47 -30.52
N LEU C 163 4.01 -26.16 -29.39
CA LEU C 163 3.82 -27.60 -29.33
C LEU C 163 2.53 -28.01 -30.03
N ASP C 164 1.60 -27.07 -30.06
CA ASP C 164 0.29 -27.30 -30.65
C ASP C 164 0.28 -27.12 -32.16
N ALA C 165 0.70 -25.95 -32.62
CA ALA C 165 0.84 -25.69 -34.04
C ALA C 165 1.60 -26.83 -34.72
N LEU C 166 2.55 -27.41 -33.99
CA LEU C 166 3.33 -28.55 -34.47
C LEU C 166 2.48 -29.79 -34.68
N GLU C 167 1.44 -29.93 -33.87
CA GLU C 167 0.60 -31.11 -33.91
C GLU C 167 -0.59 -30.83 -34.85
N ARG C 168 -0.91 -29.56 -34.99
CA ARG C 168 -1.97 -29.09 -35.87
C ARG C 168 -1.42 -29.06 -37.29
N ASN C 169 -0.14 -29.39 -37.43
CA ASN C 169 0.54 -29.43 -38.73
C ASN C 169 1.26 -30.73 -39.00
N ASN C 170 0.82 -31.82 -38.34
CA ASN C 170 1.60 -33.07 -38.28
C ASN C 170 2.99 -32.89 -38.85
N ALA C 171 3.81 -32.09 -38.18
CA ALA C 171 5.23 -32.00 -38.49
C ALA C 171 5.96 -32.98 -37.58
N HIS C 172 5.79 -34.26 -37.89
CA HIS C 172 6.24 -35.35 -37.03
C HIS C 172 7.74 -35.54 -37.09
N TRP C 173 8.40 -34.87 -38.05
CA TRP C 173 9.84 -34.98 -38.22
C TRP C 173 10.57 -34.10 -37.21
N CYS C 174 10.05 -32.88 -37.10
CA CYS C 174 10.55 -31.82 -36.23
C CYS C 174 10.57 -32.16 -34.74
N ARG C 175 11.76 -32.29 -34.15
CA ARG C 175 11.87 -32.49 -32.70
C ARG C 175 11.96 -31.14 -31.98
N THR C 176 11.82 -31.14 -30.67
CA THR C 176 11.85 -29.89 -29.89
C THR C 176 12.77 -29.92 -28.67
N VAL C 177 13.23 -28.75 -28.25
CA VAL C 177 13.97 -28.61 -27.00
C VAL C 177 13.60 -27.28 -26.37
N GLY C 178 13.44 -27.25 -25.05
CA GLY C 178 13.13 -26.03 -24.36
C GLY C 178 14.41 -25.30 -24.05
N ILE C 179 14.40 -23.99 -24.19
CA ILE C 179 15.63 -23.23 -23.96
C ILE C 179 15.43 -21.81 -23.42
N GLY C 180 16.20 -21.46 -22.40
CA GLY C 180 16.19 -20.09 -21.91
C GLY C 180 15.68 -19.93 -20.50
N GLY C 181 16.57 -20.02 -19.52
CA GLY C 181 16.18 -19.83 -18.14
C GLY C 181 16.10 -21.17 -17.45
N LEU C 182 16.33 -22.23 -18.22
CA LEU C 182 16.16 -23.59 -17.70
C LEU C 182 17.19 -23.94 -16.64
N HIS C 183 16.73 -24.06 -15.40
CA HIS C 183 17.60 -24.45 -14.29
C HIS C 183 16.88 -25.51 -13.44
N PRO C 184 17.57 -26.10 -12.45
CA PRO C 184 16.97 -27.17 -11.63
C PRO C 184 15.76 -26.74 -10.79
N ASP C 185 15.64 -25.44 -10.54
CA ASP C 185 14.54 -24.88 -9.76
C ASP C 185 13.29 -24.64 -10.61
N ASN C 186 13.25 -25.24 -11.81
CA ASN C 186 12.15 -25.01 -12.74
C ASN C 186 12.14 -25.95 -13.95
N ILE C 187 12.99 -26.96 -13.93
CA ILE C 187 13.13 -27.87 -15.07
C ILE C 187 12.00 -28.91 -15.12
N GLU C 188 11.64 -29.43 -13.95
CA GLU C 188 10.56 -30.41 -13.88
C GLU C 188 9.24 -29.76 -14.26
N ARG C 189 8.95 -28.60 -13.68
CA ARG C 189 7.76 -27.84 -14.08
C ARG C 189 7.69 -27.61 -15.57
N VAL C 190 8.83 -27.39 -16.21
CA VAL C 190 8.84 -27.04 -17.63
C VAL C 190 8.66 -28.27 -18.47
N LEU C 191 9.32 -29.34 -18.09
CA LEU C 191 9.15 -30.61 -18.77
C LEU C 191 7.71 -31.11 -18.62
N TYR C 192 7.12 -30.76 -17.49
CA TYR C 192 5.87 -31.36 -17.05
C TYR C 192 4.63 -30.69 -17.62
N GLN C 193 4.62 -29.37 -17.68
CA GLN C 193 3.49 -28.66 -18.25
C GLN C 193 3.71 -28.22 -19.71
N CYS C 194 4.86 -28.59 -20.28
CA CYS C 194 5.12 -28.34 -21.71
C CYS C 194 4.82 -29.54 -22.58
N VAL C 195 3.53 -29.84 -22.70
CA VAL C 195 3.03 -30.93 -23.54
C VAL C 195 1.94 -30.40 -24.44
N SER C 196 1.81 -31.03 -25.61
CA SER C 196 0.86 -30.63 -26.64
C SER C 196 -0.51 -30.53 -26.03
N SER C 197 -1.45 -29.87 -26.70
CA SER C 197 -2.83 -29.81 -26.18
C SER C 197 -3.53 -31.17 -26.21
N ASN C 198 -3.13 -32.02 -27.16
CA ASN C 198 -3.68 -33.36 -27.29
C ASN C 198 -2.90 -34.39 -26.48
N GLY C 199 -2.03 -33.90 -25.61
CA GLY C 199 -1.22 -34.76 -24.77
C GLY C 199 -0.46 -35.83 -25.52
N LYS C 200 -0.13 -35.59 -26.78
CA LYS C 200 0.59 -36.58 -27.57
C LYS C 200 2.08 -36.25 -27.77
N ARG C 201 2.43 -34.97 -27.64
CA ARG C 201 3.81 -34.54 -27.84
C ARG C 201 4.31 -33.59 -26.74
N SER C 202 5.41 -33.96 -26.11
CA SER C 202 6.07 -33.11 -25.12
C SER C 202 7.44 -32.74 -25.67
N LEU C 203 8.24 -32.07 -24.85
CA LEU C 203 9.59 -31.66 -25.25
C LEU C 203 10.52 -32.85 -25.38
N ASP C 204 11.34 -32.85 -26.42
CA ASP C 204 12.26 -33.96 -26.67
C ASP C 204 13.53 -33.86 -25.81
N GLY C 205 13.80 -32.66 -25.30
CA GLY C 205 14.95 -32.44 -24.41
C GLY C 205 15.14 -30.99 -23.97
N ILE C 206 16.09 -30.78 -23.06
CA ILE C 206 16.37 -29.45 -22.54
C ILE C 206 17.71 -28.85 -23.02
N CYS C 207 17.75 -27.53 -23.21
CA CYS C 207 19.00 -26.81 -23.40
C CYS C 207 19.43 -26.12 -22.12
N VAL C 208 20.61 -26.47 -21.61
CA VAL C 208 21.19 -25.76 -20.47
C VAL C 208 22.47 -25.03 -20.87
N VAL C 209 22.67 -23.85 -20.29
CA VAL C 209 23.85 -23.06 -20.56
C VAL C 209 24.60 -22.73 -19.27
N SER C 210 24.15 -21.67 -18.60
CA SER C 210 24.81 -21.14 -17.42
C SER C 210 25.00 -22.19 -16.35
N ASP C 211 24.30 -23.31 -16.49
CA ASP C 211 24.19 -24.24 -15.37
C ASP C 211 25.14 -25.44 -15.39
N ILE C 212 25.69 -25.75 -16.55
CA ILE C 212 26.76 -26.73 -16.62
C ILE C 212 28.08 -25.98 -16.80
N ILE C 213 28.07 -24.94 -17.61
CA ILE C 213 29.31 -24.19 -17.87
C ILE C 213 29.90 -23.45 -16.67
N ALA C 214 29.11 -22.57 -16.05
CA ALA C 214 29.61 -21.72 -14.97
C ALA C 214 29.64 -22.45 -13.63
N SER C 215 29.53 -23.76 -13.70
CA SER C 215 29.52 -24.61 -12.52
C SER C 215 30.93 -24.86 -12.00
N LEU C 216 31.09 -24.76 -10.68
CA LEU C 216 32.35 -25.08 -10.03
C LEU C 216 32.50 -26.61 -9.92
N ASP C 217 31.47 -27.33 -10.36
CA ASP C 217 31.51 -28.80 -10.46
C ASP C 217 30.55 -29.33 -11.52
N ALA C 218 30.88 -29.07 -12.79
CA ALA C 218 30.10 -29.55 -13.92
C ALA C 218 29.84 -31.05 -13.83
N ALA C 219 30.80 -31.76 -13.24
CA ALA C 219 30.66 -33.20 -13.05
C ALA C 219 29.32 -33.50 -12.41
N LYS C 220 29.03 -32.77 -11.34
CA LYS C 220 27.88 -33.02 -10.47
C LYS C 220 26.63 -32.29 -10.95
N SER C 221 26.81 -31.14 -11.61
CA SER C 221 25.66 -30.41 -12.12
C SER C 221 24.98 -31.20 -13.23
N THR C 222 25.77 -31.89 -14.03
CA THR C 222 25.26 -32.73 -15.11
C THR C 222 24.49 -33.92 -14.55
N LYS C 223 24.98 -34.49 -13.46
CA LYS C 223 24.27 -35.57 -12.80
C LYS C 223 22.89 -35.09 -12.36
N ILE C 224 22.86 -33.99 -11.60
CA ILE C 224 21.61 -33.44 -11.09
C ILE C 224 20.61 -33.08 -12.18
N LEU C 225 21.09 -32.67 -13.34
CA LEU C 225 20.19 -32.37 -14.44
C LEU C 225 19.69 -33.66 -15.06
N ARG C 226 20.52 -34.70 -15.06
CA ARG C 226 20.00 -36.00 -15.45
C ARG C 226 18.85 -36.38 -14.53
N GLY C 227 19.15 -36.47 -13.23
CA GLY C 227 18.16 -36.78 -12.21
C GLY C 227 16.76 -36.29 -12.54
N LEU C 228 16.63 -35.02 -12.87
CA LEU C 228 15.32 -34.43 -13.20
C LEU C 228 14.81 -34.85 -14.58
N ILE C 229 15.70 -34.88 -15.57
CA ILE C 229 15.29 -34.99 -16.96
C ILE C 229 14.67 -36.31 -17.38
N ASP C 230 15.09 -37.43 -16.77
CA ASP C 230 14.54 -38.72 -17.16
C ASP C 230 13.82 -39.47 -16.03
N LYS C 231 13.79 -38.83 -14.85
CA LYS C 231 12.77 -39.12 -13.87
C LYS C 231 11.44 -38.82 -14.56
N THR C 232 10.34 -39.07 -13.88
CA THR C 232 9.03 -38.97 -14.52
C THR C 232 7.90 -38.63 -13.53
N ASP C 233 8.28 -38.03 -12.42
CA ASP C 233 7.37 -37.80 -11.31
C ASP C 233 7.62 -36.44 -10.68
N TYR C 234 6.77 -35.46 -11.01
CA TYR C 234 6.81 -34.16 -10.37
C TYR C 234 5.84 -34.06 -9.18
N LYS C 235 6.25 -34.47 -7.99
CA LYS C 235 5.37 -34.35 -6.82
C LYS C 235 5.32 -32.91 -6.27
N PHE C 236 4.72 -31.99 -7.03
CA PHE C 236 4.83 -30.55 -6.74
C PHE C 236 4.12 -30.07 -5.47
N VAL C 237 3.17 -30.87 -5.00
CA VAL C 237 2.45 -30.60 -3.77
C VAL C 237 2.30 -31.91 -3.02
N ASN C 238 2.49 -31.82 -1.70
CA ASN C 238 2.52 -32.98 -0.83
C ASN C 238 1.15 -33.63 -0.59
N ILE C 239 0.39 -33.83 -1.66
CA ILE C 239 -0.98 -34.35 -1.58
C ILE C 239 -1.24 -35.40 -2.66
N GLY C 240 -2.15 -36.32 -2.39
CA GLY C 240 -2.52 -37.37 -3.32
C GLY C 240 -3.04 -36.79 -4.62
N LEU C 241 -2.36 -37.11 -5.71
CA LEU C 241 -2.73 -36.57 -7.02
C LEU C 241 -3.44 -37.59 -7.93
N SER C 242 -3.66 -38.79 -7.41
CA SER C 242 -4.26 -39.89 -8.18
C SER C 242 -5.46 -39.42 -8.98
N THR C 243 -5.55 -39.90 -10.22
CA THR C 243 -6.70 -39.58 -11.07
C THR C 243 -7.94 -40.28 -10.52
N LYS C 244 -8.83 -39.49 -9.92
CA LYS C 244 -10.06 -40.01 -9.37
C LYS C 244 -11.17 -39.93 -10.42
N ASN C 245 -11.97 -41.00 -10.51
CA ASN C 245 -12.97 -41.08 -11.54
C ASN C 245 -14.38 -41.23 -10.98
N SER C 246 -14.49 -41.88 -9.82
CA SER C 246 -15.77 -41.96 -9.14
C SER C 246 -16.10 -40.64 -8.44
N LEU C 247 -17.37 -40.26 -8.47
CA LEU C 247 -17.79 -39.02 -7.84
C LEU C 247 -17.32 -38.97 -6.40
N THR C 248 -17.02 -37.77 -5.94
CA THR C 248 -16.69 -37.59 -4.54
C THR C 248 -17.85 -38.20 -3.74
N THR C 249 -17.53 -38.98 -2.71
CA THR C 249 -18.57 -39.57 -1.87
C THR C 249 -18.77 -38.77 -0.57
N THR C 250 -19.93 -38.94 0.04
CA THR C 250 -20.27 -38.23 1.27
C THR C 250 -19.32 -38.59 2.40
N ASP C 251 -18.87 -39.84 2.42
CA ASP C 251 -17.89 -40.30 3.40
C ASP C 251 -16.61 -39.51 3.25
N GLU C 252 -16.35 -39.13 2.00
CA GLU C 252 -15.10 -38.47 1.63
C GLU C 252 -15.14 -36.96 1.94
N ILE C 253 -16.17 -36.26 1.46
CA ILE C 253 -16.34 -34.83 1.76
C ILE C 253 -16.39 -34.61 3.27
N GLN C 254 -16.73 -35.68 3.98
CA GLN C 254 -16.88 -35.65 5.43
C GLN C 254 -15.52 -35.72 6.08
N SER C 255 -14.70 -36.64 5.58
CA SER C 255 -13.35 -36.82 6.08
C SER C 255 -12.50 -35.63 5.69
N ILE C 256 -12.70 -35.13 4.48
CA ILE C 256 -12.00 -33.93 4.02
C ILE C 256 -12.19 -32.88 5.12
N ILE C 257 -13.45 -32.54 5.41
CA ILE C 257 -13.78 -31.59 6.46
C ILE C 257 -13.19 -31.99 7.81
N SER C 258 -13.35 -33.24 8.16
CA SER C 258 -12.82 -33.73 9.44
C SER C 258 -11.32 -33.52 9.53
N ASN C 259 -10.65 -33.55 8.38
CA ASN C 259 -9.20 -33.36 8.34
C ASN C 259 -8.82 -31.90 8.51
N THR C 260 -9.46 -31.02 7.74
CA THR C 260 -9.13 -29.59 7.77
C THR C 260 -9.54 -28.94 9.08
N LEU C 261 -10.49 -29.56 9.77
CA LEU C 261 -10.85 -29.09 11.09
C LEU C 261 -9.77 -29.46 12.10
N LYS C 262 -9.30 -30.70 11.97
CA LYS C 262 -8.40 -31.34 12.92
C LYS C 262 -6.95 -30.88 12.74
N ALA C 263 -6.63 -30.36 11.55
CA ALA C 263 -5.29 -29.88 11.21
C ALA C 263 -5.18 -28.35 11.23
N ARG C 264 -6.31 -27.67 11.08
CA ARG C 264 -6.40 -26.23 11.25
C ARG C 264 -5.40 -25.47 10.37
N PRO C 265 -5.50 -25.65 9.03
CA PRO C 265 -4.52 -25.13 8.08
C PRO C 265 -4.23 -23.65 8.25
N LEU C 266 -3.01 -23.24 7.92
CA LEU C 266 -2.68 -21.83 7.79
C LEU C 266 -2.82 -21.40 6.32
N VAL C 267 -3.73 -20.47 6.09
CA VAL C 267 -4.01 -20.00 4.76
C VAL C 267 -3.53 -18.56 4.65
N GLN C 268 -2.43 -18.35 3.93
CA GLN C 268 -1.95 -17.02 3.66
C GLN C 268 -2.71 -16.39 2.50
N HIS C 269 -3.11 -15.14 2.65
CA HIS C 269 -3.93 -14.47 1.65
C HIS C 269 -3.26 -13.25 0.97
N ILE C 270 -2.64 -13.48 -0.18
CA ILE C 270 -2.34 -12.31 -0.99
C ILE C 270 -3.59 -12.06 -1.80
N THR C 271 -4.28 -10.97 -1.48
CA THR C 271 -5.53 -10.70 -2.15
C THR C 271 -5.91 -9.24 -2.16
N ASN C 272 -6.66 -8.82 -3.18
CA ASN C 272 -7.14 -7.45 -3.27
C ASN C 272 -7.80 -6.96 -1.97
N LYS C 273 -8.11 -5.67 -1.90
CA LYS C 273 -8.48 -5.04 -0.64
C LYS C 273 -9.92 -5.31 -0.15
N VAL C 274 -10.86 -5.56 -1.06
CA VAL C 274 -12.21 -5.84 -0.64
C VAL C 274 -12.33 -7.21 0.05
N HIS C 275 -11.66 -8.21 -0.52
CA HIS C 275 -11.78 -9.58 -0.03
C HIS C 275 -10.97 -9.78 1.25
N GLN C 276 -10.34 -8.70 1.71
CA GLN C 276 -9.43 -8.78 2.86
C GLN C 276 -10.12 -9.28 4.13
N ASN C 277 -11.23 -8.66 4.51
CA ASN C 277 -11.91 -9.04 5.75
C ASN C 277 -12.84 -10.22 5.54
N PHE C 278 -13.58 -10.20 4.44
CA PHE C 278 -14.49 -11.28 4.09
C PHE C 278 -13.77 -12.63 4.25
N GLY C 279 -12.90 -12.95 3.30
CA GLY C 279 -12.23 -14.24 3.30
C GLY C 279 -11.40 -14.47 4.54
N ALA C 280 -11.18 -13.42 5.33
CA ALA C 280 -10.50 -13.60 6.59
C ALA C 280 -11.39 -14.48 7.43
N ASN C 281 -12.65 -14.06 7.59
CA ASN C 281 -13.65 -14.81 8.32
C ASN C 281 -14.01 -16.15 7.68
N VAL C 282 -14.31 -16.16 6.39
CA VAL C 282 -14.63 -17.40 5.70
C VAL C 282 -13.57 -18.45 5.98
N THR C 283 -12.40 -18.00 6.41
CA THR C 283 -11.30 -18.92 6.68
C THR C 283 -11.34 -19.45 8.10
N LEU C 284 -11.37 -18.58 9.09
CA LEU C 284 -11.45 -19.07 10.47
C LEU C 284 -12.88 -19.56 10.78
N ALA C 285 -13.78 -19.31 9.83
CA ALA C 285 -15.10 -19.90 9.86
C ALA C 285 -15.04 -21.32 9.30
N LEU C 286 -14.02 -21.63 8.51
CA LEU C 286 -13.79 -23.02 8.12
C LEU C 286 -12.90 -23.81 9.10
N GLY C 287 -12.76 -23.28 10.31
CA GLY C 287 -11.92 -23.90 11.32
C GLY C 287 -10.42 -23.89 11.05
N SER C 288 -9.94 -22.93 10.25
CA SER C 288 -8.51 -22.75 10.06
C SER C 288 -8.13 -21.28 10.27
N SER C 289 -6.85 -20.99 10.50
CA SER C 289 -6.42 -19.61 10.73
C SER C 289 -5.93 -18.91 9.46
N PRO C 290 -6.18 -17.60 9.35
CA PRO C 290 -5.87 -16.84 8.15
C PRO C 290 -4.74 -15.83 8.37
N ILE C 291 -3.78 -15.77 7.44
CA ILE C 291 -2.79 -14.72 7.45
C ILE C 291 -2.93 -13.83 6.24
N MET C 292 -2.98 -12.52 6.48
CA MET C 292 -3.04 -11.54 5.42
C MET C 292 -1.73 -10.78 5.30
N SER C 293 -0.66 -11.49 4.93
CA SER C 293 0.69 -10.94 4.81
C SER C 293 1.18 -10.79 3.37
N GLU C 294 1.56 -9.57 3.01
CA GLU C 294 2.18 -9.31 1.74
C GLU C 294 3.60 -8.79 1.98
N ILE C 295 4.25 -9.43 2.94
CA ILE C 295 5.60 -9.12 3.34
C ILE C 295 6.48 -10.21 2.78
N GLN C 296 7.57 -9.81 2.14
CA GLN C 296 8.47 -10.74 1.47
C GLN C 296 9.34 -11.55 2.40
N SER C 297 10.10 -10.85 3.25
CA SER C 297 10.89 -11.49 4.30
C SER C 297 10.18 -12.67 5.00
N GLU C 298 8.85 -12.58 5.06
CA GLU C 298 8.04 -13.56 5.77
C GLU C 298 7.80 -14.83 4.97
N VAL C 299 7.35 -14.69 3.72
CA VAL C 299 6.95 -15.85 2.93
C VAL C 299 7.68 -17.14 3.29
N ASN C 300 9.01 -17.14 3.25
CA ASN C 300 9.72 -18.39 3.52
C ASN C 300 9.46 -18.94 4.91
N ASP C 301 9.17 -18.05 5.87
CA ASP C 301 8.81 -18.42 7.24
C ASP C 301 7.40 -19.01 7.37
N LEU C 302 6.44 -18.43 6.65
CA LEU C 302 5.04 -18.87 6.68
C LEU C 302 4.84 -20.22 5.96
N ALA C 303 5.17 -20.25 4.68
CA ALA C 303 5.10 -21.49 3.91
C ALA C 303 5.89 -22.63 4.56
N ALA C 304 6.48 -22.38 5.72
CA ALA C 304 7.20 -23.43 6.45
C ALA C 304 6.36 -24.01 7.61
N ILE C 305 5.30 -23.29 7.96
CA ILE C 305 4.36 -23.77 8.96
C ILE C 305 3.74 -25.08 8.49
N PRO C 306 3.45 -25.99 9.44
CA PRO C 306 3.09 -27.38 9.14
C PRO C 306 1.94 -27.61 8.17
N HIS C 307 0.95 -26.73 8.11
CA HIS C 307 -0.10 -26.97 7.12
C HIS C 307 -0.38 -25.82 6.14
N ALA C 308 0.47 -24.80 6.21
CA ALA C 308 0.40 -23.64 5.33
C ALA C 308 -0.21 -23.89 3.94
N THR C 309 -0.91 -22.86 3.47
CA THR C 309 -1.51 -22.83 2.16
C THR C 309 -1.62 -21.41 1.67
N LEU C 310 -1.41 -21.22 0.37
CA LEU C 310 -1.37 -19.90 -0.21
C LEU C 310 -2.56 -19.72 -1.11
N LEU C 311 -3.33 -18.68 -0.83
CA LEU C 311 -4.43 -18.24 -1.66
C LEU C 311 -3.93 -17.00 -2.39
N LEU C 312 -4.13 -16.97 -3.70
CA LEU C 312 -3.54 -15.92 -4.51
C LEU C 312 -4.57 -15.19 -5.36
N ASN C 313 -4.90 -13.98 -4.95
CA ASN C 313 -5.75 -13.11 -5.75
C ASN C 313 -4.92 -12.19 -6.61
N THR C 314 -5.58 -11.52 -7.53
CA THR C 314 -4.86 -10.61 -8.39
C THR C 314 -5.44 -9.21 -8.23
N GLY C 315 -4.82 -8.24 -8.91
CA GLY C 315 -5.26 -6.86 -8.83
C GLY C 315 -4.69 -6.25 -7.58
N SER C 316 -4.54 -7.09 -6.55
CA SER C 316 -3.95 -6.68 -5.28
C SER C 316 -2.77 -5.71 -5.44
N VAL C 317 -2.41 -5.07 -4.34
CA VAL C 317 -1.47 -3.95 -4.33
C VAL C 317 0.01 -4.38 -4.29
N ALA C 318 0.28 -5.64 -3.92
CA ALA C 318 1.65 -6.16 -3.83
C ALA C 318 2.36 -6.27 -5.19
N PRO C 319 3.69 -6.22 -5.18
CA PRO C 319 4.53 -6.21 -6.38
C PRO C 319 4.82 -7.63 -6.89
N PRO C 320 4.84 -7.84 -8.21
CA PRO C 320 5.15 -9.14 -8.83
C PRO C 320 6.36 -9.79 -8.20
N GLU C 321 7.26 -8.97 -7.67
CA GLU C 321 8.47 -9.41 -7.01
C GLU C 321 8.14 -10.31 -5.83
N MET C 322 7.27 -9.82 -4.96
CA MET C 322 6.87 -10.56 -3.77
C MET C 322 5.97 -11.74 -4.13
N LEU C 323 5.15 -11.57 -5.16
CA LEU C 323 4.25 -12.63 -5.61
C LEU C 323 5.04 -13.82 -6.14
N LYS C 324 6.07 -13.55 -6.95
CA LYS C 324 7.00 -14.58 -7.38
C LYS C 324 7.78 -15.09 -6.18
N ALA C 325 8.09 -14.19 -5.25
CA ALA C 325 8.76 -14.54 -4.00
C ALA C 325 7.96 -15.59 -3.23
N ALA C 326 6.65 -15.41 -3.23
CA ALA C 326 5.73 -16.25 -2.49
C ALA C 326 5.40 -17.56 -3.21
N ILE C 327 4.99 -17.45 -4.47
CA ILE C 327 4.73 -18.63 -5.29
C ILE C 327 5.87 -19.62 -5.19
N ARG C 328 7.09 -19.10 -5.32
CA ARG C 328 8.32 -19.90 -5.22
C ARG C 328 8.47 -20.49 -3.81
N ALA C 329 8.38 -19.61 -2.82
CA ALA C 329 8.34 -20.04 -1.42
C ALA C 329 7.61 -21.38 -1.20
N TYR C 330 6.29 -21.39 -1.51
CA TYR C 330 5.42 -22.55 -1.26
C TYR C 330 5.80 -23.75 -2.12
N ASN C 331 6.17 -23.49 -3.36
CA ASN C 331 6.63 -24.58 -4.22
C ASN C 331 7.92 -25.23 -3.75
N ASP C 332 8.80 -24.46 -3.11
CA ASP C 332 10.05 -25.00 -2.60
C ASP C 332 9.77 -26.04 -1.51
N VAL C 333 8.58 -25.92 -0.91
CA VAL C 333 8.17 -26.78 0.20
C VAL C 333 6.92 -27.64 -0.09
N LYS C 334 6.55 -27.76 -1.36
CA LYS C 334 5.47 -28.68 -1.75
C LYS C 334 4.12 -28.41 -1.06
N ARG C 335 3.93 -27.20 -0.54
CA ARG C 335 2.63 -26.80 -0.01
C ARG C 335 1.80 -26.16 -1.13
N PRO C 336 0.47 -26.30 -1.05
CA PRO C 336 -0.46 -26.04 -2.16
C PRO C 336 -0.84 -24.57 -2.40
N ILE C 337 -1.01 -24.20 -3.67
CA ILE C 337 -1.36 -22.84 -4.04
C ILE C 337 -2.70 -22.77 -4.76
N VAL C 338 -3.50 -21.78 -4.39
CA VAL C 338 -4.76 -21.53 -5.08
C VAL C 338 -4.67 -20.19 -5.79
N PHE C 339 -5.15 -20.15 -7.03
CA PHE C 339 -4.92 -19.00 -7.86
C PHE C 339 -6.23 -18.42 -8.39
N ASP C 340 -6.45 -17.14 -8.14
CA ASP C 340 -7.66 -16.48 -8.62
C ASP C 340 -7.32 -15.30 -9.51
N PRO C 341 -7.14 -15.56 -10.81
CA PRO C 341 -6.82 -14.50 -11.77
C PRO C 341 -8.03 -13.64 -12.09
N VAL C 342 -8.05 -12.42 -11.58
CA VAL C 342 -9.15 -11.50 -11.82
C VAL C 342 -9.15 -10.98 -13.25
N GLY C 343 -10.26 -11.17 -13.95
CA GLY C 343 -10.38 -10.72 -15.33
C GLY C 343 -9.13 -11.01 -16.14
N TYR C 344 -9.07 -12.21 -16.70
CA TYR C 344 -7.92 -12.61 -17.52
C TYR C 344 -7.70 -11.64 -18.68
N SER C 345 -8.79 -11.06 -19.16
CA SER C 345 -8.72 -10.11 -20.27
C SER C 345 -9.26 -8.74 -19.87
N ALA C 346 -9.62 -8.60 -18.60
CA ALA C 346 -10.16 -7.35 -18.08
C ALA C 346 -9.51 -6.16 -18.75
N THR C 347 -8.19 -6.03 -18.60
CA THR C 347 -7.45 -4.93 -19.20
C THR C 347 -6.01 -5.33 -19.49
N GLU C 348 -5.46 -4.80 -20.59
CA GLU C 348 -4.09 -5.11 -20.98
C GLU C 348 -3.24 -5.44 -19.78
N THR C 349 -3.19 -4.49 -18.85
CA THR C 349 -2.34 -4.62 -17.67
C THR C 349 -2.56 -5.89 -16.87
N ARG C 350 -3.80 -6.29 -16.63
CA ARG C 350 -4.03 -7.49 -15.82
C ARG C 350 -3.60 -8.73 -16.60
N LEU C 351 -3.87 -8.70 -17.90
CA LEU C 351 -3.52 -9.80 -18.80
C LEU C 351 -2.07 -10.19 -18.65
N LEU C 352 -1.19 -9.20 -18.73
CA LEU C 352 0.23 -9.41 -18.50
C LEU C 352 0.43 -10.04 -17.14
N LEU C 353 0.31 -9.19 -16.12
CA LEU C 353 0.46 -9.54 -14.72
C LEU C 353 0.22 -11.02 -14.48
N ASN C 354 -0.96 -11.50 -14.88
CA ASN C 354 -1.35 -12.90 -14.70
C ASN C 354 -0.55 -13.90 -15.55
N ASN C 355 -0.60 -13.77 -16.88
CA ASN C 355 0.26 -14.62 -17.70
C ASN C 355 1.69 -14.66 -17.17
N LYS C 356 2.12 -13.58 -16.52
CA LYS C 356 3.44 -13.53 -15.93
C LYS C 356 3.55 -14.41 -14.68
N LEU C 357 2.64 -14.24 -13.72
CA LEU C 357 2.70 -15.02 -12.47
C LEU C 357 2.60 -16.51 -12.77
N LEU C 358 1.83 -16.83 -13.80
CA LEU C 358 1.56 -18.21 -14.18
C LEU C 358 2.81 -18.92 -14.68
N THR C 359 3.93 -18.21 -14.66
CA THR C 359 5.20 -18.81 -15.04
C THR C 359 6.17 -18.76 -13.87
N PHE C 360 5.68 -18.38 -12.69
CA PHE C 360 6.54 -18.31 -11.51
C PHE C 360 6.57 -19.61 -10.72
N GLY C 361 5.60 -20.48 -10.99
CA GLY C 361 5.53 -21.74 -10.26
C GLY C 361 4.41 -22.67 -10.72
N GLN C 362 4.16 -23.73 -9.93
CA GLN C 362 3.24 -24.80 -10.28
C GLN C 362 2.04 -24.77 -9.37
N PHE C 363 0.88 -24.42 -9.91
CA PHE C 363 -0.32 -24.21 -9.11
C PHE C 363 -1.09 -25.49 -8.81
N SER C 364 -1.67 -25.53 -7.61
CA SER C 364 -2.51 -26.66 -7.22
C SER C 364 -3.98 -26.47 -7.63
N CYS C 365 -4.41 -25.22 -7.80
CA CYS C 365 -5.73 -24.95 -8.34
C CYS C 365 -5.87 -23.54 -8.91
N ILE C 366 -6.49 -23.45 -10.08
CA ILE C 366 -6.84 -22.16 -10.65
C ILE C 366 -8.36 -22.02 -10.63
N LYS C 367 -8.85 -20.88 -10.15
CA LYS C 367 -10.30 -20.67 -10.01
C LYS C 367 -10.76 -19.37 -10.68
N GLY C 368 -11.77 -19.45 -11.53
CA GLY C 368 -12.25 -18.25 -12.18
C GLY C 368 -13.66 -18.37 -12.68
N ASN C 369 -14.31 -17.24 -12.90
CA ASN C 369 -15.64 -17.24 -13.47
C ASN C 369 -15.59 -17.59 -14.95
N SER C 370 -16.74 -17.58 -15.62
CA SER C 370 -16.83 -17.88 -17.04
C SER C 370 -15.83 -17.09 -17.91
N SER C 371 -15.90 -15.77 -17.85
CA SER C 371 -14.98 -14.90 -18.60
C SER C 371 -13.52 -15.29 -18.34
N GLU C 372 -13.13 -15.28 -17.09
CA GLU C 372 -11.77 -15.64 -16.72
C GLU C 372 -11.38 -17.03 -17.22
N ILE C 373 -12.30 -17.99 -17.21
CA ILE C 373 -11.91 -19.33 -17.65
C ILE C 373 -11.96 -19.50 -19.18
N LEU C 374 -12.63 -18.57 -19.85
CA LEU C 374 -12.56 -18.52 -21.30
C LEU C 374 -11.31 -17.76 -21.71
N GLY C 375 -10.92 -16.81 -20.86
CA GLY C 375 -9.67 -16.11 -21.03
C GLY C 375 -8.50 -17.08 -20.98
N LEU C 376 -8.49 -17.96 -19.98
CA LEU C 376 -7.34 -18.84 -19.79
C LEU C 376 -7.31 -20.01 -20.76
N ALA C 377 -8.47 -20.51 -21.16
CA ALA C 377 -8.53 -21.54 -22.20
C ALA C 377 -8.18 -20.95 -23.57
N GLU C 378 -8.19 -19.62 -23.66
CA GLU C 378 -7.92 -18.89 -24.90
C GLU C 378 -9.16 -18.79 -25.83
N LEU C 379 -10.14 -18.01 -25.35
CA LEU C 379 -11.51 -17.81 -25.90
C LEU C 379 -12.43 -19.06 -25.98
N SER C 394 -22.92 -19.29 -23.49
CA SER C 394 -23.06 -20.70 -23.88
C SER C 394 -22.64 -21.62 -22.75
N ASN C 395 -22.92 -22.92 -22.88
CA ASN C 395 -22.85 -23.81 -21.72
C ASN C 395 -21.98 -25.05 -21.83
N GLU C 396 -22.05 -25.75 -22.95
CA GLU C 396 -21.21 -26.91 -23.16
C GLU C 396 -19.78 -26.42 -23.26
N LEU C 397 -19.68 -25.15 -23.64
CA LEU C 397 -18.41 -24.51 -23.93
C LEU C 397 -17.57 -24.32 -22.68
N LEU C 398 -18.25 -23.98 -21.58
CA LEU C 398 -17.60 -23.78 -20.30
C LEU C 398 -17.04 -25.07 -19.73
N ILE C 399 -17.60 -26.21 -20.15
CA ILE C 399 -17.05 -27.50 -19.76
C ILE C 399 -15.76 -27.81 -20.53
N GLN C 400 -15.83 -27.61 -21.83
CA GLN C 400 -14.67 -27.78 -22.69
C GLN C 400 -13.55 -26.92 -22.13
N ALA C 401 -13.86 -25.64 -21.90
CA ALA C 401 -12.87 -24.64 -21.48
C ALA C 401 -12.26 -24.95 -20.12
N THR C 402 -13.10 -25.30 -19.16
CA THR C 402 -12.59 -25.70 -17.86
C THR C 402 -11.63 -26.86 -17.99
N LYS C 403 -12.00 -27.90 -18.75
CA LYS C 403 -11.09 -29.01 -19.00
C LYS C 403 -9.75 -28.54 -19.60
N ILE C 404 -9.79 -27.52 -20.46
CA ILE C 404 -8.58 -26.98 -21.11
C ILE C 404 -7.62 -26.28 -20.13
N VAL C 405 -8.10 -25.22 -19.49
CA VAL C 405 -7.37 -24.47 -18.48
C VAL C 405 -6.76 -25.38 -17.43
N ALA C 406 -7.49 -26.41 -17.03
CA ALA C 406 -7.01 -27.32 -16.00
C ALA C 406 -6.01 -28.32 -16.55
N PHE C 407 -6.01 -28.51 -17.85
CA PHE C 407 -5.00 -29.38 -18.41
C PHE C 407 -3.77 -28.55 -18.77
N LYS C 408 -3.98 -27.49 -19.56
CA LYS C 408 -2.90 -26.59 -19.96
C LYS C 408 -1.88 -26.38 -18.86
N TYR C 409 -2.36 -25.85 -17.74
CA TYR C 409 -1.52 -25.48 -16.61
C TYR C 409 -1.34 -26.58 -15.56
N LYS C 410 -1.49 -27.84 -15.96
CA LYS C 410 -1.46 -28.98 -15.03
C LYS C 410 -1.99 -28.71 -13.61
N THR C 411 -3.31 -28.61 -13.48
CA THR C 411 -3.92 -28.21 -12.22
C THR C 411 -5.38 -28.60 -12.19
N VAL C 412 -5.97 -28.56 -11.00
CA VAL C 412 -7.41 -28.68 -10.82
C VAL C 412 -8.03 -27.27 -10.99
N ALA C 413 -8.84 -27.06 -12.02
CA ALA C 413 -9.29 -25.72 -12.32
C ALA C 413 -10.77 -25.62 -12.14
N VAL C 414 -11.24 -24.48 -11.67
CA VAL C 414 -12.65 -24.32 -11.30
C VAL C 414 -13.30 -23.14 -11.98
N CYS C 415 -14.27 -23.43 -12.82
CA CYS C 415 -15.13 -22.41 -13.42
C CYS C 415 -16.42 -22.29 -12.61
N THR C 416 -16.69 -21.10 -12.07
CA THR C 416 -17.88 -20.89 -11.25
C THR C 416 -18.99 -20.24 -12.06
N GLY C 417 -20.22 -20.57 -11.74
CA GLY C 417 -21.39 -20.03 -12.41
C GLY C 417 -22.67 -20.52 -11.75
N GLU C 418 -23.66 -20.88 -12.56
CA GLU C 418 -24.83 -21.53 -12.00
C GLU C 418 -24.42 -22.95 -11.68
N PHE C 419 -23.68 -23.53 -12.61
CA PHE C 419 -23.01 -24.78 -12.40
C PHE C 419 -21.55 -24.43 -12.19
N ASP C 420 -20.92 -25.06 -11.19
CA ASP C 420 -19.48 -24.96 -11.02
C ASP C 420 -18.90 -26.20 -11.66
N PHE C 421 -17.88 -26.03 -12.48
CA PHE C 421 -17.27 -27.17 -13.15
C PHE C 421 -15.86 -27.38 -12.62
N ILE C 422 -15.50 -28.63 -12.36
CA ILE C 422 -14.22 -28.89 -11.71
C ILE C 422 -13.41 -29.96 -12.40
N ALA C 423 -12.65 -29.58 -13.43
CA ALA C 423 -11.77 -30.51 -14.13
C ALA C 423 -10.47 -30.76 -13.36
N ASP C 424 -9.92 -31.95 -13.52
CA ASP C 424 -8.63 -32.32 -12.93
C ASP C 424 -7.66 -32.44 -14.08
N GLY C 425 -6.51 -31.80 -13.98
CA GLY C 425 -5.56 -31.82 -15.09
C GLY C 425 -4.18 -32.29 -14.72
N THR C 426 -4.00 -32.68 -13.47
CA THR C 426 -2.67 -32.97 -12.93
C THR C 426 -2.03 -34.23 -13.52
N ILE C 427 -2.81 -35.04 -14.21
CA ILE C 427 -2.34 -36.34 -14.67
C ILE C 427 -1.42 -37.04 -13.68
N GLU C 428 -1.66 -36.85 -12.38
CA GLU C 428 -0.89 -37.53 -11.34
C GLU C 428 0.57 -37.08 -11.23
N GLY C 429 0.87 -35.89 -11.75
CA GLY C 429 2.24 -35.37 -11.74
C GLY C 429 3.20 -36.06 -12.70
N LYS C 430 2.63 -36.63 -13.76
CA LYS C 430 3.43 -37.39 -14.73
C LYS C 430 3.99 -36.51 -15.86
N TYR C 431 5.24 -36.76 -16.22
CA TYR C 431 5.80 -36.20 -17.44
C TYR C 431 6.78 -37.17 -18.04
N SER C 432 7.03 -37.01 -19.33
CA SER C 432 8.05 -37.79 -20.03
C SER C 432 8.69 -36.93 -21.11
N LEU C 433 9.65 -37.50 -21.83
CA LEU C 433 10.29 -36.80 -22.93
C LEU C 433 9.70 -37.22 -24.28
N SER C 434 9.22 -36.24 -25.03
CA SER C 434 8.71 -36.42 -26.40
C SER C 434 7.71 -37.53 -26.66
N LYS C 435 7.31 -38.24 -25.61
CA LYS C 435 6.34 -39.32 -25.72
C LYS C 435 5.12 -38.57 -25.22
N GLY C 436 5.37 -37.36 -24.72
CA GLY C 436 4.32 -36.48 -24.21
C GLY C 436 3.65 -37.09 -23.00
N THR C 437 2.36 -37.34 -23.11
CA THR C 437 1.67 -38.17 -22.14
C THR C 437 0.94 -39.25 -22.93
N ASN C 438 1.11 -40.49 -22.53
CA ASN C 438 0.41 -41.57 -23.22
C ASN C 438 -1.02 -41.16 -23.63
N GLY C 439 -1.13 -40.48 -24.77
CA GLY C 439 -2.39 -39.98 -25.32
C GLY C 439 -3.56 -39.62 -24.39
N THR C 440 -3.29 -38.82 -23.37
CA THR C 440 -4.32 -38.35 -22.46
C THR C 440 -4.51 -36.84 -22.66
N SER C 441 -5.43 -36.49 -23.56
CA SER C 441 -5.59 -35.11 -24.02
C SER C 441 -6.27 -34.15 -23.04
N VAL C 442 -6.67 -32.99 -23.54
CA VAL C 442 -7.37 -31.99 -22.75
C VAL C 442 -8.85 -32.34 -22.77
N GLU C 443 -9.16 -33.46 -23.40
CA GLU C 443 -10.52 -33.81 -23.72
C GLU C 443 -11.03 -34.94 -22.85
N ASP C 444 -10.10 -35.77 -22.40
CA ASP C 444 -10.47 -36.95 -21.62
C ASP C 444 -9.87 -36.99 -20.22
N ILE C 445 -9.73 -35.83 -19.60
CA ILE C 445 -9.52 -35.77 -18.16
C ILE C 445 -10.86 -35.76 -17.43
N PRO C 446 -10.84 -36.11 -16.13
CA PRO C 446 -12.09 -36.03 -15.36
C PRO C 446 -12.58 -34.60 -15.10
N CYS C 447 -13.71 -34.23 -15.66
CA CYS C 447 -14.37 -32.98 -15.27
C CYS C 447 -15.77 -33.22 -14.73
N VAL C 448 -16.10 -32.60 -13.58
CA VAL C 448 -17.43 -32.78 -12.95
C VAL C 448 -18.30 -31.51 -12.92
N ALA C 449 -19.29 -31.47 -12.03
CA ALA C 449 -20.17 -30.31 -11.95
C ALA C 449 -20.99 -30.27 -10.67
N VAL C 450 -21.20 -29.07 -10.13
CA VAL C 450 -21.90 -28.88 -8.86
C VAL C 450 -22.95 -27.78 -8.96
N GLU C 451 -24.20 -28.17 -9.16
CA GLU C 451 -25.30 -27.22 -9.21
C GLU C 451 -26.31 -27.41 -8.09
N ALA C 452 -26.99 -26.33 -7.75
CA ALA C 452 -28.06 -26.37 -6.75
C ALA C 452 -29.12 -25.34 -7.10
N GLY C 453 -29.35 -25.20 -8.41
CA GLY C 453 -30.37 -24.32 -8.94
C GLY C 453 -29.97 -22.86 -8.90
N PRO C 454 -30.79 -22.01 -9.52
CA PRO C 454 -30.60 -20.56 -9.53
C PRO C 454 -30.45 -19.97 -8.12
N ILE C 455 -29.37 -19.21 -7.93
CA ILE C 455 -29.13 -18.42 -6.73
C ILE C 455 -28.47 -17.11 -7.15
N GLU C 456 -29.15 -16.37 -8.02
CA GLU C 456 -28.61 -15.12 -8.58
C GLU C 456 -27.98 -14.24 -7.51
N ILE C 457 -28.59 -14.24 -6.33
CA ILE C 457 -28.19 -13.39 -5.23
C ILE C 457 -26.74 -13.65 -4.76
N MET C 458 -26.06 -14.62 -5.36
CA MET C 458 -24.70 -14.95 -4.94
C MET C 458 -23.63 -14.05 -5.57
N GLY C 459 -23.87 -13.60 -6.80
CA GLY C 459 -22.93 -12.73 -7.48
C GLY C 459 -23.19 -11.27 -7.13
N ASP C 460 -24.30 -11.03 -6.42
CA ASP C 460 -24.71 -9.69 -6.00
C ASP C 460 -24.12 -9.33 -4.63
N ILE C 461 -23.09 -10.09 -4.26
CA ILE C 461 -22.28 -9.81 -3.08
C ILE C 461 -20.84 -9.86 -3.54
N THR C 462 -19.98 -9.01 -2.97
CA THR C 462 -18.60 -8.91 -3.43
C THR C 462 -17.69 -9.94 -2.77
N ALA C 463 -16.63 -10.29 -3.49
CA ALA C 463 -15.61 -11.22 -3.01
C ALA C 463 -16.13 -12.66 -2.95
N SER C 464 -17.17 -12.94 -3.73
CA SER C 464 -17.79 -14.25 -3.69
C SER C 464 -16.88 -15.33 -4.27
N GLY C 465 -16.23 -15.01 -5.38
CA GLY C 465 -15.26 -15.90 -5.99
C GLY C 465 -13.94 -15.97 -5.23
N CYS C 466 -13.52 -14.84 -4.68
CA CYS C 466 -12.35 -14.78 -3.80
C CYS C 466 -12.60 -15.70 -2.59
N SER C 467 -13.86 -15.78 -2.17
CA SER C 467 -14.24 -16.55 -0.98
C SER C 467 -14.47 -18.03 -1.24
N LEU C 468 -14.89 -18.38 -2.45
CA LEU C 468 -14.90 -19.79 -2.82
C LEU C 468 -13.48 -20.30 -2.75
N GLY C 469 -12.53 -19.43 -3.05
CA GLY C 469 -11.13 -19.78 -2.95
C GLY C 469 -10.73 -20.08 -1.53
N SER C 470 -10.95 -19.12 -0.64
CA SER C 470 -10.60 -19.29 0.75
C SER C 470 -11.06 -20.65 1.22
N THR C 471 -12.21 -21.07 0.73
CA THR C 471 -12.76 -22.37 1.07
C THR C 471 -11.97 -23.52 0.42
N ILE C 472 -11.81 -23.48 -0.89
CA ILE C 472 -10.97 -24.47 -1.57
C ILE C 472 -9.58 -24.51 -0.95
N ALA C 473 -9.08 -23.34 -0.55
CA ALA C 473 -7.77 -23.21 0.08
C ALA C 473 -7.71 -23.95 1.41
N CYS C 474 -8.80 -23.86 2.18
CA CYS C 474 -8.89 -24.48 3.51
C CYS C 474 -9.00 -26.00 3.44
N MET C 475 -9.67 -26.49 2.41
CA MET C 475 -9.90 -27.92 2.23
C MET C 475 -8.65 -28.64 1.77
N ILE C 476 -7.88 -28.00 0.91
CA ILE C 476 -6.59 -28.58 0.51
C ILE C 476 -5.55 -28.48 1.62
N GLY C 477 -5.62 -27.40 2.39
CA GLY C 477 -4.73 -27.22 3.52
C GLY C 477 -4.81 -28.45 4.38
N GLY C 478 -6.05 -28.80 4.72
CA GLY C 478 -6.33 -29.94 5.59
C GLY C 478 -5.79 -31.28 5.15
N GLN C 479 -5.83 -31.54 3.84
CA GLN C 479 -5.27 -32.77 3.28
C GLN C 479 -3.86 -33.11 3.73
N PRO C 480 -3.65 -34.38 4.09
CA PRO C 480 -2.38 -35.00 4.47
C PRO C 480 -1.82 -35.74 3.27
N SER C 481 -0.65 -36.34 3.40
CA SER C 481 0.02 -36.97 2.28
C SER C 481 -0.87 -37.93 1.49
N GLU C 482 -1.55 -38.84 2.20
CA GLU C 482 -2.38 -39.83 1.53
C GLU C 482 -3.65 -39.20 1.01
N GLY C 483 -3.83 -37.91 1.30
CA GLY C 483 -4.97 -37.17 0.82
C GLY C 483 -5.19 -37.28 -0.68
N ASN C 484 -6.09 -36.46 -1.18
CA ASN C 484 -6.33 -36.43 -2.60
C ASN C 484 -6.78 -35.05 -3.01
N LEU C 485 -5.99 -34.41 -3.87
CA LEU C 485 -6.20 -33.04 -4.28
C LEU C 485 -7.55 -32.78 -4.97
N PHE C 486 -8.01 -33.73 -5.78
CA PHE C 486 -9.24 -33.52 -6.53
C PHE C 486 -10.43 -33.38 -5.59
N HIS C 487 -10.76 -34.49 -4.93
CA HIS C 487 -11.87 -34.51 -3.98
C HIS C 487 -11.82 -33.31 -3.04
N ALA C 488 -10.61 -32.92 -2.65
CA ALA C 488 -10.44 -31.78 -1.76
C ALA C 488 -10.91 -30.49 -2.38
N VAL C 489 -10.72 -30.32 -3.69
CA VAL C 489 -11.28 -29.13 -4.34
C VAL C 489 -12.79 -29.29 -4.41
N VAL C 490 -13.22 -30.48 -4.84
CA VAL C 490 -14.64 -30.72 -5.02
C VAL C 490 -15.39 -30.56 -3.70
N ALA C 491 -14.77 -31.00 -2.61
CA ALA C 491 -15.31 -30.74 -1.28
C ALA C 491 -15.67 -29.27 -1.09
N GLY C 492 -14.64 -28.41 -1.06
CA GLY C 492 -14.87 -27.00 -0.85
C GLY C 492 -15.89 -26.34 -1.76
N VAL C 493 -16.05 -26.88 -2.96
CA VAL C 493 -16.98 -26.30 -3.93
C VAL C 493 -18.42 -26.58 -3.56
N MET C 494 -18.64 -27.78 -3.01
CA MET C 494 -19.92 -28.13 -2.37
C MET C 494 -20.11 -27.23 -1.16
N LEU C 495 -19.42 -27.55 -0.07
CA LEU C 495 -19.50 -26.75 1.15
C LEU C 495 -19.86 -25.30 0.83
N TYR C 496 -19.27 -24.75 -0.21
CA TYR C 496 -19.57 -23.38 -0.59
C TYR C 496 -20.97 -23.23 -1.18
N LYS C 497 -21.20 -23.89 -2.31
CA LYS C 497 -22.50 -23.90 -2.97
C LYS C 497 -23.61 -24.36 -1.99
N ALA C 498 -23.25 -25.22 -1.04
CA ALA C 498 -24.15 -25.62 0.04
C ALA C 498 -24.58 -24.42 0.86
N ALA C 499 -23.62 -23.86 1.59
CA ALA C 499 -23.83 -22.66 2.38
C ALA C 499 -24.36 -21.50 1.53
N GLY C 500 -24.22 -21.63 0.23
CA GLY C 500 -24.79 -20.65 -0.66
C GLY C 500 -26.30 -20.70 -0.62
N LYS C 501 -26.84 -21.90 -0.84
CA LYS C 501 -28.28 -22.15 -0.87
C LYS C 501 -28.94 -21.66 0.40
N ILE C 502 -28.47 -22.16 1.52
CA ILE C 502 -28.94 -21.72 2.83
C ILE C 502 -28.99 -20.20 3.00
N ALA C 503 -27.85 -19.53 2.91
CA ALA C 503 -27.80 -18.09 3.13
C ALA C 503 -28.87 -17.35 2.31
N SER C 504 -29.07 -17.81 1.08
CA SER C 504 -30.02 -17.19 0.16
C SER C 504 -31.42 -17.26 0.73
N GLU C 505 -31.78 -18.44 1.25
CA GLU C 505 -33.13 -18.70 1.73
C GLU C 505 -33.41 -17.95 3.02
N LYS C 506 -32.35 -17.58 3.73
CA LYS C 506 -32.49 -17.03 5.06
C LYS C 506 -32.24 -15.53 5.14
N CYS C 507 -32.08 -14.88 4.00
CA CYS C 507 -31.77 -13.45 3.98
C CYS C 507 -32.97 -12.61 3.58
N ASN C 508 -32.72 -11.31 3.43
CA ASN C 508 -33.72 -10.38 2.90
C ASN C 508 -33.09 -9.36 2.00
N GLY C 509 -31.79 -9.53 1.73
CA GLY C 509 -31.04 -8.63 0.87
C GLY C 509 -29.61 -9.06 0.55
N SER C 510 -28.73 -8.09 0.31
CA SER C 510 -27.33 -8.35 0.05
C SER C 510 -26.58 -8.46 1.36
N GLY C 511 -26.57 -7.38 2.14
CA GLY C 511 -25.86 -7.32 3.40
C GLY C 511 -26.12 -8.51 4.30
N SER C 512 -27.39 -8.91 4.38
CA SER C 512 -27.84 -10.06 5.16
C SER C 512 -27.34 -11.37 4.55
N PHE C 513 -27.27 -11.42 3.22
CA PHE C 513 -26.82 -12.62 2.57
C PHE C 513 -25.44 -13.01 3.04
N GLN C 514 -24.53 -12.03 3.14
CA GLN C 514 -23.13 -12.31 3.44
C GLN C 514 -22.99 -12.90 4.83
N VAL C 515 -23.70 -12.31 5.79
CA VAL C 515 -23.59 -12.77 7.17
C VAL C 515 -24.25 -14.14 7.37
N GLU C 516 -25.23 -14.46 6.54
CA GLU C 516 -25.83 -15.80 6.55
C GLU C 516 -24.93 -16.83 5.89
N LEU C 517 -24.20 -16.40 4.87
CA LEU C 517 -23.22 -17.24 4.20
C LEU C 517 -22.12 -17.70 5.16
N ILE C 518 -21.40 -16.73 5.73
CA ILE C 518 -20.34 -17.05 6.67
C ILE C 518 -20.86 -17.99 7.74
N ASP C 519 -22.06 -17.69 8.22
CA ASP C 519 -22.68 -18.49 9.26
C ASP C 519 -23.00 -19.89 8.77
N ALA C 520 -23.56 -19.99 7.57
CA ALA C 520 -23.92 -21.26 6.98
C ALA C 520 -22.70 -22.16 6.96
N LEU C 521 -21.57 -21.56 6.62
CA LEU C 521 -20.29 -22.27 6.61
C LEU C 521 -19.92 -22.69 8.02
N TYR C 522 -19.92 -21.73 8.94
CA TYR C 522 -19.57 -22.02 10.31
C TYR C 522 -20.38 -23.19 10.87
N ARG C 523 -21.66 -23.26 10.52
CA ARG C 523 -22.54 -24.32 10.99
C ARG C 523 -22.29 -25.61 10.23
N LEU C 524 -22.46 -25.54 8.92
CA LEU C 524 -22.33 -26.67 8.03
C LEU C 524 -21.20 -27.63 8.41
N THR C 525 -20.04 -27.07 8.74
CA THR C 525 -18.82 -27.85 8.98
C THR C 525 -18.84 -28.53 10.33
N ARG C 526 -19.00 -27.73 11.39
CA ARG C 526 -19.08 -28.27 12.74
C ARG C 526 -20.09 -29.42 12.88
N GLU C 527 -21.11 -29.44 12.03
CA GLU C 527 -22.05 -30.55 12.03
C GLU C 527 -21.64 -31.61 11.00
N ASN C 528 -20.91 -31.20 9.97
CA ASN C 528 -20.24 -32.16 9.11
C ASN C 528 -21.11 -33.32 8.68
N THR C 529 -22.38 -33.05 8.40
CA THR C 529 -23.24 -34.12 7.90
C THR C 529 -23.58 -33.88 6.43
N PRO C 530 -22.68 -34.31 5.54
CA PRO C 530 -22.82 -34.05 4.11
C PRO C 530 -24.00 -34.80 3.48
N VAL C 531 -24.59 -35.72 4.22
CA VAL C 531 -25.82 -36.38 3.77
C VAL C 531 -26.88 -35.33 3.48
N THR C 532 -26.97 -34.33 4.37
CA THR C 532 -27.89 -33.19 4.26
C THR C 532 -27.76 -32.30 3.02
N TRP C 533 -26.54 -31.83 2.75
CA TRP C 533 -26.28 -30.75 1.79
C TRP C 533 -27.09 -30.69 0.49
N ALA C 534 -27.44 -29.45 0.13
CA ALA C 534 -28.30 -29.10 -1.00
C ALA C 534 -27.86 -29.49 -2.43
N PRO C 535 -26.54 -29.46 -2.71
CA PRO C 535 -25.99 -29.45 -4.08
C PRO C 535 -25.76 -30.82 -4.72
N LYS C 536 -26.14 -30.93 -5.99
CA LYS C 536 -26.16 -32.19 -6.72
C LYS C 536 -24.90 -32.36 -7.55
N LEU C 537 -24.14 -33.43 -7.30
CA LEU C 537 -22.87 -33.65 -7.99
C LEU C 537 -22.94 -34.55 -9.24
N THR C 538 -22.99 -33.91 -10.42
CA THR C 538 -23.11 -34.59 -11.72
C THR C 538 -21.75 -34.82 -12.44
N HIS C 539 -21.78 -35.45 -13.62
CA HIS C 539 -20.60 -35.58 -14.49
C HIS C 539 -20.71 -34.65 -15.70
N THR C 540 -19.56 -34.23 -16.23
CA THR C 540 -19.53 -33.36 -17.41
C THR C 540 -19.77 -34.18 -18.68
#